data_5ZXF
# 
_entry.id   5ZXF 
# 
_audit_conform.dict_name       mmcif_pdbx.dic 
_audit_conform.dict_version    5.387 
_audit_conform.dict_location   http://mmcif.pdb.org/dictionaries/ascii/mmcif_pdbx.dic 
# 
loop_
_database_2.database_id 
_database_2.database_code 
_database_2.pdbx_database_accession 
_database_2.pdbx_DOI 
PDB   5ZXF         pdb_00005zxf 10.2210/pdb5zxf/pdb 
WWPDB D_1300007821 ?            ?                   
# 
loop_
_pdbx_audit_revision_history.ordinal 
_pdbx_audit_revision_history.data_content_type 
_pdbx_audit_revision_history.major_revision 
_pdbx_audit_revision_history.minor_revision 
_pdbx_audit_revision_history.revision_date 
1 'Structure model' 1 0 2018-08-22 
2 'Structure model' 1 1 2024-03-27 
# 
_pdbx_audit_revision_details.ordinal             1 
_pdbx_audit_revision_details.revision_ordinal    1 
_pdbx_audit_revision_details.data_content_type   'Structure model' 
_pdbx_audit_revision_details.provider            repository 
_pdbx_audit_revision_details.type                'Initial release' 
_pdbx_audit_revision_details.description         ? 
_pdbx_audit_revision_details.details             ? 
# 
loop_
_pdbx_audit_revision_group.ordinal 
_pdbx_audit_revision_group.revision_ordinal 
_pdbx_audit_revision_group.data_content_type 
_pdbx_audit_revision_group.group 
1 2 'Structure model' 'Data collection'     
2 2 'Structure model' 'Database references' 
# 
loop_
_pdbx_audit_revision_category.ordinal 
_pdbx_audit_revision_category.revision_ordinal 
_pdbx_audit_revision_category.data_content_type 
_pdbx_audit_revision_category.category 
1 2 'Structure model' chem_comp_atom 
2 2 'Structure model' chem_comp_bond 
3 2 'Structure model' database_2     
# 
loop_
_pdbx_audit_revision_item.ordinal 
_pdbx_audit_revision_item.revision_ordinal 
_pdbx_audit_revision_item.data_content_type 
_pdbx_audit_revision_item.item 
1 2 'Structure model' '_database_2.pdbx_DOI'                
2 2 'Structure model' '_database_2.pdbx_database_accession' 
# 
_pdbx_database_status.status_code                     REL 
_pdbx_database_status.status_code_sf                  REL 
_pdbx_database_status.status_code_mr                  ? 
_pdbx_database_status.entry_id                        5ZXF 
_pdbx_database_status.recvd_initial_deposition_date   2018-05-19 
_pdbx_database_status.SG_entry                        N 
_pdbx_database_status.deposit_site                    PDBJ 
_pdbx_database_status.process_site                    PDBJ 
_pdbx_database_status.status_code_cs                  ? 
_pdbx_database_status.methods_development_category    ? 
_pdbx_database_status.pdb_format_compatible           Y 
_pdbx_database_status.status_code_nmr_data            ? 
# 
loop_
_audit_author.name 
_audit_author.pdbx_ordinal 
_audit_author.identifier_ORCID 
'Cheng, X.Y.' 1 ?                   
'Su, Z.D.'    2 0000-0003-3558-001X 
'Pi, N.'      3 ?                   
'Cao, C.Z.'   4 ?                   
'Zhao, Z.T.'  5 ?                   
'Zhou, J.J.'  6 ?                   
'Chen, R.'    7 ?                   
'Kuang, Z.K.' 8 ?                   
'Huang, Y.Q.' 9 ?                   
# 
_citation.abstract                  ? 
_citation.abstract_id_CAS           ? 
_citation.book_id_ISBN              ? 
_citation.book_publisher            ? 
_citation.book_publisher_city       ? 
_citation.book_title                ? 
_citation.coordinate_linkage        ? 
_citation.country                   ? 
_citation.database_id_Medline       ? 
_citation.details                   ? 
_citation.id                        primary 
_citation.journal_abbrev            'To Be Published' 
_citation.journal_id_ASTM           ? 
_citation.journal_id_CSD            0353 
_citation.journal_id_ISSN           ? 
_citation.journal_full              ? 
_citation.journal_issue             ? 
_citation.journal_volume            ? 
_citation.language                  ? 
_citation.page_first                ? 
_citation.page_last                 ? 
_citation.title                     'The 1.25A Crystal structure of His6-tagged Mdm2 in complex with nutlin-3a' 
_citation.year                      ? 
_citation.database_id_CSD           ? 
_citation.pdbx_database_id_DOI      ? 
_citation.pdbx_database_id_PubMed   ? 
_citation.unpublished_flag          ? 
# 
loop_
_citation_author.citation_id 
_citation_author.name 
_citation_author.ordinal 
_citation_author.identifier_ORCID 
primary 'Cheng, X.Y.' 1 ? 
primary 'Su, Z.D.'    2 ? 
# 
loop_
_entity.id 
_entity.type 
_entity.src_method 
_entity.pdbx_description 
_entity.formula_weight 
_entity.pdbx_number_of_molecules 
_entity.pdbx_ec 
_entity.pdbx_mutation 
_entity.pdbx_fragment 
_entity.details 
1 polymer     man 'E3 ubiquitin-protein ligase Mdm2' 10272.148 1  2.3.2.27 ? 'UNP residues 24-110' ? 
2 non-polymer syn 
'4-({(4S,5R)-4,5-bis(4-chlorophenyl)-2-[4-methoxy-2-(propan-2-yloxy)phenyl]-4,5-dihydro-1H-imidazol-1-yl}carbonyl)piperazin-2-one' 
581.490   1  ?        ? ?                     ? 
3 water       nat water 18.015    36 ?        ? ?                     ? 
# 
_entity_poly.entity_id                      1 
_entity_poly.type                           'polypeptide(L)' 
_entity_poly.nstd_linkage                   no 
_entity_poly.nstd_monomer                   no 
_entity_poly.pdbx_seq_one_letter_code       
;QETLVRPKPLLLKLLKSVGAQKDTYTMKEVLFYLGQYIMTKRLYDEKQQHIVYCSNDLLGDLFGVPSFSVKEHRKIYTMI
YRNLVVV
;
_entity_poly.pdbx_seq_one_letter_code_can   
;QETLVRPKPLLLKLLKSVGAQKDTYTMKEVLFYLGQYIMTKRLYDEKQQHIVYCSNDLLGDLFGVPSFSVKEHRKIYTMI
YRNLVVV
;
_entity_poly.pdbx_strand_id                 A 
_entity_poly.pdbx_target_identifier         ? 
# 
loop_
_pdbx_entity_nonpoly.entity_id 
_pdbx_entity_nonpoly.name 
_pdbx_entity_nonpoly.comp_id 
2 
'4-({(4S,5R)-4,5-bis(4-chlorophenyl)-2-[4-methoxy-2-(propan-2-yloxy)phenyl]-4,5-dihydro-1H-imidazol-1-yl}carbonyl)piperazin-2-one' 
NUT 
3 water HOH 
# 
loop_
_entity_poly_seq.entity_id 
_entity_poly_seq.num 
_entity_poly_seq.mon_id 
_entity_poly_seq.hetero 
1 1  GLN n 
1 2  GLU n 
1 3  THR n 
1 4  LEU n 
1 5  VAL n 
1 6  ARG n 
1 7  PRO n 
1 8  LYS n 
1 9  PRO n 
1 10 LEU n 
1 11 LEU n 
1 12 LEU n 
1 13 LYS n 
1 14 LEU n 
1 15 LEU n 
1 16 LYS n 
1 17 SER n 
1 18 VAL n 
1 19 GLY n 
1 20 ALA n 
1 21 GLN n 
1 22 LYS n 
1 23 ASP n 
1 24 THR n 
1 25 TYR n 
1 26 THR n 
1 27 MET n 
1 28 LYS n 
1 29 GLU n 
1 30 VAL n 
1 31 LEU n 
1 32 PHE n 
1 33 TYR n 
1 34 LEU n 
1 35 GLY n 
1 36 GLN n 
1 37 TYR n 
1 38 ILE n 
1 39 MET n 
1 40 THR n 
1 41 LYS n 
1 42 ARG n 
1 43 LEU n 
1 44 TYR n 
1 45 ASP n 
1 46 GLU n 
1 47 LYS n 
1 48 GLN n 
1 49 GLN n 
1 50 HIS n 
1 51 ILE n 
1 52 VAL n 
1 53 TYR n 
1 54 CYS n 
1 55 SER n 
1 56 ASN n 
1 57 ASP n 
1 58 LEU n 
1 59 LEU n 
1 60 GLY n 
1 61 ASP n 
1 62 LEU n 
1 63 PHE n 
1 64 GLY n 
1 65 VAL n 
1 66 PRO n 
1 67 SER n 
1 68 PHE n 
1 69 SER n 
1 70 VAL n 
1 71 LYS n 
1 72 GLU n 
1 73 HIS n 
1 74 ARG n 
1 75 LYS n 
1 76 ILE n 
1 77 TYR n 
1 78 THR n 
1 79 MET n 
1 80 ILE n 
1 81 TYR n 
1 82 ARG n 
1 83 ASN n 
1 84 LEU n 
1 85 VAL n 
1 86 VAL n 
1 87 VAL n 
# 
_entity_src_gen.entity_id                          1 
_entity_src_gen.pdbx_src_id                        1 
_entity_src_gen.pdbx_alt_source_flag               sample 
_entity_src_gen.pdbx_seq_type                      'Biological sequence' 
_entity_src_gen.pdbx_beg_seq_num                   1 
_entity_src_gen.pdbx_end_seq_num                   87 
_entity_src_gen.gene_src_common_name               Human 
_entity_src_gen.gene_src_genus                     ? 
_entity_src_gen.pdbx_gene_src_gene                 MDM2 
_entity_src_gen.gene_src_species                   ? 
_entity_src_gen.gene_src_strain                    ? 
_entity_src_gen.gene_src_tissue                    ? 
_entity_src_gen.gene_src_tissue_fraction           ? 
_entity_src_gen.gene_src_details                   ? 
_entity_src_gen.pdbx_gene_src_fragment             ? 
_entity_src_gen.pdbx_gene_src_scientific_name      'Homo sapiens' 
_entity_src_gen.pdbx_gene_src_ncbi_taxonomy_id     9606 
_entity_src_gen.pdbx_gene_src_variant              ? 
_entity_src_gen.pdbx_gene_src_cell_line            ? 
_entity_src_gen.pdbx_gene_src_atcc                 ? 
_entity_src_gen.pdbx_gene_src_organ                ? 
_entity_src_gen.pdbx_gene_src_organelle            ? 
_entity_src_gen.pdbx_gene_src_cell                 ? 
_entity_src_gen.pdbx_gene_src_cellular_location    ? 
_entity_src_gen.host_org_common_name               ? 
_entity_src_gen.pdbx_host_org_scientific_name      'Escherichia coli K-12' 
_entity_src_gen.pdbx_host_org_ncbi_taxonomy_id     83333 
_entity_src_gen.host_org_genus                     ? 
_entity_src_gen.pdbx_host_org_gene                 ? 
_entity_src_gen.pdbx_host_org_organ                ? 
_entity_src_gen.host_org_species                   ? 
_entity_src_gen.pdbx_host_org_tissue               ? 
_entity_src_gen.pdbx_host_org_tissue_fraction      ? 
_entity_src_gen.pdbx_host_org_strain               ? 
_entity_src_gen.pdbx_host_org_variant              ? 
_entity_src_gen.pdbx_host_org_cell_line            ? 
_entity_src_gen.pdbx_host_org_atcc                 ? 
_entity_src_gen.pdbx_host_org_culture_collection   ? 
_entity_src_gen.pdbx_host_org_cell                 ? 
_entity_src_gen.pdbx_host_org_organelle            ? 
_entity_src_gen.pdbx_host_org_cellular_location    ? 
_entity_src_gen.pdbx_host_org_vector_type          ? 
_entity_src_gen.pdbx_host_org_vector               ? 
_entity_src_gen.host_org_details                   ? 
_entity_src_gen.expression_system_id               ? 
_entity_src_gen.plasmid_name                       ? 
_entity_src_gen.plasmid_details                    ? 
_entity_src_gen.pdbx_description                   ? 
# 
loop_
_chem_comp.id 
_chem_comp.type 
_chem_comp.mon_nstd_flag 
_chem_comp.name 
_chem_comp.pdbx_synonyms 
_chem_comp.formula 
_chem_comp.formula_weight 
ALA 'L-peptide linking' y ALANINE ?           'C3 H7 N O2'        89.093  
ARG 'L-peptide linking' y ARGININE ?           'C6 H15 N4 O2 1'    175.209 
ASN 'L-peptide linking' y ASPARAGINE ?           'C4 H8 N2 O3'       132.118 
ASP 'L-peptide linking' y 'ASPARTIC ACID' ?           'C4 H7 N O4'        133.103 
CYS 'L-peptide linking' y CYSTEINE ?           'C3 H7 N O2 S'      121.158 
GLN 'L-peptide linking' y GLUTAMINE ?           'C5 H10 N2 O3'      146.144 
GLU 'L-peptide linking' y 'GLUTAMIC ACID' ?           'C5 H9 N O4'        147.129 
GLY 'peptide linking'   y GLYCINE ?           'C2 H5 N O2'        75.067  
HIS 'L-peptide linking' y HISTIDINE ?           'C6 H10 N3 O2 1'    156.162 
HOH non-polymer         . WATER ?           'H2 O'              18.015  
ILE 'L-peptide linking' y ISOLEUCINE ?           'C6 H13 N O2'       131.173 
LEU 'L-peptide linking' y LEUCINE ?           'C6 H13 N O2'       131.173 
LYS 'L-peptide linking' y LYSINE ?           'C6 H15 N2 O2 1'    147.195 
MET 'L-peptide linking' y METHIONINE ?           'C5 H11 N O2 S'     149.211 
NUT non-polymer         . 
'4-({(4S,5R)-4,5-bis(4-chlorophenyl)-2-[4-methoxy-2-(propan-2-yloxy)phenyl]-4,5-dihydro-1H-imidazol-1-yl}carbonyl)piperazin-2-one' 
'Nutlin 3a' 'C30 H30 Cl2 N4 O4' 581.490 
PHE 'L-peptide linking' y PHENYLALANINE ?           'C9 H11 N O2'       165.189 
PRO 'L-peptide linking' y PROLINE ?           'C5 H9 N O2'        115.130 
SER 'L-peptide linking' y SERINE ?           'C3 H7 N O3'        105.093 
THR 'L-peptide linking' y THREONINE ?           'C4 H9 N O3'        119.119 
TYR 'L-peptide linking' y TYROSINE ?           'C9 H11 N O3'       181.189 
VAL 'L-peptide linking' y VALINE ?           'C5 H11 N O2'       117.146 
# 
loop_
_pdbx_poly_seq_scheme.asym_id 
_pdbx_poly_seq_scheme.entity_id 
_pdbx_poly_seq_scheme.seq_id 
_pdbx_poly_seq_scheme.mon_id 
_pdbx_poly_seq_scheme.ndb_seq_num 
_pdbx_poly_seq_scheme.pdb_seq_num 
_pdbx_poly_seq_scheme.auth_seq_num 
_pdbx_poly_seq_scheme.pdb_mon_id 
_pdbx_poly_seq_scheme.auth_mon_id 
_pdbx_poly_seq_scheme.pdb_strand_id 
_pdbx_poly_seq_scheme.pdb_ins_code 
_pdbx_poly_seq_scheme.hetero 
A 1 1  GLN 1  3  3  GLN GLN A . n 
A 1 2  GLU 2  4  4  GLU GLU A . n 
A 1 3  THR 3  5  5  THR THR A . n 
A 1 4  LEU 4  6  6  LEU LEU A . n 
A 1 5  VAL 5  7  7  VAL VAL A . n 
A 1 6  ARG 6  8  8  ARG ARG A . n 
A 1 7  PRO 7  9  9  PRO PRO A . n 
A 1 8  LYS 8  10 10 LYS LYS A . n 
A 1 9  PRO 9  11 11 PRO PRO A . n 
A 1 10 LEU 10 12 12 LEU LEU A . n 
A 1 11 LEU 11 13 13 LEU LEU A . n 
A 1 12 LEU 12 14 14 LEU LEU A . n 
A 1 13 LYS 13 15 15 LYS LYS A . n 
A 1 14 LEU 14 16 16 LEU LEU A . n 
A 1 15 LEU 15 17 17 LEU LEU A . n 
A 1 16 LYS 16 18 18 LYS LYS A . n 
A 1 17 SER 17 19 19 SER SER A . n 
A 1 18 VAL 18 20 20 VAL VAL A . n 
A 1 19 GLY 19 21 21 GLY GLY A . n 
A 1 20 ALA 20 22 22 ALA ALA A . n 
A 1 21 GLN 21 23 23 GLN GLN A . n 
A 1 22 LYS 22 24 24 LYS LYS A . n 
A 1 23 ASP 23 25 25 ASP ASP A . n 
A 1 24 THR 24 26 26 THR THR A . n 
A 1 25 TYR 25 27 27 TYR TYR A . n 
A 1 26 THR 26 28 28 THR THR A . n 
A 1 27 MET 27 29 29 MET MET A . n 
A 1 28 LYS 28 30 30 LYS LYS A . n 
A 1 29 GLU 29 31 31 GLU GLU A . n 
A 1 30 VAL 30 32 32 VAL VAL A . n 
A 1 31 LEU 31 33 33 LEU LEU A . n 
A 1 32 PHE 32 34 34 PHE PHE A . n 
A 1 33 TYR 33 35 35 TYR TYR A . n 
A 1 34 LEU 34 36 36 LEU LEU A . n 
A 1 35 GLY 35 37 37 GLY GLY A . n 
A 1 36 GLN 36 38 38 GLN GLN A . n 
A 1 37 TYR 37 39 39 TYR TYR A . n 
A 1 38 ILE 38 40 40 ILE ILE A . n 
A 1 39 MET 39 41 41 MET MET A . n 
A 1 40 THR 40 42 42 THR THR A . n 
A 1 41 LYS 41 43 43 LYS LYS A . n 
A 1 42 ARG 42 44 44 ARG ARG A . n 
A 1 43 LEU 43 45 45 LEU LEU A . n 
A 1 44 TYR 44 46 46 TYR TYR A . n 
A 1 45 ASP 45 47 47 ASP ASP A . n 
A 1 46 GLU 46 48 48 GLU GLU A . n 
A 1 47 LYS 47 49 49 LYS LYS A . n 
A 1 48 GLN 48 50 50 GLN GLN A . n 
A 1 49 GLN 49 51 51 GLN GLN A . n 
A 1 50 HIS 50 52 52 HIS HIS A . n 
A 1 51 ILE 51 53 53 ILE ILE A . n 
A 1 52 VAL 52 54 54 VAL VAL A . n 
A 1 53 TYR 53 55 55 TYR TYR A . n 
A 1 54 CYS 54 56 56 CYS CYS A . n 
A 1 55 SER 55 57 57 SER SER A . n 
A 1 56 ASN 56 58 58 ASN ASN A . n 
A 1 57 ASP 57 59 59 ASP ASP A . n 
A 1 58 LEU 58 60 60 LEU LEU A . n 
A 1 59 LEU 59 61 61 LEU LEU A . n 
A 1 60 GLY 60 62 62 GLY GLY A . n 
A 1 61 ASP 61 63 63 ASP ASP A . n 
A 1 62 LEU 62 64 64 LEU LEU A . n 
A 1 63 PHE 63 65 65 PHE PHE A . n 
A 1 64 GLY 64 66 66 GLY GLY A . n 
A 1 65 VAL 65 67 67 VAL VAL A . n 
A 1 66 PRO 66 68 68 PRO PRO A . n 
A 1 67 SER 67 69 69 SER SER A . n 
A 1 68 PHE 68 70 70 PHE PHE A . n 
A 1 69 SER 69 71 71 SER SER A . n 
A 1 70 VAL 70 72 72 VAL VAL A . n 
A 1 71 LYS 71 73 73 LYS LYS A . n 
A 1 72 GLU 72 74 74 GLU GLU A . n 
A 1 73 HIS 73 75 75 HIS HIS A . n 
A 1 74 ARG 74 76 76 ARG ARG A . n 
A 1 75 LYS 75 77 77 LYS LYS A . n 
A 1 76 ILE 76 78 78 ILE ILE A . n 
A 1 77 TYR 77 79 79 TYR TYR A . n 
A 1 78 THR 78 80 80 THR THR A . n 
A 1 79 MET 79 81 81 MET MET A . n 
A 1 80 ILE 80 82 82 ILE ILE A . n 
A 1 81 TYR 81 83 83 TYR TYR A . n 
A 1 82 ARG 82 84 84 ARG ARG A . n 
A 1 83 ASN 83 85 85 ASN ASN A . n 
A 1 84 LEU 84 86 86 LEU LEU A . n 
A 1 85 VAL 85 87 87 VAL VAL A . n 
A 1 86 VAL 86 88 88 VAL VAL A . n 
A 1 87 VAL 87 89 89 VAL VAL A . n 
# 
loop_
_pdbx_nonpoly_scheme.asym_id 
_pdbx_nonpoly_scheme.entity_id 
_pdbx_nonpoly_scheme.mon_id 
_pdbx_nonpoly_scheme.ndb_seq_num 
_pdbx_nonpoly_scheme.pdb_seq_num 
_pdbx_nonpoly_scheme.auth_seq_num 
_pdbx_nonpoly_scheme.pdb_mon_id 
_pdbx_nonpoly_scheme.auth_mon_id 
_pdbx_nonpoly_scheme.pdb_strand_id 
_pdbx_nonpoly_scheme.pdb_ins_code 
B 2 NUT 1  101 101 NUT NUT A . 
C 3 HOH 1  201 34  HOH HOH A . 
C 3 HOH 2  202 6   HOH HOH A . 
C 3 HOH 3  203 5   HOH HOH A . 
C 3 HOH 4  204 29  HOH HOH A . 
C 3 HOH 5  205 10  HOH HOH A . 
C 3 HOH 6  206 17  HOH HOH A . 
C 3 HOH 7  207 25  HOH HOH A . 
C 3 HOH 8  208 8   HOH HOH A . 
C 3 HOH 9  209 1   HOH HOH A . 
C 3 HOH 10 210 12  HOH HOH A . 
C 3 HOH 11 211 33  HOH HOH A . 
C 3 HOH 12 212 36  HOH HOH A . 
C 3 HOH 13 213 2   HOH HOH A . 
C 3 HOH 14 214 11  HOH HOH A . 
C 3 HOH 15 215 19  HOH HOH A . 
C 3 HOH 16 216 31  HOH HOH A . 
C 3 HOH 17 217 20  HOH HOH A . 
C 3 HOH 18 218 13  HOH HOH A . 
C 3 HOH 19 219 24  HOH HOH A . 
C 3 HOH 20 220 26  HOH HOH A . 
C 3 HOH 21 221 27  HOH HOH A . 
C 3 HOH 22 222 30  HOH HOH A . 
C 3 HOH 23 223 4   HOH HOH A . 
C 3 HOH 24 224 15  HOH HOH A . 
C 3 HOH 25 225 35  HOH HOH A . 
C 3 HOH 26 226 9   HOH HOH A . 
C 3 HOH 27 227 28  HOH HOH A . 
C 3 HOH 28 228 7   HOH HOH A . 
C 3 HOH 29 229 18  HOH HOH A . 
C 3 HOH 30 230 3   HOH HOH A . 
C 3 HOH 31 231 32  HOH HOH A . 
C 3 HOH 32 232 23  HOH HOH A . 
C 3 HOH 33 233 22  HOH HOH A . 
C 3 HOH 34 234 14  HOH HOH A . 
C 3 HOH 35 235 16  HOH HOH A . 
C 3 HOH 36 236 21  HOH HOH A . 
# 
loop_
_software.citation_id 
_software.classification 
_software.compiler_name 
_software.compiler_version 
_software.contact_author 
_software.contact_author_email 
_software.date 
_software.description 
_software.dependencies 
_software.hardware 
_software.language 
_software.location 
_software.mods 
_software.name 
_software.os 
_software.os_version 
_software.type 
_software.version 
_software.pdbx_ordinal 
? 'data reduction'  ? ? 'Zbyszek Otwinowski' hkl@hkl-xray.com         ?              ? ? ? ?          http://www.hkl-xray.com/ ? 
HKL-2000    ? ? package .        1 
? 'data scaling'    ? ? 'Phil Evans'         ?                        15/01/18       ? ? ? ?          
http://www.mrc-lmb.cam.ac.uk/harry/pre/aimless.html ? Aimless     ? ? program 0.6.2    2 
? phasing           ? ? 'Alexei Vaguine'     alexei@ysbl.york.ac.uk   ?              ? ? ? Fortran_77 
http://www.ccp4.ac.uk/dist/html/molrep.html         ? MOLREP      ? ? program .        3 
? refinement        ? ? 'Garib N. Murshudov' garib@ysbl.york.ac.uk    ?              ? ? ? Fortran_77 
http://www.ccp4.ac.uk/dist/html/refmac5.html        ? REFMAC      ? ? program 5.8.0230 4 
? 'data extraction' ? ? PDB                  deposit@deposit.rcsb.org 'Sep. 1, 2017' ? ? ? C++        
http://sw-tools.pdb.org/apps/PDB_EXTRACT/           ? PDB_EXTRACT ? ? package 3.24     5 
# 
_cell.angle_alpha                  90.000 
_cell.angle_alpha_esd              ? 
_cell.angle_beta                   90.000 
_cell.angle_beta_esd               ? 
_cell.angle_gamma                  90.000 
_cell.angle_gamma_esd              ? 
_cell.entry_id                     5ZXF 
_cell.details                      ? 
_cell.formula_units_Z              ? 
_cell.length_a                     42.575 
_cell.length_a_esd                 ? 
_cell.length_b                     43.222 
_cell.length_b_esd                 ? 
_cell.length_c                     53.853 
_cell.length_c_esd                 ? 
_cell.volume                       ? 
_cell.volume_esd                   ? 
_cell.Z_PDB                        4 
_cell.reciprocal_angle_alpha       ? 
_cell.reciprocal_angle_beta        ? 
_cell.reciprocal_angle_gamma       ? 
_cell.reciprocal_angle_alpha_esd   ? 
_cell.reciprocal_angle_beta_esd    ? 
_cell.reciprocal_angle_gamma_esd   ? 
_cell.reciprocal_length_a          ? 
_cell.reciprocal_length_b          ? 
_cell.reciprocal_length_c          ? 
_cell.reciprocal_length_a_esd      ? 
_cell.reciprocal_length_b_esd      ? 
_cell.reciprocal_length_c_esd      ? 
_cell.pdbx_unique_axis             ? 
# 
_symmetry.entry_id                         5ZXF 
_symmetry.cell_setting                     ? 
_symmetry.Int_Tables_number                19 
_symmetry.space_group_name_Hall            ? 
_symmetry.space_group_name_H-M             'P 21 21 21' 
_symmetry.pdbx_full_space_group_name_H-M   ? 
# 
_exptl.absorpt_coefficient_mu     ? 
_exptl.absorpt_correction_T_max   ? 
_exptl.absorpt_correction_T_min   ? 
_exptl.absorpt_correction_type    ? 
_exptl.absorpt_process_details    ? 
_exptl.entry_id                   5ZXF 
_exptl.crystals_number            1 
_exptl.details                    ? 
_exptl.method                     'X-RAY DIFFRACTION' 
_exptl.method_details             ? 
# 
_exptl_crystal.colour                      ? 
_exptl_crystal.density_diffrn              ? 
_exptl_crystal.density_Matthews            2.41 
_exptl_crystal.density_method              ? 
_exptl_crystal.density_percent_sol         49.00 
_exptl_crystal.description                 ? 
_exptl_crystal.F_000                       ? 
_exptl_crystal.id                          1 
_exptl_crystal.preparation                 ? 
_exptl_crystal.size_max                    ? 
_exptl_crystal.size_mid                    ? 
_exptl_crystal.size_min                    ? 
_exptl_crystal.size_rad                    ? 
_exptl_crystal.colour_lustre               ? 
_exptl_crystal.colour_modifier             ? 
_exptl_crystal.colour_primary              ? 
_exptl_crystal.density_meas                ? 
_exptl_crystal.density_meas_esd            ? 
_exptl_crystal.density_meas_gt             ? 
_exptl_crystal.density_meas_lt             ? 
_exptl_crystal.density_meas_temp           ? 
_exptl_crystal.density_meas_temp_esd       ? 
_exptl_crystal.density_meas_temp_gt        ? 
_exptl_crystal.density_meas_temp_lt        ? 
_exptl_crystal.pdbx_crystal_image_url      ? 
_exptl_crystal.pdbx_crystal_image_format   ? 
_exptl_crystal.pdbx_mosaicity              ? 
_exptl_crystal.pdbx_mosaicity_esd          ? 
# 
_exptl_crystal_grow.apparatus       ? 
_exptl_crystal_grow.atmosphere      ? 
_exptl_crystal_grow.crystal_id      1 
_exptl_crystal_grow.details         ? 
_exptl_crystal_grow.method          'VAPOR DIFFUSION, HANGING DROP' 
_exptl_crystal_grow.method_ref      ? 
_exptl_crystal_grow.pH              ? 
_exptl_crystal_grow.pressure        ? 
_exptl_crystal_grow.pressure_esd    ? 
_exptl_crystal_grow.seeding         ? 
_exptl_crystal_grow.seeding_ref     ? 
_exptl_crystal_grow.temp            291 
_exptl_crystal_grow.temp_details    ? 
_exptl_crystal_grow.temp_esd        ? 
_exptl_crystal_grow.time            ? 
_exptl_crystal_grow.pdbx_details    '0.2M NaOAc, 1.2M AmSO4, Seeding.' 
_exptl_crystal_grow.pdbx_pH_range   ? 
# 
_diffrn.ambient_environment    ? 
_diffrn.ambient_temp           100 
_diffrn.ambient_temp_details   ? 
_diffrn.ambient_temp_esd       ? 
_diffrn.crystal_id             1 
_diffrn.crystal_support        ? 
_diffrn.crystal_treatment      ? 
_diffrn.details                ? 
_diffrn.id                     1 
_diffrn.ambient_pressure       ? 
_diffrn.ambient_pressure_esd   ? 
_diffrn.ambient_pressure_gt    ? 
_diffrn.ambient_pressure_lt    ? 
_diffrn.ambient_temp_gt        ? 
_diffrn.ambient_temp_lt        ? 
# 
_diffrn_detector.details                      ? 
_diffrn_detector.detector                     PIXEL 
_diffrn_detector.diffrn_id                    1 
_diffrn_detector.type                         'DECTRIS EIGER X 16M' 
_diffrn_detector.area_resol_mean              ? 
_diffrn_detector.dtime                        ? 
_diffrn_detector.pdbx_frames_total            ? 
_diffrn_detector.pdbx_collection_time_total   ? 
_diffrn_detector.pdbx_collection_date         2018-04-13 
# 
_diffrn_radiation.collimation                      ? 
_diffrn_radiation.diffrn_id                        1 
_diffrn_radiation.filter_edge                      ? 
_diffrn_radiation.inhomogeneity                    ? 
_diffrn_radiation.monochromator                    ? 
_diffrn_radiation.polarisn_norm                    ? 
_diffrn_radiation.polarisn_ratio                   ? 
_diffrn_radiation.probe                            ? 
_diffrn_radiation.type                             ? 
_diffrn_radiation.xray_symbol                      ? 
_diffrn_radiation.wavelength_id                    1 
_diffrn_radiation.pdbx_monochromatic_or_laue_m_l   M 
_diffrn_radiation.pdbx_wavelength_list             ? 
_diffrn_radiation.pdbx_wavelength                  ? 
_diffrn_radiation.pdbx_diffrn_protocol             'SINGLE WAVELENGTH' 
_diffrn_radiation.pdbx_analyzer                    ? 
_diffrn_radiation.pdbx_scattering_type             x-ray 
# 
_diffrn_radiation_wavelength.id           1 
_diffrn_radiation_wavelength.wavelength   0.979 
_diffrn_radiation_wavelength.wt           1.0 
# 
_diffrn_source.current                     ? 
_diffrn_source.details                     ? 
_diffrn_source.diffrn_id                   1 
_diffrn_source.power                       ? 
_diffrn_source.size                        ? 
_diffrn_source.source                      SYNCHROTRON 
_diffrn_source.target                      ? 
_diffrn_source.type                        'SSRF BEAMLINE BL17U1' 
_diffrn_source.voltage                     ? 
_diffrn_source.take-off_angle              ? 
_diffrn_source.pdbx_wavelength_list        0.979 
_diffrn_source.pdbx_wavelength             ? 
_diffrn_source.pdbx_synchrotron_beamline   BL17U1 
_diffrn_source.pdbx_synchrotron_site       SSRF 
# 
_reflns.B_iso_Wilson_estimate            ? 
_reflns.entry_id                         5ZXF 
_reflns.data_reduction_details           ? 
_reflns.data_reduction_method            ? 
_reflns.d_resolution_high                1.250 
_reflns.d_resolution_low                 33.4200 
_reflns.details                          ? 
_reflns.limit_h_max                      ? 
_reflns.limit_h_min                      ? 
_reflns.limit_k_max                      ? 
_reflns.limit_k_min                      ? 
_reflns.limit_l_max                      ? 
_reflns.limit_l_min                      ? 
_reflns.number_all                       ? 
_reflns.number_obs                       27731 
_reflns.observed_criterion               ? 
_reflns.observed_criterion_F_max         ? 
_reflns.observed_criterion_F_min         ? 
_reflns.observed_criterion_I_max         ? 
_reflns.observed_criterion_I_min         ? 
_reflns.observed_criterion_sigma_F       ? 
_reflns.observed_criterion_sigma_I       ? 
_reflns.percent_possible_obs             98.800 
_reflns.R_free_details                   ? 
_reflns.Rmerge_F_all                     ? 
_reflns.Rmerge_F_obs                     ? 
_reflns.Friedel_coverage                 ? 
_reflns.number_gt                        ? 
_reflns.threshold_expression             ? 
_reflns.pdbx_redundancy                  11.700 
_reflns.pdbx_Rmerge_I_obs                0.073 
_reflns.pdbx_Rmerge_I_all                ? 
_reflns.pdbx_Rsym_value                  ? 
_reflns.pdbx_netI_over_av_sigmaI         ? 
_reflns.pdbx_netI_over_sigmaI            20.200 
_reflns.pdbx_res_netI_over_av_sigmaI_2   ? 
_reflns.pdbx_res_netI_over_sigmaI_2      ? 
_reflns.pdbx_chi_squared                 ? 
_reflns.pdbx_scaling_rejects             ? 
_reflns.pdbx_d_res_high_opt              ? 
_reflns.pdbx_d_res_low_opt               ? 
_reflns.pdbx_d_res_opt_method            ? 
_reflns.phase_calculation_details        ? 
_reflns.pdbx_Rrim_I_all                  0.077 
_reflns.pdbx_Rpim_I_all                  0.023 
_reflns.pdbx_d_opt                       ? 
_reflns.pdbx_number_measured_all         ? 
_reflns.pdbx_diffrn_id                   1 
_reflns.pdbx_ordinal                     1 
_reflns.pdbx_CC_half                     0.996 
_reflns.pdbx_R_split                     ? 
# 
_reflns_shell.d_res_high                  1.250 
_reflns_shell.d_res_low                   1.320 
_reflns_shell.meanI_over_sigI_all         ? 
_reflns_shell.meanI_over_sigI_obs         ? 
_reflns_shell.number_measured_all         ? 
_reflns_shell.number_measured_obs         ? 
_reflns_shell.number_possible             ? 
_reflns_shell.number_unique_all           ? 
_reflns_shell.number_unique_obs           3735 
_reflns_shell.percent_possible_all        93.000 
_reflns_shell.percent_possible_obs        ? 
_reflns_shell.Rmerge_F_all                ? 
_reflns_shell.Rmerge_F_obs                ? 
_reflns_shell.Rmerge_I_all                ? 
_reflns_shell.Rmerge_I_obs                0.648 
_reflns_shell.meanI_over_sigI_gt          ? 
_reflns_shell.meanI_over_uI_all           ? 
_reflns_shell.meanI_over_uI_gt            ? 
_reflns_shell.number_measured_gt          ? 
_reflns_shell.number_unique_gt            ? 
_reflns_shell.percent_possible_gt         ? 
_reflns_shell.Rmerge_F_gt                 ? 
_reflns_shell.Rmerge_I_gt                 ? 
_reflns_shell.pdbx_redundancy             6.800 
_reflns_shell.pdbx_Rsym_value             ? 
_reflns_shell.pdbx_chi_squared            ? 
_reflns_shell.pdbx_netI_over_sigmaI_all   ? 
_reflns_shell.pdbx_netI_over_sigmaI_obs   ? 
_reflns_shell.pdbx_Rrim_I_all             0.702 
_reflns_shell.pdbx_Rpim_I_all             0.261 
_reflns_shell.pdbx_rejects                ? 
_reflns_shell.pdbx_ordinal                1 
_reflns_shell.pdbx_diffrn_id              1 
_reflns_shell.pdbx_CC_half                0.848 
_reflns_shell.pdbx_R_split                ? 
# 
_refine.aniso_B[1][1]                            -0.6000 
_refine.aniso_B[1][2]                            -0.0000 
_refine.aniso_B[1][3]                            -0.0000 
_refine.aniso_B[2][2]                            -0.0100 
_refine.aniso_B[2][3]                            0.0000 
_refine.aniso_B[3][3]                            0.6200 
_refine.B_iso_max                                56.250 
_refine.B_iso_mean                               20.8870 
_refine.B_iso_min                                11.950 
_refine.correlation_coeff_Fo_to_Fc               0.9540 
_refine.correlation_coeff_Fo_to_Fc_free          0.9440 
_refine.details                                  
'HYDROGENS HAVE BEEN ADDED IN THE RIDING POSITIONS U VALUES      : REFINED INDIVIDUALLY' 
_refine.diff_density_max                         ? 
_refine.diff_density_max_esd                     ? 
_refine.diff_density_min                         ? 
_refine.diff_density_min_esd                     ? 
_refine.diff_density_rms                         ? 
_refine.diff_density_rms_esd                     ? 
_refine.entry_id                                 5ZXF 
_refine.pdbx_refine_id                           'X-RAY DIFFRACTION' 
_refine.ls_abs_structure_details                 ? 
_refine.ls_abs_structure_Flack                   ? 
_refine.ls_abs_structure_Flack_esd               ? 
_refine.ls_abs_structure_Rogers                  ? 
_refine.ls_abs_structure_Rogers_esd              ? 
_refine.ls_d_res_high                            1.2500 
_refine.ls_d_res_low                             33.4200 
_refine.ls_extinction_coef                       ? 
_refine.ls_extinction_coef_esd                   ? 
_refine.ls_extinction_expression                 ? 
_refine.ls_extinction_method                     ? 
_refine.ls_goodness_of_fit_all                   ? 
_refine.ls_goodness_of_fit_all_esd               ? 
_refine.ls_goodness_of_fit_obs                   ? 
_refine.ls_goodness_of_fit_obs_esd               ? 
_refine.ls_hydrogen_treatment                    ? 
_refine.ls_matrix_type                           ? 
_refine.ls_number_constraints                    ? 
_refine.ls_number_parameters                     ? 
_refine.ls_number_reflns_all                     ? 
_refine.ls_number_reflns_obs                     26267 
_refine.ls_number_reflns_R_free                  1403 
_refine.ls_number_reflns_R_work                  ? 
_refine.ls_number_restraints                     ? 
_refine.ls_percent_reflns_obs                    98.5800 
_refine.ls_percent_reflns_R_free                 5.1000 
_refine.ls_R_factor_all                          ? 
_refine.ls_R_factor_obs                          0.2191 
_refine.ls_R_factor_R_free                       0.2431 
_refine.ls_R_factor_R_free_error                 ? 
_refine.ls_R_factor_R_free_error_details         ? 
_refine.ls_R_factor_R_work                       0.2178 
_refine.ls_R_Fsqd_factor_obs                     ? 
_refine.ls_R_I_factor_obs                        ? 
_refine.ls_redundancy_reflns_all                 ? 
_refine.ls_redundancy_reflns_obs                 ? 
_refine.ls_restrained_S_all                      ? 
_refine.ls_restrained_S_obs                      ? 
_refine.ls_shift_over_esd_max                    ? 
_refine.ls_shift_over_esd_mean                   ? 
_refine.ls_structure_factor_coef                 ? 
_refine.ls_weighting_details                     ? 
_refine.ls_weighting_scheme                      ? 
_refine.ls_wR_factor_all                         ? 
_refine.ls_wR_factor_obs                         ? 
_refine.ls_wR_factor_R_free                      ? 
_refine.ls_wR_factor_R_work                      ? 
_refine.occupancy_max                            ? 
_refine.occupancy_min                            ? 
_refine.solvent_model_details                    ? 
_refine.solvent_model_param_bsol                 ? 
_refine.solvent_model_param_ksol                 ? 
_refine.ls_R_factor_gt                           ? 
_refine.ls_goodness_of_fit_gt                    ? 
_refine.ls_goodness_of_fit_ref                   ? 
_refine.ls_shift_over_su_max                     ? 
_refine.ls_shift_over_su_max_lt                  ? 
_refine.ls_shift_over_su_mean                    ? 
_refine.ls_shift_over_su_mean_lt                 ? 
_refine.pdbx_ls_sigma_I                          ? 
_refine.pdbx_ls_sigma_F                          0.000 
_refine.pdbx_ls_sigma_Fsqd                       ? 
_refine.pdbx_data_cutoff_high_absF               ? 
_refine.pdbx_data_cutoff_high_rms_absF           ? 
_refine.pdbx_data_cutoff_low_absF                ? 
_refine.pdbx_isotropic_thermal_model             ? 
_refine.pdbx_ls_cross_valid_method               THROUGHOUT 
_refine.pdbx_method_to_determine_struct          'MOLECULAR REPLACEMENT' 
_refine.pdbx_starting_model                      ? 
_refine.pdbx_stereochemistry_target_values       ? 
_refine.pdbx_R_Free_selection_details            RANDOM 
_refine.pdbx_stereochem_target_val_spec_case     ? 
_refine.pdbx_overall_ESU_R                       0.0520 
_refine.pdbx_overall_ESU_R_Free                  0.0540 
_refine.pdbx_solvent_vdw_probe_radii             1.2000 
_refine.pdbx_solvent_ion_probe_radii             0.8000 
_refine.pdbx_solvent_shrinkage_radii             0.8000 
_refine.pdbx_real_space_R                        ? 
_refine.pdbx_density_correlation                 ? 
_refine.pdbx_pd_number_of_powder_patterns        ? 
_refine.pdbx_pd_number_of_points                 ? 
_refine.pdbx_pd_meas_number_of_points            ? 
_refine.pdbx_pd_proc_ls_prof_R_factor            ? 
_refine.pdbx_pd_proc_ls_prof_wR_factor           ? 
_refine.pdbx_pd_Marquardt_correlation_coeff      ? 
_refine.pdbx_pd_Fsqrd_R_factor                   ? 
_refine.pdbx_pd_ls_matrix_band_width             ? 
_refine.pdbx_overall_phase_error                 ? 
_refine.pdbx_overall_SU_R_free_Cruickshank_DPI   ? 
_refine.pdbx_overall_SU_R_free_Blow_DPI          ? 
_refine.pdbx_overall_SU_R_Blow_DPI               ? 
_refine.pdbx_TLS_residual_ADP_flag               ? 
_refine.pdbx_diffrn_id                           1 
_refine.overall_SU_B                             ? 
_refine.overall_SU_ML                            ? 
_refine.overall_SU_R_Cruickshank_DPI             ? 
_refine.overall_SU_R_free                        ? 
_refine.overall_FOM_free_R_set                   ? 
_refine.overall_FOM_work_R_set                   ? 
_refine.pdbx_average_fsc_overall                 ? 
_refine.pdbx_average_fsc_work                    ? 
_refine.pdbx_average_fsc_free                    ? 
# 
_refine_hist.cycle_id                         final 
_refine_hist.pdbx_refine_id                   'X-RAY DIFFRACTION' 
_refine_hist.d_res_high                       1.2500 
_refine_hist.d_res_low                        33.4200 
_refine_hist.pdbx_number_atoms_ligand         40 
_refine_hist.number_atoms_solvent             36 
_refine_hist.number_atoms_total               797 
_refine_hist.pdbx_number_residues_total       87 
_refine_hist.pdbx_B_iso_mean_ligand           20.91 
_refine_hist.pdbx_B_iso_mean_solvent          30.00 
_refine_hist.pdbx_number_atoms_protein        721 
_refine_hist.pdbx_number_atoms_nucleic_acid   0 
# 
loop_
_refine_ls_restr.pdbx_refine_id 
_refine_ls_restr.criterion 
_refine_ls_restr.dev_ideal 
_refine_ls_restr.dev_ideal_target 
_refine_ls_restr.number 
_refine_ls_restr.rejects 
_refine_ls_restr.type 
_refine_ls_restr.weight 
_refine_ls_restr.pdbx_restraint_function 
'X-RAY DIFFRACTION' ? 0.016  0.014  779  ? r_bond_refined_d       ? ? 
'X-RAY DIFFRACTION' ? 0.001  0.017  741  ? r_bond_other_d         ? ? 
'X-RAY DIFFRACTION' ? 1.806  1.641  1053 ? r_angle_refined_deg    ? ? 
'X-RAY DIFFRACTION' ? 1.513  1.602  1727 ? r_angle_other_deg      ? ? 
'X-RAY DIFFRACTION' ? 5.488  5.000  86   ? r_dihedral_angle_1_deg ? ? 
'X-RAY DIFFRACTION' ? 40.630 20.500 40   ? r_dihedral_angle_2_deg ? ? 
'X-RAY DIFFRACTION' ? 13.284 15.000 146  ? r_dihedral_angle_3_deg ? ? 
'X-RAY DIFFRACTION' ? 24.344 15.000 4    ? r_dihedral_angle_4_deg ? ? 
'X-RAY DIFFRACTION' ? 0.121  0.200  94   ? r_chiral_restr         ? ? 
'X-RAY DIFFRACTION' ? 0.011  0.020  830  ? r_gen_planes_refined   ? ? 
'X-RAY DIFFRACTION' ? 0.011  0.020  146  ? r_gen_planes_other     ? ? 
'X-RAY DIFFRACTION' ? 1.727  1.844  348  ? r_mcbond_it            ? ? 
'X-RAY DIFFRACTION' ? 1.671  1.838  346  ? r_mcbond_other         ? ? 
'X-RAY DIFFRACTION' ? 2.443  2.761  432  ? r_mcangle_it           ? ? 
# 
_refine_ls_shell.pdbx_refine_id                   'X-RAY DIFFRACTION' 
_refine_ls_shell.d_res_high                       1.2510 
_refine_ls_shell.d_res_low                        1.2840 
_refine_ls_shell.number_reflns_all                1800 
_refine_ls_shell.number_reflns_obs                ? 
_refine_ls_shell.number_reflns_R_free             83 
_refine_ls_shell.number_reflns_R_work             1717 
_refine_ls_shell.percent_reflns_obs               88.5000 
_refine_ls_shell.percent_reflns_R_free            ? 
_refine_ls_shell.R_factor_all                     ? 
_refine_ls_shell.R_factor_obs                     ? 
_refine_ls_shell.R_factor_R_free                  0.3380 
_refine_ls_shell.R_factor_R_free_error            ? 
_refine_ls_shell.R_factor_R_work                  0.2880 
_refine_ls_shell.redundancy_reflns_all            ? 
_refine_ls_shell.redundancy_reflns_obs            ? 
_refine_ls_shell.wR_factor_all                    ? 
_refine_ls_shell.wR_factor_obs                    ? 
_refine_ls_shell.wR_factor_R_free                 ? 
_refine_ls_shell.wR_factor_R_work                 ? 
_refine_ls_shell.pdbx_total_number_of_bins_used   20 
_refine_ls_shell.pdbx_phase_error                 ? 
_refine_ls_shell.pdbx_fsc_work                    ? 
_refine_ls_shell.pdbx_fsc_free                    ? 
# 
_struct.entry_id                     5ZXF 
_struct.title                        'The 1.25A Crystal structure of His6-tagged Mdm2 in complex with nutlin-3a' 
_struct.pdbx_model_details           ? 
_struct.pdbx_formula_weight          ? 
_struct.pdbx_formula_weight_method   ? 
_struct.pdbx_model_type_details      ? 
_struct.pdbx_CASP_flag               N 
# 
_struct_keywords.entry_id        5ZXF 
_struct_keywords.text            'p53., CELL CYCLE' 
_struct_keywords.pdbx_keywords   'CELL CYCLE' 
# 
loop_
_struct_asym.id 
_struct_asym.pdbx_blank_PDB_chainid_flag 
_struct_asym.pdbx_modified 
_struct_asym.entity_id 
_struct_asym.details 
A N N 1 ? 
B N N 2 ? 
C N N 3 ? 
# 
_struct_ref.id                         1 
_struct_ref.db_name                    UNP 
_struct_ref.db_code                    MDM2_HUMAN 
_struct_ref.pdbx_db_accession          Q00987 
_struct_ref.pdbx_db_isoform            ? 
_struct_ref.entity_id                  1 
_struct_ref.pdbx_seq_one_letter_code   
;QETLVRPKPLLLKLLKSVGAQKDTYTMKEVLFYLGQYIMTKRLYDEKQQHIVYCSNDLLGDLFGVPSFSVKEHRKIYTMI
YRNLVVV
;
_struct_ref.pdbx_align_begin           24 
# 
_struct_ref_seq.align_id                      1 
_struct_ref_seq.ref_id                        1 
_struct_ref_seq.pdbx_PDB_id_code              5ZXF 
_struct_ref_seq.pdbx_strand_id                A 
_struct_ref_seq.seq_align_beg                 1 
_struct_ref_seq.pdbx_seq_align_beg_ins_code   ? 
_struct_ref_seq.seq_align_end                 87 
_struct_ref_seq.pdbx_seq_align_end_ins_code   ? 
_struct_ref_seq.pdbx_db_accession             Q00987 
_struct_ref_seq.db_align_beg                  24 
_struct_ref_seq.pdbx_db_align_beg_ins_code    ? 
_struct_ref_seq.db_align_end                  110 
_struct_ref_seq.pdbx_db_align_end_ins_code    ? 
_struct_ref_seq.pdbx_auth_seq_align_beg       3 
_struct_ref_seq.pdbx_auth_seq_align_end       89 
# 
_pdbx_struct_assembly.id                   1 
_pdbx_struct_assembly.details              author_defined_assembly 
_pdbx_struct_assembly.method_details       ? 
_pdbx_struct_assembly.oligomeric_details   monomeric 
_pdbx_struct_assembly.oligomeric_count     1 
# 
loop_
_pdbx_struct_assembly_prop.biol_id 
_pdbx_struct_assembly_prop.type 
_pdbx_struct_assembly_prop.value 
_pdbx_struct_assembly_prop.details 
1 'ABSA (A^2)' 0    ? 
1 MORE         0    ? 
1 'SSA (A^2)'  5600 ? 
# 
_pdbx_struct_assembly_gen.assembly_id       1 
_pdbx_struct_assembly_gen.oper_expression   1 
_pdbx_struct_assembly_gen.asym_id_list      A,B,C 
# 
_pdbx_struct_oper_list.id                   1 
_pdbx_struct_oper_list.type                 'identity operation' 
_pdbx_struct_oper_list.name                 1_555 
_pdbx_struct_oper_list.symmetry_operation   x,y,z 
_pdbx_struct_oper_list.matrix[1][1]         1.0000000000 
_pdbx_struct_oper_list.matrix[1][2]         0.0000000000 
_pdbx_struct_oper_list.matrix[1][3]         0.0000000000 
_pdbx_struct_oper_list.vector[1]            0.0000000000 
_pdbx_struct_oper_list.matrix[2][1]         0.0000000000 
_pdbx_struct_oper_list.matrix[2][2]         1.0000000000 
_pdbx_struct_oper_list.matrix[2][3]         0.0000000000 
_pdbx_struct_oper_list.vector[2]            0.0000000000 
_pdbx_struct_oper_list.matrix[3][1]         0.0000000000 
_pdbx_struct_oper_list.matrix[3][2]         0.0000000000 
_pdbx_struct_oper_list.matrix[3][3]         1.0000000000 
_pdbx_struct_oper_list.vector[3]            0.0000000000 
# 
loop_
_struct_conf.conf_type_id 
_struct_conf.id 
_struct_conf.pdbx_PDB_helix_id 
_struct_conf.beg_label_comp_id 
_struct_conf.beg_label_asym_id 
_struct_conf.beg_label_seq_id 
_struct_conf.pdbx_beg_PDB_ins_code 
_struct_conf.end_label_comp_id 
_struct_conf.end_label_asym_id 
_struct_conf.end_label_seq_id 
_struct_conf.pdbx_end_PDB_ins_code 
_struct_conf.beg_auth_comp_id 
_struct_conf.beg_auth_asym_id 
_struct_conf.beg_auth_seq_id 
_struct_conf.end_auth_comp_id 
_struct_conf.end_auth_asym_id 
_struct_conf.end_auth_seq_id 
_struct_conf.pdbx_PDB_helix_class 
_struct_conf.details 
_struct_conf.pdbx_PDB_helix_length 
HELX_P HELX_P1 AA1 LYS A 8  ? VAL A 18 ? LYS A 10 VAL A 20 1 ? 11 
HELX_P HELX_P2 AA2 MET A 27 ? LYS A 41 ? MET A 29 LYS A 43 1 ? 15 
HELX_P HELX_P3 AA3 ASP A 57 ? GLY A 64 ? ASP A 59 GLY A 66 1 ? 8  
HELX_P HELX_P4 AA4 GLU A 72 ? ARG A 82 ? GLU A 74 ARG A 84 1 ? 11 
# 
_struct_conf_type.id          HELX_P 
_struct_conf_type.criteria    ? 
_struct_conf_type.reference   ? 
# 
loop_
_struct_sheet.id 
_struct_sheet.type 
_struct_sheet.number_strands 
_struct_sheet.details 
AA1 ? 3 ? 
AA2 ? 2 ? 
# 
loop_
_struct_sheet_order.sheet_id 
_struct_sheet_order.range_id_1 
_struct_sheet_order.range_id_2 
_struct_sheet_order.offset 
_struct_sheet_order.sense 
AA1 1 2 ? anti-parallel 
AA1 2 3 ? anti-parallel 
AA2 1 2 ? anti-parallel 
# 
loop_
_struct_sheet_range.sheet_id 
_struct_sheet_range.id 
_struct_sheet_range.beg_label_comp_id 
_struct_sheet_range.beg_label_asym_id 
_struct_sheet_range.beg_label_seq_id 
_struct_sheet_range.pdbx_beg_PDB_ins_code 
_struct_sheet_range.end_label_comp_id 
_struct_sheet_range.end_label_asym_id 
_struct_sheet_range.end_label_seq_id 
_struct_sheet_range.pdbx_end_PDB_ins_code 
_struct_sheet_range.beg_auth_comp_id 
_struct_sheet_range.beg_auth_asym_id 
_struct_sheet_range.beg_auth_seq_id 
_struct_sheet_range.end_auth_comp_id 
_struct_sheet_range.end_auth_asym_id 
_struct_sheet_range.end_auth_seq_id 
AA1 1 TYR A 25 ? THR A 26 ? TYR A 27 THR A 28 
AA1 2 LEU A 4  ? PRO A 7  ? LEU A 6  PRO A 9  
AA1 3 LEU A 84 ? VAL A 86 ? LEU A 86 VAL A 88 
AA2 1 ILE A 51 ? TYR A 53 ? ILE A 53 TYR A 55 
AA2 2 SER A 67 ? SER A 69 ? SER A 69 SER A 71 
# 
loop_
_pdbx_struct_sheet_hbond.sheet_id 
_pdbx_struct_sheet_hbond.range_id_1 
_pdbx_struct_sheet_hbond.range_id_2 
_pdbx_struct_sheet_hbond.range_1_label_atom_id 
_pdbx_struct_sheet_hbond.range_1_label_comp_id 
_pdbx_struct_sheet_hbond.range_1_label_asym_id 
_pdbx_struct_sheet_hbond.range_1_label_seq_id 
_pdbx_struct_sheet_hbond.range_1_PDB_ins_code 
_pdbx_struct_sheet_hbond.range_1_auth_atom_id 
_pdbx_struct_sheet_hbond.range_1_auth_comp_id 
_pdbx_struct_sheet_hbond.range_1_auth_asym_id 
_pdbx_struct_sheet_hbond.range_1_auth_seq_id 
_pdbx_struct_sheet_hbond.range_2_label_atom_id 
_pdbx_struct_sheet_hbond.range_2_label_comp_id 
_pdbx_struct_sheet_hbond.range_2_label_asym_id 
_pdbx_struct_sheet_hbond.range_2_label_seq_id 
_pdbx_struct_sheet_hbond.range_2_PDB_ins_code 
_pdbx_struct_sheet_hbond.range_2_auth_atom_id 
_pdbx_struct_sheet_hbond.range_2_auth_comp_id 
_pdbx_struct_sheet_hbond.range_2_auth_asym_id 
_pdbx_struct_sheet_hbond.range_2_auth_seq_id 
AA1 1 2 O TYR A 25 ? O TYR A 27 N VAL A 5  ? N VAL A 7  
AA1 2 3 N ARG A 6  ? N ARG A 8  O VAL A 85 ? O VAL A 87 
AA2 1 2 N VAL A 52 ? N VAL A 54 O PHE A 68 ? O PHE A 70 
# 
_struct_site.id                   AC1 
_struct_site.pdbx_evidence_code   Software 
_struct_site.pdbx_auth_asym_id    A 
_struct_site.pdbx_auth_comp_id    NUT 
_struct_site.pdbx_auth_seq_id     101 
_struct_site.pdbx_auth_ins_code   ? 
_struct_site.pdbx_num_residues    12 
_struct_site.details              'binding site for residue NUT A 101' 
# 
loop_
_struct_site_gen.id 
_struct_site_gen.site_id 
_struct_site_gen.pdbx_num_res 
_struct_site_gen.label_comp_id 
_struct_site_gen.label_asym_id 
_struct_site_gen.label_seq_id 
_struct_site_gen.pdbx_auth_ins_code 
_struct_site_gen.auth_comp_id 
_struct_site_gen.auth_asym_id 
_struct_site_gen.auth_seq_id 
_struct_site_gen.label_atom_id 
_struct_site_gen.label_alt_id 
_struct_site_gen.symmetry 
_struct_site_gen.details 
1  AC1 12 ARG A 6  ? ARG A 8   . ? 3_544 ? 
2  AC1 12 LEU A 31 ? LEU A 33  . ? 1_555 ? 
3  AC1 12 GLY A 35 ? GLY A 37  . ? 1_555 ? 
4  AC1 12 MET A 39 ? MET A 41  . ? 1_555 ? 
5  AC1 12 GLN A 49 ? GLN A 51  . ? 1_555 ? 
6  AC1 12 HIS A 50 ? HIS A 52  . ? 1_555 ? 
7  AC1 12 PHE A 63 ? PHE A 65  . ? 1_555 ? 
8  AC1 12 VAL A 70 ? VAL A 72  . ? 1_555 ? 
9  AC1 12 HIS A 73 ? HIS A 75  . ? 1_555 ? 
10 AC1 12 TYR A 77 ? TYR A 79  . ? 1_555 ? 
11 AC1 12 HOH C .  ? HOH A 213 . ? 1_555 ? 
12 AC1 12 HOH C .  ? HOH A 214 . ? 1_555 ? 
# 
_pdbx_validate_planes.id              1 
_pdbx_validate_planes.PDB_model_num   1 
_pdbx_validate_planes.auth_comp_id    ARG 
_pdbx_validate_planes.auth_asym_id    A 
_pdbx_validate_planes.auth_seq_id     44 
_pdbx_validate_planes.PDB_ins_code    ? 
_pdbx_validate_planes.label_alt_id    ? 
_pdbx_validate_planes.rmsd            0.247 
_pdbx_validate_planes.type            'SIDE CHAIN' 
# 
_phasing.method   MR 
# 
loop_
_chem_comp_atom.comp_id 
_chem_comp_atom.atom_id 
_chem_comp_atom.type_symbol 
_chem_comp_atom.pdbx_aromatic_flag 
_chem_comp_atom.pdbx_stereo_config 
_chem_comp_atom.pdbx_ordinal 
ALA N    N  N N 1   
ALA CA   C  N S 2   
ALA C    C  N N 3   
ALA O    O  N N 4   
ALA CB   C  N N 5   
ALA OXT  O  N N 6   
ALA H    H  N N 7   
ALA H2   H  N N 8   
ALA HA   H  N N 9   
ALA HB1  H  N N 10  
ALA HB2  H  N N 11  
ALA HB3  H  N N 12  
ALA HXT  H  N N 13  
ARG N    N  N N 14  
ARG CA   C  N S 15  
ARG C    C  N N 16  
ARG O    O  N N 17  
ARG CB   C  N N 18  
ARG CG   C  N N 19  
ARG CD   C  N N 20  
ARG NE   N  N N 21  
ARG CZ   C  N N 22  
ARG NH1  N  N N 23  
ARG NH2  N  N N 24  
ARG OXT  O  N N 25  
ARG H    H  N N 26  
ARG H2   H  N N 27  
ARG HA   H  N N 28  
ARG HB2  H  N N 29  
ARG HB3  H  N N 30  
ARG HG2  H  N N 31  
ARG HG3  H  N N 32  
ARG HD2  H  N N 33  
ARG HD3  H  N N 34  
ARG HE   H  N N 35  
ARG HH11 H  N N 36  
ARG HH12 H  N N 37  
ARG HH21 H  N N 38  
ARG HH22 H  N N 39  
ARG HXT  H  N N 40  
ASN N    N  N N 41  
ASN CA   C  N S 42  
ASN C    C  N N 43  
ASN O    O  N N 44  
ASN CB   C  N N 45  
ASN CG   C  N N 46  
ASN OD1  O  N N 47  
ASN ND2  N  N N 48  
ASN OXT  O  N N 49  
ASN H    H  N N 50  
ASN H2   H  N N 51  
ASN HA   H  N N 52  
ASN HB2  H  N N 53  
ASN HB3  H  N N 54  
ASN HD21 H  N N 55  
ASN HD22 H  N N 56  
ASN HXT  H  N N 57  
ASP N    N  N N 58  
ASP CA   C  N S 59  
ASP C    C  N N 60  
ASP O    O  N N 61  
ASP CB   C  N N 62  
ASP CG   C  N N 63  
ASP OD1  O  N N 64  
ASP OD2  O  N N 65  
ASP OXT  O  N N 66  
ASP H    H  N N 67  
ASP H2   H  N N 68  
ASP HA   H  N N 69  
ASP HB2  H  N N 70  
ASP HB3  H  N N 71  
ASP HD2  H  N N 72  
ASP HXT  H  N N 73  
CYS N    N  N N 74  
CYS CA   C  N R 75  
CYS C    C  N N 76  
CYS O    O  N N 77  
CYS CB   C  N N 78  
CYS SG   S  N N 79  
CYS OXT  O  N N 80  
CYS H    H  N N 81  
CYS H2   H  N N 82  
CYS HA   H  N N 83  
CYS HB2  H  N N 84  
CYS HB3  H  N N 85  
CYS HG   H  N N 86  
CYS HXT  H  N N 87  
GLN N    N  N N 88  
GLN CA   C  N S 89  
GLN C    C  N N 90  
GLN O    O  N N 91  
GLN CB   C  N N 92  
GLN CG   C  N N 93  
GLN CD   C  N N 94  
GLN OE1  O  N N 95  
GLN NE2  N  N N 96  
GLN OXT  O  N N 97  
GLN H    H  N N 98  
GLN H2   H  N N 99  
GLN HA   H  N N 100 
GLN HB2  H  N N 101 
GLN HB3  H  N N 102 
GLN HG2  H  N N 103 
GLN HG3  H  N N 104 
GLN HE21 H  N N 105 
GLN HE22 H  N N 106 
GLN HXT  H  N N 107 
GLU N    N  N N 108 
GLU CA   C  N S 109 
GLU C    C  N N 110 
GLU O    O  N N 111 
GLU CB   C  N N 112 
GLU CG   C  N N 113 
GLU CD   C  N N 114 
GLU OE1  O  N N 115 
GLU OE2  O  N N 116 
GLU OXT  O  N N 117 
GLU H    H  N N 118 
GLU H2   H  N N 119 
GLU HA   H  N N 120 
GLU HB2  H  N N 121 
GLU HB3  H  N N 122 
GLU HG2  H  N N 123 
GLU HG3  H  N N 124 
GLU HE2  H  N N 125 
GLU HXT  H  N N 126 
GLY N    N  N N 127 
GLY CA   C  N N 128 
GLY C    C  N N 129 
GLY O    O  N N 130 
GLY OXT  O  N N 131 
GLY H    H  N N 132 
GLY H2   H  N N 133 
GLY HA2  H  N N 134 
GLY HA3  H  N N 135 
GLY HXT  H  N N 136 
HIS N    N  N N 137 
HIS CA   C  N S 138 
HIS C    C  N N 139 
HIS O    O  N N 140 
HIS CB   C  N N 141 
HIS CG   C  Y N 142 
HIS ND1  N  Y N 143 
HIS CD2  C  Y N 144 
HIS CE1  C  Y N 145 
HIS NE2  N  Y N 146 
HIS OXT  O  N N 147 
HIS H    H  N N 148 
HIS H2   H  N N 149 
HIS HA   H  N N 150 
HIS HB2  H  N N 151 
HIS HB3  H  N N 152 
HIS HD1  H  N N 153 
HIS HD2  H  N N 154 
HIS HE1  H  N N 155 
HIS HE2  H  N N 156 
HIS HXT  H  N N 157 
HOH O    O  N N 158 
HOH H1   H  N N 159 
HOH H2   H  N N 160 
ILE N    N  N N 161 
ILE CA   C  N S 162 
ILE C    C  N N 163 
ILE O    O  N N 164 
ILE CB   C  N S 165 
ILE CG1  C  N N 166 
ILE CG2  C  N N 167 
ILE CD1  C  N N 168 
ILE OXT  O  N N 169 
ILE H    H  N N 170 
ILE H2   H  N N 171 
ILE HA   H  N N 172 
ILE HB   H  N N 173 
ILE HG12 H  N N 174 
ILE HG13 H  N N 175 
ILE HG21 H  N N 176 
ILE HG22 H  N N 177 
ILE HG23 H  N N 178 
ILE HD11 H  N N 179 
ILE HD12 H  N N 180 
ILE HD13 H  N N 181 
ILE HXT  H  N N 182 
LEU N    N  N N 183 
LEU CA   C  N S 184 
LEU C    C  N N 185 
LEU O    O  N N 186 
LEU CB   C  N N 187 
LEU CG   C  N N 188 
LEU CD1  C  N N 189 
LEU CD2  C  N N 190 
LEU OXT  O  N N 191 
LEU H    H  N N 192 
LEU H2   H  N N 193 
LEU HA   H  N N 194 
LEU HB2  H  N N 195 
LEU HB3  H  N N 196 
LEU HG   H  N N 197 
LEU HD11 H  N N 198 
LEU HD12 H  N N 199 
LEU HD13 H  N N 200 
LEU HD21 H  N N 201 
LEU HD22 H  N N 202 
LEU HD23 H  N N 203 
LEU HXT  H  N N 204 
LYS N    N  N N 205 
LYS CA   C  N S 206 
LYS C    C  N N 207 
LYS O    O  N N 208 
LYS CB   C  N N 209 
LYS CG   C  N N 210 
LYS CD   C  N N 211 
LYS CE   C  N N 212 
LYS NZ   N  N N 213 
LYS OXT  O  N N 214 
LYS H    H  N N 215 
LYS H2   H  N N 216 
LYS HA   H  N N 217 
LYS HB2  H  N N 218 
LYS HB3  H  N N 219 
LYS HG2  H  N N 220 
LYS HG3  H  N N 221 
LYS HD2  H  N N 222 
LYS HD3  H  N N 223 
LYS HE2  H  N N 224 
LYS HE3  H  N N 225 
LYS HZ1  H  N N 226 
LYS HZ2  H  N N 227 
LYS HZ3  H  N N 228 
LYS HXT  H  N N 229 
MET N    N  N N 230 
MET CA   C  N S 231 
MET C    C  N N 232 
MET O    O  N N 233 
MET CB   C  N N 234 
MET CG   C  N N 235 
MET SD   S  N N 236 
MET CE   C  N N 237 
MET OXT  O  N N 238 
MET H    H  N N 239 
MET H2   H  N N 240 
MET HA   H  N N 241 
MET HB2  H  N N 242 
MET HB3  H  N N 243 
MET HG2  H  N N 244 
MET HG3  H  N N 245 
MET HE1  H  N N 246 
MET HE2  H  N N 247 
MET HE3  H  N N 248 
MET HXT  H  N N 249 
NUT O3   O  N N 250 
NUT C25  C  N N 251 
NUT N2   N  N N 252 
NUT C29  C  N N 253 
NUT C28  C  N N 254 
NUT O2   O  N N 255 
NUT N3   N  N N 256 
NUT C27  C  N N 257 
NUT C26  C  N N 258 
NUT N1   N  N N 259 
NUT C10  C  N N 260 
NUT C9   C  Y N 261 
NUT C3   C  Y N 262 
NUT C2   C  Y N 263 
NUT C5   C  Y N 264 
NUT O1   O  N N 265 
NUT C6   C  N N 266 
NUT C8   C  N N 267 
NUT C7   C  N N 268 
NUT C4   C  Y N 269 
NUT C1   C  Y N 270 
NUT O    O  N N 271 
NUT C    C  N N 272 
NUT C18  C  N R 273 
NUT C19  C  Y N 274 
NUT C24  C  Y N 275 
NUT C23  C  Y N 276 
NUT C22  C  Y N 277 
NUT CL1  CL N N 278 
NUT C21  C  Y N 279 
NUT C20  C  Y N 280 
NUT C11  C  N S 281 
NUT N    N  N N 282 
NUT C12  C  Y N 283 
NUT C17  C  Y N 284 
NUT C16  C  Y N 285 
NUT C15  C  Y N 286 
NUT CL   CL N N 287 
NUT C14  C  Y N 288 
NUT C13  C  Y N 289 
NUT H1   H  N N 290 
NUT H2   H  N N 291 
NUT H3   H  N N 292 
NUT H4   H  N N 293 
NUT H5   H  N N 294 
NUT H6   H  N N 295 
NUT H7   H  N N 296 
NUT H9   H  N N 297 
NUT H10  H  N N 298 
NUT H11  H  N N 299 
NUT H12  H  N N 300 
NUT H13  H  N N 301 
NUT H14  H  N N 302 
NUT H15  H  N N 303 
NUT H16  H  N N 304 
NUT H17  H  N N 305 
NUT H18  H  N N 306 
NUT H19  H  N N 307 
NUT H20  H  N N 308 
NUT H21  H  N N 309 
NUT H22  H  N N 310 
NUT H23  H  N N 311 
NUT H24  H  N N 312 
NUT H25  H  N N 313 
NUT H26  H  N N 314 
NUT H27  H  N N 315 
NUT H30  H  N N 316 
NUT H31  H  N N 317 
NUT H32  H  N N 318 
NUT H33  H  N N 319 
PHE N    N  N N 320 
PHE CA   C  N S 321 
PHE C    C  N N 322 
PHE O    O  N N 323 
PHE CB   C  N N 324 
PHE CG   C  Y N 325 
PHE CD1  C  Y N 326 
PHE CD2  C  Y N 327 
PHE CE1  C  Y N 328 
PHE CE2  C  Y N 329 
PHE CZ   C  Y N 330 
PHE OXT  O  N N 331 
PHE H    H  N N 332 
PHE H2   H  N N 333 
PHE HA   H  N N 334 
PHE HB2  H  N N 335 
PHE HB3  H  N N 336 
PHE HD1  H  N N 337 
PHE HD2  H  N N 338 
PHE HE1  H  N N 339 
PHE HE2  H  N N 340 
PHE HZ   H  N N 341 
PHE HXT  H  N N 342 
PRO N    N  N N 343 
PRO CA   C  N S 344 
PRO C    C  N N 345 
PRO O    O  N N 346 
PRO CB   C  N N 347 
PRO CG   C  N N 348 
PRO CD   C  N N 349 
PRO OXT  O  N N 350 
PRO H    H  N N 351 
PRO HA   H  N N 352 
PRO HB2  H  N N 353 
PRO HB3  H  N N 354 
PRO HG2  H  N N 355 
PRO HG3  H  N N 356 
PRO HD2  H  N N 357 
PRO HD3  H  N N 358 
PRO HXT  H  N N 359 
SER N    N  N N 360 
SER CA   C  N S 361 
SER C    C  N N 362 
SER O    O  N N 363 
SER CB   C  N N 364 
SER OG   O  N N 365 
SER OXT  O  N N 366 
SER H    H  N N 367 
SER H2   H  N N 368 
SER HA   H  N N 369 
SER HB2  H  N N 370 
SER HB3  H  N N 371 
SER HG   H  N N 372 
SER HXT  H  N N 373 
THR N    N  N N 374 
THR CA   C  N S 375 
THR C    C  N N 376 
THR O    O  N N 377 
THR CB   C  N R 378 
THR OG1  O  N N 379 
THR CG2  C  N N 380 
THR OXT  O  N N 381 
THR H    H  N N 382 
THR H2   H  N N 383 
THR HA   H  N N 384 
THR HB   H  N N 385 
THR HG1  H  N N 386 
THR HG21 H  N N 387 
THR HG22 H  N N 388 
THR HG23 H  N N 389 
THR HXT  H  N N 390 
TYR N    N  N N 391 
TYR CA   C  N S 392 
TYR C    C  N N 393 
TYR O    O  N N 394 
TYR CB   C  N N 395 
TYR CG   C  Y N 396 
TYR CD1  C  Y N 397 
TYR CD2  C  Y N 398 
TYR CE1  C  Y N 399 
TYR CE2  C  Y N 400 
TYR CZ   C  Y N 401 
TYR OH   O  N N 402 
TYR OXT  O  N N 403 
TYR H    H  N N 404 
TYR H2   H  N N 405 
TYR HA   H  N N 406 
TYR HB2  H  N N 407 
TYR HB3  H  N N 408 
TYR HD1  H  N N 409 
TYR HD2  H  N N 410 
TYR HE1  H  N N 411 
TYR HE2  H  N N 412 
TYR HH   H  N N 413 
TYR HXT  H  N N 414 
VAL N    N  N N 415 
VAL CA   C  N S 416 
VAL C    C  N N 417 
VAL O    O  N N 418 
VAL CB   C  N N 419 
VAL CG1  C  N N 420 
VAL CG2  C  N N 421 
VAL OXT  O  N N 422 
VAL H    H  N N 423 
VAL H2   H  N N 424 
VAL HA   H  N N 425 
VAL HB   H  N N 426 
VAL HG11 H  N N 427 
VAL HG12 H  N N 428 
VAL HG13 H  N N 429 
VAL HG21 H  N N 430 
VAL HG22 H  N N 431 
VAL HG23 H  N N 432 
VAL HXT  H  N N 433 
# 
loop_
_chem_comp_bond.comp_id 
_chem_comp_bond.atom_id_1 
_chem_comp_bond.atom_id_2 
_chem_comp_bond.value_order 
_chem_comp_bond.pdbx_aromatic_flag 
_chem_comp_bond.pdbx_stereo_config 
_chem_comp_bond.pdbx_ordinal 
ALA N   CA   sing N N 1   
ALA N   H    sing N N 2   
ALA N   H2   sing N N 3   
ALA CA  C    sing N N 4   
ALA CA  CB   sing N N 5   
ALA CA  HA   sing N N 6   
ALA C   O    doub N N 7   
ALA C   OXT  sing N N 8   
ALA CB  HB1  sing N N 9   
ALA CB  HB2  sing N N 10  
ALA CB  HB3  sing N N 11  
ALA OXT HXT  sing N N 12  
ARG N   CA   sing N N 13  
ARG N   H    sing N N 14  
ARG N   H2   sing N N 15  
ARG CA  C    sing N N 16  
ARG CA  CB   sing N N 17  
ARG CA  HA   sing N N 18  
ARG C   O    doub N N 19  
ARG C   OXT  sing N N 20  
ARG CB  CG   sing N N 21  
ARG CB  HB2  sing N N 22  
ARG CB  HB3  sing N N 23  
ARG CG  CD   sing N N 24  
ARG CG  HG2  sing N N 25  
ARG CG  HG3  sing N N 26  
ARG CD  NE   sing N N 27  
ARG CD  HD2  sing N N 28  
ARG CD  HD3  sing N N 29  
ARG NE  CZ   sing N N 30  
ARG NE  HE   sing N N 31  
ARG CZ  NH1  sing N N 32  
ARG CZ  NH2  doub N N 33  
ARG NH1 HH11 sing N N 34  
ARG NH1 HH12 sing N N 35  
ARG NH2 HH21 sing N N 36  
ARG NH2 HH22 sing N N 37  
ARG OXT HXT  sing N N 38  
ASN N   CA   sing N N 39  
ASN N   H    sing N N 40  
ASN N   H2   sing N N 41  
ASN CA  C    sing N N 42  
ASN CA  CB   sing N N 43  
ASN CA  HA   sing N N 44  
ASN C   O    doub N N 45  
ASN C   OXT  sing N N 46  
ASN CB  CG   sing N N 47  
ASN CB  HB2  sing N N 48  
ASN CB  HB3  sing N N 49  
ASN CG  OD1  doub N N 50  
ASN CG  ND2  sing N N 51  
ASN ND2 HD21 sing N N 52  
ASN ND2 HD22 sing N N 53  
ASN OXT HXT  sing N N 54  
ASP N   CA   sing N N 55  
ASP N   H    sing N N 56  
ASP N   H2   sing N N 57  
ASP CA  C    sing N N 58  
ASP CA  CB   sing N N 59  
ASP CA  HA   sing N N 60  
ASP C   O    doub N N 61  
ASP C   OXT  sing N N 62  
ASP CB  CG   sing N N 63  
ASP CB  HB2  sing N N 64  
ASP CB  HB3  sing N N 65  
ASP CG  OD1  doub N N 66  
ASP CG  OD2  sing N N 67  
ASP OD2 HD2  sing N N 68  
ASP OXT HXT  sing N N 69  
CYS N   CA   sing N N 70  
CYS N   H    sing N N 71  
CYS N   H2   sing N N 72  
CYS CA  C    sing N N 73  
CYS CA  CB   sing N N 74  
CYS CA  HA   sing N N 75  
CYS C   O    doub N N 76  
CYS C   OXT  sing N N 77  
CYS CB  SG   sing N N 78  
CYS CB  HB2  sing N N 79  
CYS CB  HB3  sing N N 80  
CYS SG  HG   sing N N 81  
CYS OXT HXT  sing N N 82  
GLN N   CA   sing N N 83  
GLN N   H    sing N N 84  
GLN N   H2   sing N N 85  
GLN CA  C    sing N N 86  
GLN CA  CB   sing N N 87  
GLN CA  HA   sing N N 88  
GLN C   O    doub N N 89  
GLN C   OXT  sing N N 90  
GLN CB  CG   sing N N 91  
GLN CB  HB2  sing N N 92  
GLN CB  HB3  sing N N 93  
GLN CG  CD   sing N N 94  
GLN CG  HG2  sing N N 95  
GLN CG  HG3  sing N N 96  
GLN CD  OE1  doub N N 97  
GLN CD  NE2  sing N N 98  
GLN NE2 HE21 sing N N 99  
GLN NE2 HE22 sing N N 100 
GLN OXT HXT  sing N N 101 
GLU N   CA   sing N N 102 
GLU N   H    sing N N 103 
GLU N   H2   sing N N 104 
GLU CA  C    sing N N 105 
GLU CA  CB   sing N N 106 
GLU CA  HA   sing N N 107 
GLU C   O    doub N N 108 
GLU C   OXT  sing N N 109 
GLU CB  CG   sing N N 110 
GLU CB  HB2  sing N N 111 
GLU CB  HB3  sing N N 112 
GLU CG  CD   sing N N 113 
GLU CG  HG2  sing N N 114 
GLU CG  HG3  sing N N 115 
GLU CD  OE1  doub N N 116 
GLU CD  OE2  sing N N 117 
GLU OE2 HE2  sing N N 118 
GLU OXT HXT  sing N N 119 
GLY N   CA   sing N N 120 
GLY N   H    sing N N 121 
GLY N   H2   sing N N 122 
GLY CA  C    sing N N 123 
GLY CA  HA2  sing N N 124 
GLY CA  HA3  sing N N 125 
GLY C   O    doub N N 126 
GLY C   OXT  sing N N 127 
GLY OXT HXT  sing N N 128 
HIS N   CA   sing N N 129 
HIS N   H    sing N N 130 
HIS N   H2   sing N N 131 
HIS CA  C    sing N N 132 
HIS CA  CB   sing N N 133 
HIS CA  HA   sing N N 134 
HIS C   O    doub N N 135 
HIS C   OXT  sing N N 136 
HIS CB  CG   sing N N 137 
HIS CB  HB2  sing N N 138 
HIS CB  HB3  sing N N 139 
HIS CG  ND1  sing Y N 140 
HIS CG  CD2  doub Y N 141 
HIS ND1 CE1  doub Y N 142 
HIS ND1 HD1  sing N N 143 
HIS CD2 NE2  sing Y N 144 
HIS CD2 HD2  sing N N 145 
HIS CE1 NE2  sing Y N 146 
HIS CE1 HE1  sing N N 147 
HIS NE2 HE2  sing N N 148 
HIS OXT HXT  sing N N 149 
HOH O   H1   sing N N 150 
HOH O   H2   sing N N 151 
ILE N   CA   sing N N 152 
ILE N   H    sing N N 153 
ILE N   H2   sing N N 154 
ILE CA  C    sing N N 155 
ILE CA  CB   sing N N 156 
ILE CA  HA   sing N N 157 
ILE C   O    doub N N 158 
ILE C   OXT  sing N N 159 
ILE CB  CG1  sing N N 160 
ILE CB  CG2  sing N N 161 
ILE CB  HB   sing N N 162 
ILE CG1 CD1  sing N N 163 
ILE CG1 HG12 sing N N 164 
ILE CG1 HG13 sing N N 165 
ILE CG2 HG21 sing N N 166 
ILE CG2 HG22 sing N N 167 
ILE CG2 HG23 sing N N 168 
ILE CD1 HD11 sing N N 169 
ILE CD1 HD12 sing N N 170 
ILE CD1 HD13 sing N N 171 
ILE OXT HXT  sing N N 172 
LEU N   CA   sing N N 173 
LEU N   H    sing N N 174 
LEU N   H2   sing N N 175 
LEU CA  C    sing N N 176 
LEU CA  CB   sing N N 177 
LEU CA  HA   sing N N 178 
LEU C   O    doub N N 179 
LEU C   OXT  sing N N 180 
LEU CB  CG   sing N N 181 
LEU CB  HB2  sing N N 182 
LEU CB  HB3  sing N N 183 
LEU CG  CD1  sing N N 184 
LEU CG  CD2  sing N N 185 
LEU CG  HG   sing N N 186 
LEU CD1 HD11 sing N N 187 
LEU CD1 HD12 sing N N 188 
LEU CD1 HD13 sing N N 189 
LEU CD2 HD21 sing N N 190 
LEU CD2 HD22 sing N N 191 
LEU CD2 HD23 sing N N 192 
LEU OXT HXT  sing N N 193 
LYS N   CA   sing N N 194 
LYS N   H    sing N N 195 
LYS N   H2   sing N N 196 
LYS CA  C    sing N N 197 
LYS CA  CB   sing N N 198 
LYS CA  HA   sing N N 199 
LYS C   O    doub N N 200 
LYS C   OXT  sing N N 201 
LYS CB  CG   sing N N 202 
LYS CB  HB2  sing N N 203 
LYS CB  HB3  sing N N 204 
LYS CG  CD   sing N N 205 
LYS CG  HG2  sing N N 206 
LYS CG  HG3  sing N N 207 
LYS CD  CE   sing N N 208 
LYS CD  HD2  sing N N 209 
LYS CD  HD3  sing N N 210 
LYS CE  NZ   sing N N 211 
LYS CE  HE2  sing N N 212 
LYS CE  HE3  sing N N 213 
LYS NZ  HZ1  sing N N 214 
LYS NZ  HZ2  sing N N 215 
LYS NZ  HZ3  sing N N 216 
LYS OXT HXT  sing N N 217 
MET N   CA   sing N N 218 
MET N   H    sing N N 219 
MET N   H2   sing N N 220 
MET CA  C    sing N N 221 
MET CA  CB   sing N N 222 
MET CA  HA   sing N N 223 
MET C   O    doub N N 224 
MET C   OXT  sing N N 225 
MET CB  CG   sing N N 226 
MET CB  HB2  sing N N 227 
MET CB  HB3  sing N N 228 
MET CG  SD   sing N N 229 
MET CG  HG2  sing N N 230 
MET CG  HG3  sing N N 231 
MET SD  CE   sing N N 232 
MET CE  HE1  sing N N 233 
MET CE  HE2  sing N N 234 
MET CE  HE3  sing N N 235 
MET OXT HXT  sing N N 236 
NUT O2  C28  doub N N 237 
NUT C28 C29  sing N N 238 
NUT C28 N3   sing N N 239 
NUT C29 N2   sing N N 240 
NUT O3  C25  doub N N 241 
NUT N3  C27  sing N N 242 
NUT C25 N2   sing N N 243 
NUT C25 N1   sing N N 244 
NUT N2  C26  sing N N 245 
NUT C27 C26  sing N N 246 
NUT C11 C18  sing N N 247 
NUT C11 N    sing N N 248 
NUT C11 C12  sing N N 249 
NUT C3  C2   doub Y N 250 
NUT C3  C9   sing Y N 251 
NUT N1  C18  sing N N 252 
NUT N1  C10  sing N N 253 
NUT C2  C1   sing Y N 254 
NUT C17 C12  doub Y N 255 
NUT C17 C16  sing Y N 256 
NUT C18 C19  sing N N 257 
NUT C10 N    doub N N 258 
NUT C10 C9   sing N N 259 
NUT C9  C5   doub Y N 260 
NUT C   O    sing N N 261 
NUT C12 C13  sing Y N 262 
NUT C1  O    sing N N 263 
NUT C1  C4   doub Y N 264 
NUT C16 C15  doub Y N 265 
NUT C5  C4   sing Y N 266 
NUT C5  O1   sing N N 267 
NUT C8  C6   sing N N 268 
NUT O1  C6   sing N N 269 
NUT C19 C24  doub Y N 270 
NUT C19 C20  sing Y N 271 
NUT C24 C23  sing Y N 272 
NUT C13 C14  doub Y N 273 
NUT C15 C14  sing Y N 274 
NUT C15 CL   sing N N 275 
NUT C6  C7   sing N N 276 
NUT C20 C21  doub Y N 277 
NUT C23 C22  doub Y N 278 
NUT C21 C22  sing Y N 279 
NUT C22 CL1  sing N N 280 
NUT C29 H1   sing N N 281 
NUT C29 H2   sing N N 282 
NUT N3  H3   sing N N 283 
NUT C27 H4   sing N N 284 
NUT C27 H5   sing N N 285 
NUT C26 H6   sing N N 286 
NUT C26 H7   sing N N 287 
NUT C3  H9   sing N N 288 
NUT C2  H10  sing N N 289 
NUT C6  H11  sing N N 290 
NUT C8  H12  sing N N 291 
NUT C8  H13  sing N N 292 
NUT C8  H14  sing N N 293 
NUT C7  H15  sing N N 294 
NUT C7  H16  sing N N 295 
NUT C7  H17  sing N N 296 
NUT C4  H18  sing N N 297 
NUT C   H19  sing N N 298 
NUT C   H20  sing N N 299 
NUT C   H21  sing N N 300 
NUT C18 H22  sing N N 301 
NUT C24 H23  sing N N 302 
NUT C23 H24  sing N N 303 
NUT C21 H25  sing N N 304 
NUT C20 H26  sing N N 305 
NUT C11 H27  sing N N 306 
NUT C17 H30  sing N N 307 
NUT C16 H31  sing N N 308 
NUT C14 H32  sing N N 309 
NUT C13 H33  sing N N 310 
PHE N   CA   sing N N 311 
PHE N   H    sing N N 312 
PHE N   H2   sing N N 313 
PHE CA  C    sing N N 314 
PHE CA  CB   sing N N 315 
PHE CA  HA   sing N N 316 
PHE C   O    doub N N 317 
PHE C   OXT  sing N N 318 
PHE CB  CG   sing N N 319 
PHE CB  HB2  sing N N 320 
PHE CB  HB3  sing N N 321 
PHE CG  CD1  doub Y N 322 
PHE CG  CD2  sing Y N 323 
PHE CD1 CE1  sing Y N 324 
PHE CD1 HD1  sing N N 325 
PHE CD2 CE2  doub Y N 326 
PHE CD2 HD2  sing N N 327 
PHE CE1 CZ   doub Y N 328 
PHE CE1 HE1  sing N N 329 
PHE CE2 CZ   sing Y N 330 
PHE CE2 HE2  sing N N 331 
PHE CZ  HZ   sing N N 332 
PHE OXT HXT  sing N N 333 
PRO N   CA   sing N N 334 
PRO N   CD   sing N N 335 
PRO N   H    sing N N 336 
PRO CA  C    sing N N 337 
PRO CA  CB   sing N N 338 
PRO CA  HA   sing N N 339 
PRO C   O    doub N N 340 
PRO C   OXT  sing N N 341 
PRO CB  CG   sing N N 342 
PRO CB  HB2  sing N N 343 
PRO CB  HB3  sing N N 344 
PRO CG  CD   sing N N 345 
PRO CG  HG2  sing N N 346 
PRO CG  HG3  sing N N 347 
PRO CD  HD2  sing N N 348 
PRO CD  HD3  sing N N 349 
PRO OXT HXT  sing N N 350 
SER N   CA   sing N N 351 
SER N   H    sing N N 352 
SER N   H2   sing N N 353 
SER CA  C    sing N N 354 
SER CA  CB   sing N N 355 
SER CA  HA   sing N N 356 
SER C   O    doub N N 357 
SER C   OXT  sing N N 358 
SER CB  OG   sing N N 359 
SER CB  HB2  sing N N 360 
SER CB  HB3  sing N N 361 
SER OG  HG   sing N N 362 
SER OXT HXT  sing N N 363 
THR N   CA   sing N N 364 
THR N   H    sing N N 365 
THR N   H2   sing N N 366 
THR CA  C    sing N N 367 
THR CA  CB   sing N N 368 
THR CA  HA   sing N N 369 
THR C   O    doub N N 370 
THR C   OXT  sing N N 371 
THR CB  OG1  sing N N 372 
THR CB  CG2  sing N N 373 
THR CB  HB   sing N N 374 
THR OG1 HG1  sing N N 375 
THR CG2 HG21 sing N N 376 
THR CG2 HG22 sing N N 377 
THR CG2 HG23 sing N N 378 
THR OXT HXT  sing N N 379 
TYR N   CA   sing N N 380 
TYR N   H    sing N N 381 
TYR N   H2   sing N N 382 
TYR CA  C    sing N N 383 
TYR CA  CB   sing N N 384 
TYR CA  HA   sing N N 385 
TYR C   O    doub N N 386 
TYR C   OXT  sing N N 387 
TYR CB  CG   sing N N 388 
TYR CB  HB2  sing N N 389 
TYR CB  HB3  sing N N 390 
TYR CG  CD1  doub Y N 391 
TYR CG  CD2  sing Y N 392 
TYR CD1 CE1  sing Y N 393 
TYR CD1 HD1  sing N N 394 
TYR CD2 CE2  doub Y N 395 
TYR CD2 HD2  sing N N 396 
TYR CE1 CZ   doub Y N 397 
TYR CE1 HE1  sing N N 398 
TYR CE2 CZ   sing Y N 399 
TYR CE2 HE2  sing N N 400 
TYR CZ  OH   sing N N 401 
TYR OH  HH   sing N N 402 
TYR OXT HXT  sing N N 403 
VAL N   CA   sing N N 404 
VAL N   H    sing N N 405 
VAL N   H2   sing N N 406 
VAL CA  C    sing N N 407 
VAL CA  CB   sing N N 408 
VAL CA  HA   sing N N 409 
VAL C   O    doub N N 410 
VAL C   OXT  sing N N 411 
VAL CB  CG1  sing N N 412 
VAL CB  CG2  sing N N 413 
VAL CB  HB   sing N N 414 
VAL CG1 HG11 sing N N 415 
VAL CG1 HG12 sing N N 416 
VAL CG1 HG13 sing N N 417 
VAL CG2 HG21 sing N N 418 
VAL CG2 HG22 sing N N 419 
VAL CG2 HG23 sing N N 420 
VAL OXT HXT  sing N N 421 
# 
_pdbx_audit_support.funding_organization   ? 
_pdbx_audit_support.country                China 
_pdbx_audit_support.grant_number           2016ACA128 
_pdbx_audit_support.ordinal                1 
# 
_atom_sites.entry_id                    5ZXF 
_atom_sites.fract_transf_matrix[1][1]   0.01330787 
_atom_sites.fract_transf_matrix[1][2]   -0.01875648 
_atom_sites.fract_transf_matrix[1][3]   -0.00477300 
_atom_sites.fract_transf_matrix[2][1]   -0.01360179 
_atom_sites.fract_transf_matrix[2][2]   -0.00506582 
_atom_sites.fract_transf_matrix[2][3]   -0.01801675 
_atom_sites.fract_transf_matrix[3][1]   0.01072112 
_atom_sites.fract_transf_matrix[3][2]   0.01041133 
_atom_sites.fract_transf_matrix[3][3]   -0.01102132 
_atom_sites.fract_transf_vector[1]      0.151483 
_atom_sites.fract_transf_vector[2]      -0.264812 
_atom_sites.fract_transf_vector[3]      -0.166832 
# 
loop_
_atom_type.symbol 
C  
CL 
N  
O  
S  
# 
loop_
_atom_site.group_PDB 
_atom_site.id 
_atom_site.type_symbol 
_atom_site.label_atom_id 
_atom_site.label_alt_id 
_atom_site.label_comp_id 
_atom_site.label_asym_id 
_atom_site.label_entity_id 
_atom_site.label_seq_id 
_atom_site.pdbx_PDB_ins_code 
_atom_site.Cartn_x 
_atom_site.Cartn_y 
_atom_site.Cartn_z 
_atom_site.occupancy 
_atom_site.B_iso_or_equiv 
_atom_site.pdbx_formal_charge 
_atom_site.auth_seq_id 
_atom_site.auth_comp_id 
_atom_site.auth_asym_id 
_atom_site.auth_atom_id 
_atom_site.pdbx_PDB_model_num 
ATOM   1   N  N   . GLN A 1 1  ? -7.952  17.831  10.171  1.00 41.90 ? 3   GLN A N   1 
ATOM   2   C  CA  . GLN A 1 1  ? -8.416  18.377  8.872   1.00 41.05 ? 3   GLN A CA  1 
ATOM   3   C  C   . GLN A 1 1  ? -7.588  17.792  7.739   1.00 39.95 ? 3   GLN A C   1 
ATOM   4   O  O   . GLN A 1 1  ? -7.496  18.423  6.691   1.00 42.65 ? 3   GLN A O   1 
ATOM   5   C  CB  . GLN A 1 1  ? -8.411  19.895  8.845   1.00 44.12 ? 3   GLN A CB  1 
ATOM   6   C  CG  . GLN A 1 1  ? -9.614  20.476  9.550   1.00 48.86 ? 3   GLN A CG  1 
ATOM   7   C  CD  . GLN A 1 1  ? -10.830 19.729  9.067   1.00 54.83 ? 3   GLN A CD  1 
ATOM   8   O  OE1 . GLN A 1 1  ? -11.050 18.572  9.438   1.00 56.25 ? 3   GLN A OE1 1 
ATOM   9   N  NE2 . GLN A 1 1  ? -11.622 20.386  8.225   1.00 55.30 ? 3   GLN A NE2 1 
ATOM   10  N  N   . GLU A 1 2  ? -7.001  16.623  7.960   1.00 33.58 ? 4   GLU A N   1 
ATOM   11  C  CA  . GLU A 1 2  ? -6.277  15.930  6.868   1.00 29.32 ? 4   GLU A CA  1 
ATOM   12  C  C   . GLU A 1 2  ? -7.328  15.381  5.906   1.00 22.19 ? 4   GLU A C   1 
ATOM   13  O  O   . GLU A 1 2  ? -8.425  15.110  6.337   1.00 25.75 ? 4   GLU A O   1 
ATOM   14  C  CB  . GLU A 1 2  ? -5.580  14.688  7.413   1.00 31.46 ? 4   GLU A CB  1 
ATOM   15  C  CG  . GLU A 1 2  ? -4.619  14.962  8.526   1.00 37.97 ? 4   GLU A CG  1 
ATOM   16  C  CD  . GLU A 1 2  ? -3.299  15.248  7.875   1.00 42.81 ? 4   GLU A CD  1 
ATOM   17  O  OE1 . GLU A 1 2  ? -2.322  14.500  8.132   1.00 52.36 ? 4   GLU A OE1 1 
ATOM   18  O  OE2 . GLU A 1 2  ? -3.270  16.173  7.089   1.00 48.44 ? 4   GLU A OE2 1 
ATOM   19  N  N   . THR A 1 3  ? -6.981  15.256  4.635   1.00 19.05 ? 5   THR A N   1 
ATOM   20  C  CA  . THR A 1 3  ? -7.924  14.666  3.657   1.00 16.52 ? 5   THR A CA  1 
ATOM   21  C  C   . THR A 1 3  ? -8.260  13.227  4.062   1.00 15.67 ? 5   THR A C   1 
ATOM   22  O  O   . THR A 1 3  ? -7.375  12.479  4.386   1.00 17.80 ? 5   THR A O   1 
ATOM   23  C  CB  . THR A 1 3  ? -7.314  14.655  2.256   1.00 17.87 ? 5   THR A CB  1 
ATOM   24  O  OG1 . THR A 1 3  ? -7.139  16.008  1.839   1.00 17.65 ? 5   THR A OG1 1 
ATOM   25  C  CG2 . THR A 1 3  ? -8.193  13.945  1.254   1.00 19.39 ? 5   THR A CG2 1 
ATOM   26  N  N   . LEU A 1 4  ? -9.535  12.899  4.015   1.00 15.76 ? 6   LEU A N   1 
ATOM   27  C  CA  . LEU A 1 4  ? -9.994  11.518  4.276   1.00 15.44 ? 6   LEU A CA  1 
ATOM   28  C  C   . LEU A 1 4  ? -10.240 10.830  2.934   1.00 14.25 ? 6   LEU A C   1 
ATOM   29  O  O   . LEU A 1 4  ? -10.752 11.447  2.039   1.00 14.60 ? 6   LEU A O   1 
ATOM   30  C  CB  . LEU A 1 4  ? -11.282 11.567  5.092   1.00 19.57 ? 6   LEU A CB  1 
ATOM   31  C  CG  . LEU A 1 4  ? -11.093 11.753  6.593   1.00 26.60 ? 6   LEU A CG  1 
ATOM   32  C  CD1 . LEU A 1 4  ? -12.439 11.684  7.278   1.00 29.36 ? 6   LEU A CD1 1 
ATOM   33  C  CD2 . LEU A 1 4  ? -10.164 10.706  7.177   1.00 32.31 ? 6   LEU A CD2 1 
ATOM   34  N  N   . VAL A 1 5  ? -9.894  9.560   2.872   1.00 13.67 ? 7   VAL A N   1 
ATOM   35  C  CA  . VAL A 1 5  ? -10.040 8.774   1.629   1.00 13.66 ? 7   VAL A CA  1 
ATOM   36  C  C   . VAL A 1 5  ? -10.770 7.456   1.932   1.00 13.22 ? 7   VAL A C   1 
ATOM   37  O  O   . VAL A 1 5  ? -10.720 6.968   3.029   1.00 13.76 ? 7   VAL A O   1 
ATOM   38  C  CB  . VAL A 1 5  ? -8.663  8.549   0.977   1.00 13.71 ? 7   VAL A CB  1 
ATOM   39  C  CG1 . VAL A 1 5  ? -7.979  9.863   0.621   1.00 15.91 ? 7   VAL A CG1 1 
ATOM   40  C  CG2 . VAL A 1 5  ? -7.748  7.676   1.821   1.00 15.80 ? 7   VAL A CG2 1 
ATOM   41  N  N   . ARG A 1 6  ? -11.444 6.967   0.914   1.00 12.82 ? 8   ARG A N   1 
ATOM   42  C  CA  . ARG A 1 6  ? -12.192 5.700   0.966   1.00 12.86 ? 8   ARG A CA  1 
ATOM   43  C  C   . ARG A 1 6  ? -11.539 4.753   -0.034  1.00 12.82 ? 8   ARG A C   1 
ATOM   44  O  O   . ARG A 1 6  ? -11.678 4.954   -1.213  1.00 12.82 ? 8   ARG A O   1 
ATOM   45  C  CB  . ARG A 1 6  ? -13.669 5.916   0.642   1.00 15.41 ? 8   ARG A CB  1 
ATOM   46  C  CG  . ARG A 1 6  ? -14.491 4.674   0.900   1.00 16.66 ? 8   ARG A CG  1 
ATOM   47  C  CD  . ARG A 1 6  ? -15.943 4.889   0.532   1.00 19.66 ? 8   ARG A CD  1 
ATOM   48  N  NE  . ARG A 1 6  ? -16.494 6.036   1.208   1.00 21.55 ? 8   ARG A NE  1 
ATOM   49  C  CZ  . ARG A 1 6  ? -16.909 6.030   2.438   1.00 23.29 ? 8   ARG A CZ  1 
ATOM   50  N  NH1 . ARG A 1 6  ? -16.928 4.903   3.115   1.00 25.59 ? 8   ARG A NH1 1 
ATOM   51  N  NH2 . ARG A 1 6  ? -17.310 7.162   2.984   1.00 27.02 ? 8   ARG A NH2 1 
ATOM   52  N  N   . PRO A 1 7  ? -10.750 3.774   0.424   1.00 12.78 ? 9   PRO A N   1 
ATOM   53  C  CA  . PRO A 1 7  ? -10.121 2.876   -0.487  1.00 13.44 ? 9   PRO A CA  1 
ATOM   54  C  C   . PRO A 1 7  ? -11.138 2.054   -1.276  1.00 13.74 ? 9   PRO A C   1 
ATOM   55  O  O   . PRO A 1 7  ? -12.134 1.642   -0.779  1.00 15.16 ? 9   PRO A O   1 
ATOM   56  C  CB  . PRO A 1 7  ? -9.291  1.982   0.445   1.00 14.29 ? 9   PRO A CB  1 
ATOM   57  C  CG  . PRO A 1 7  ? -8.956  2.914   1.578   1.00 15.19 ? 9   PRO A CG  1 
ATOM   58  C  CD  . PRO A 1 7  ? -10.279 3.614   1.796   1.00 14.60 ? 9   PRO A CD  1 
ATOM   59  N  N   . LYS A 1 8  ? -10.714 1.742   -2.493  1.00 12.99 ? 10  LYS A N   1 
ATOM   60  C  CA  . LYS A 1 8  ? -11.426 0.818   -3.401  1.00 13.99 ? 10  LYS A CA  1 
ATOM   61  C  C   . LYS A 1 8  ? -11.201 -0.618  -2.917  1.00 14.38 ? 10  LYS A C   1 
ATOM   62  O  O   . LYS A 1 8  ? -10.367 -0.882  -2.076  1.00 15.01 ? 10  LYS A O   1 
ATOM   63  C  CB  . LYS A 1 8  ? -11.011 1.019   -4.857  1.00 15.02 ? 10  LYS A CB  1 
ATOM   64  C  CG  . LYS A 1 8  ? -11.481 2.340   -5.427  1.00 15.77 ? 10  LYS A CG  1 
ATOM   65  C  CD  . LYS A 1 8  ? -11.090 2.499   -6.878  1.00 15.89 ? 10  LYS A CD  1 
ATOM   66  C  CE  . LYS A 1 8  ? -11.306 3.893   -7.420  1.00 18.83 ? 10  LYS A CE  1 
ATOM   67  N  NZ  . LYS A 1 8  ? -10.764 3.993   -8.792  1.00 22.23 ? 10  LYS A NZ  1 
ATOM   68  N  N   . PRO A 1 9  ? -11.930 -1.593  -3.461  1.00 15.10 ? 11  PRO A N   1 
ATOM   69  C  CA  . PRO A 1 9  ? -11.954 -2.897  -2.811  1.00 15.69 ? 11  PRO A CA  1 
ATOM   70  C  C   . PRO A 1 9  ? -10.605 -3.598  -2.641  1.00 15.54 ? 11  PRO A C   1 
ATOM   71  O  O   . PRO A 1 9  ? -10.427 -4.210  -1.594  1.00 17.09 ? 11  PRO A O   1 
ATOM   72  C  CB  . PRO A 1 9  ? -12.955 -3.725  -3.625  1.00 16.23 ? 11  PRO A CB  1 
ATOM   73  C  CG  . PRO A 1 9  ? -13.911 -2.656  -4.071  1.00 17.46 ? 11  PRO A CG  1 
ATOM   74  C  CD  . PRO A 1 9  ? -13.043 -1.461  -4.435  1.00 14.95 ? 11  PRO A CD  1 
ATOM   75  N  N   . LEU A 1 10 ? -9.782  -3.598  -3.644  1.00 16.32 ? 12  LEU A N   1 
ATOM   76  C  CA  . LEU A 1 10 ? -8.513  -4.337  -3.474  1.00 17.74 ? 12  LEU A CA  1 
ATOM   77  C  C   . LEU A 1 10 ? -7.652  -3.650  -2.389  1.00 15.88 ? 12  LEU A C   1 
ATOM   78  O  O   . LEU A 1 10 ? -7.099  -4.325  -1.505  1.00 17.09 ? 12  LEU A O   1 
ATOM   79  C  CB  . LEU A 1 10 ? -7.788  -4.409  -4.812  1.00 19.83 ? 12  LEU A CB  1 
ATOM   80  C  CG  . LEU A 1 10 ? -6.454  -5.162  -4.781  1.00 23.28 ? 12  LEU A CG  1 
ATOM   81  C  CD1 . LEU A 1 10 ? -6.552  -6.466  -4.016  1.00 28.28 ? 12  LEU A CD1 1 
ATOM   82  C  CD2 . LEU A 1 10 ? -5.903  -5.435  -6.161  1.00 28.68 ? 12  LEU A CD2 1 
ATOM   83  N  N   . LEU A 1 11 ? -7.512  -2.343  -2.421  1.00 14.24 ? 13  LEU A N   1 
ATOM   84  C  CA  . LEU A 1 11 ? -6.718  -1.631  -1.411  1.00 14.94 ? 13  LEU A CA  1 
ATOM   85  C  C   . LEU A 1 11 ? -7.334  -1.876  -0.030  1.00 14.63 ? 13  LEU A C   1 
ATOM   86  O  O   . LEU A 1 11 ? -6.576  -2.144  0.923   1.00 15.24 ? 13  LEU A O   1 
ATOM   87  C  CB  . LEU A 1 11 ? -6.610  -0.162  -1.784  1.00 14.21 ? 13  LEU A CB  1 
ATOM   88  C  CG  . LEU A 1 11 ? -5.886  0.713   -0.753  1.00 14.16 ? 13  LEU A CG  1 
ATOM   89  C  CD1 . LEU A 1 11 ? -4.468  0.226   -0.449  1.00 15.13 ? 13  LEU A CD1 1 
ATOM   90  C  CD2 . LEU A 1 11 ? -5.870  2.165   -1.201  1.00 16.33 ? 13  LEU A CD2 1 
ATOM   91  N  N   . LEU A 1 12 ? -8.655  -1.813  0.083   1.00 14.85 ? 14  LEU A N   1 
ATOM   92  C  CA  . LEU A 1 12 ? -9.284  -2.043  1.403   1.00 15.82 ? 14  LEU A CA  1 
ATOM   93  C  C   . LEU A 1 12 ? -8.965  -3.449  1.921   1.00 16.16 ? 14  LEU A C   1 
ATOM   94  O  O   . LEU A 1 12 ? -8.716  -3.589  3.083   1.00 17.33 ? 14  LEU A O   1 
ATOM   95  C  CB  . LEU A 1 12 ? -10.791 -1.834  1.302   1.00 16.46 ? 14  LEU A CB  1 
ATOM   96  C  CG  . LEU A 1 12 ? -11.493 -1.815  2.651   1.00 18.47 ? 14  LEU A CG  1 
ATOM   97  C  CD1 . LEU A 1 12 ? -11.009 -0.652  3.496   1.00 19.37 ? 14  LEU A CD1 1 
ATOM   98  C  CD2 . LEU A 1 12 ? -12.990 -1.744  2.454   1.00 20.00 ? 14  LEU A CD2 1 
ATOM   99  N  N   . LYS A 1 13 ? -8.994  -4.432  1.047   1.00 17.56 ? 15  LYS A N   1 
ATOM   100 C  CA  . LYS A 1 13 ? -8.679  -5.824  1.433   1.00 18.35 ? 15  LYS A CA  1 
ATOM   101 C  C   . LYS A 1 13 ? -7.243  -5.886  1.983   1.00 19.54 ? 15  LYS A C   1 
ATOM   102 O  O   . LYS A 1 13 ? -7.047  -6.492  2.999   1.00 20.10 ? 15  LYS A O   1 
ATOM   103 C  CB  . LYS A 1 13 ? -8.901  -6.749  0.244   1.00 19.94 ? 15  LYS A CB  1 
ATOM   104 C  CG  . LYS A 1 13 ? -8.542  -8.203  0.517   1.00 22.25 ? 15  LYS A CG  1 
ATOM   105 C  CD  . LYS A 1 13 ? -8.852  -9.098  -0.646  1.00 26.75 ? 15  LYS A CD  1 
ATOM   106 C  CE  . LYS A 1 13 ? -8.357  -10.509 -0.376  1.00 30.96 ? 15  LYS A CE  1 
ATOM   107 N  NZ  . LYS A 1 13 ? -8.989  -11.539 -1.231  1.00 37.30 ? 15  LYS A NZ  1 
ATOM   108 N  N   . LEU A 1 14 ? -6.289  -5.220  1.349   1.00 17.61 ? 16  LEU A N   1 
ATOM   109 C  CA  . LEU A 1 14 ? -4.901  -5.233  1.858   1.00 19.34 ? 16  LEU A CA  1 
ATOM   110 C  C   . LEU A 1 14 ? -4.857  -4.571  3.246   1.00 17.01 ? 16  LEU A C   1 
ATOM   111 O  O   . LEU A 1 14 ? -4.241  -5.131  4.136   1.00 18.23 ? 16  LEU A O   1 
ATOM   112 C  CB  . LEU A 1 14 ? -3.968  -4.503  0.885   1.00 19.38 ? 16  LEU A CB  1 
ATOM   113 C  CG  . LEU A 1 14 ? -3.793  -5.083  -0.515  1.00 22.83 ? 16  LEU A CG  1 
ATOM   114 C  CD1 . LEU A 1 14 ? -3.046  -4.107  -1.401  1.00 25.55 ? 16  LEU A CD1 1 
ATOM   115 C  CD2 . LEU A 1 14 ? -3.025  -6.380  -0.460  1.00 28.20 ? 16  LEU A CD2 1 
ATOM   116 N  N   . LEU A 1 15 ? -5.504  -3.423  3.419   1.00 15.66 ? 17  LEU A N   1 
ATOM   117 C  CA  . LEU A 1 15 ? -5.445  -2.731  4.667   1.00 16.50 ? 17  LEU A CA  1 
ATOM   118 C  C   . LEU A 1 15 ? -6.066  -3.585  5.775   1.00 17.70 ? 17  LEU A C   1 
ATOM   119 O  O   . LEU A 1 15 ? -5.527  -3.686  6.895   1.00 19.13 ? 17  LEU A O   1 
ATOM   120 C  CB  . LEU A 1 15 ? -6.165  -1.373  4.542   1.00 17.48 ? 17  LEU A CB  1 
ATOM   121 C  CG  . LEU A 1 15 ? -5.566  -0.402  3.523   1.00 17.83 ? 17  LEU A CG  1 
ATOM   122 C  CD1 . LEU A 1 15 ? -6.429  0.834   3.400   1.00 19.81 ? 17  LEU A CD1 1 
ATOM   123 C  CD2 . LEU A 1 15 ? -4.142  0.012   3.826   1.00 20.86 ? 17  LEU A CD2 1 
ATOM   124 N  N   . LYS A 1 16 ? -7.219  -4.182  5.495   1.00 18.98 ? 18  LYS A N   1 
ATOM   125 C  CA  . LYS A 1 16 ? -7.893  -4.955  6.534   1.00 20.04 ? 18  LYS A CA  1 
ATOM   126 C  C   . LYS A 1 16 ? -7.104  -6.213  6.859   1.00 20.54 ? 18  LYS A C   1 
ATOM   127 O  O   . LYS A 1 16 ? -7.195  -6.658  8.034   1.00 22.22 ? 18  LYS A O   1 
ATOM   128 C  CB  . LYS A 1 16 ? -9.344  -5.223  6.191   1.00 21.15 ? 18  LYS A CB  1 
ATOM   129 C  CG  . LYS A 1 16 ? -10.184 -3.952  6.278   1.00 22.33 ? 18  LYS A CG  1 
ATOM   130 C  CD  . LYS A 1 16 ? -11.675 -4.204  6.260   1.00 23.64 ? 18  LYS A CD  1 
ATOM   131 C  CE  . LYS A 1 16 ? -12.462 -2.916  6.327   1.00 25.30 ? 18  LYS A CE  1 
ATOM   132 N  NZ  . LYS A 1 16 ? -13.905 -3.229  6.368   1.00 31.06 ? 18  LYS A NZ  1 
ATOM   133 N  N   . SER A 1 17 ? -6.261  -6.701  5.943   1.00 19.04 ? 19  SER A N   1 
ATOM   134 C  CA  . SER A 1 17 ? -5.511  -7.923  6.234   1.00 20.69 ? 19  SER A CA  1 
ATOM   135 C  C   . SER A 1 17 ? -4.435  -7.651  7.295   1.00 21.42 ? 19  SER A C   1 
ATOM   136 O  O   . SER A 1 17 ? -3.920  -8.614  7.857   1.00 23.84 ? 19  SER A O   1 
ATOM   137 C  CB  . SER A 1 17 ? -4.935  -8.454  4.977   1.00 22.35 ? 19  SER A CB  1 
ATOM   138 O  OG  . SER A 1 17 ? -3.772  -7.737  4.624   1.00 23.39 ? 19  SER A OG  1 
ATOM   139 N  N   . VAL A 1 18 ? -4.033  -6.394  7.530   1.00 20.50 ? 20  VAL A N   1 
ATOM   140 C  CA  . VAL A 1 18 ? -3.091  -6.047  8.581   1.00 20.87 ? 20  VAL A CA  1 
ATOM   141 C  C   . VAL A 1 18 ? -3.786  -5.342  9.748   1.00 21.91 ? 20  VAL A C   1 
ATOM   142 O  O   . VAL A 1 18 ? -3.170  -4.617  10.535  1.00 25.62 ? 20  VAL A O   1 
ATOM   143 C  CB  . VAL A 1 18 ? -1.878  -5.234  8.086   1.00 20.24 ? 20  VAL A CB  1 
ATOM   144 C  CG1 . VAL A 1 18 ? -1.009  -6.097  7.216   1.00 24.15 ? 20  VAL A CG1 1 
ATOM   145 C  CG2 . VAL A 1 18 ? -2.289  -3.961  7.368   1.00 19.82 ? 20  VAL A CG2 1 
ATOM   146 N  N   . GLY A 1 19 ? -5.064  -5.627  9.910   1.00 22.50 ? 21  GLY A N   1 
ATOM   147 C  CA  . GLY A 1 19 ? -5.770  -5.213  11.129  1.00 23.63 ? 21  GLY A CA  1 
ATOM   148 C  C   . GLY A 1 19 ? -6.338  -3.824  11.111  1.00 25.59 ? 21  GLY A C   1 
ATOM   149 O  O   . GLY A 1 19 ? -6.710  -3.345  12.163  1.00 27.82 ? 21  GLY A O   1 
ATOM   150 N  N   . ALA A 1 20 ? -6.411  -3.193  9.947   1.00 21.55 ? 22  ALA A N   1 
ATOM   151 C  CA  . ALA A 1 20 ? -7.147  -1.914  9.908   1.00 24.73 ? 22  ALA A CA  1 
ATOM   152 C  C   . ALA A 1 20 ? -8.624  -2.302  10.021  1.00 23.91 ? 22  ALA A C   1 
ATOM   153 O  O   . ALA A 1 20 ? -9.032  -3.314  9.479   1.00 26.65 ? 22  ALA A O   1 
ATOM   154 C  CB  . ALA A 1 20 ? -6.861  -1.166  8.637   1.00 23.51 ? 22  ALA A CB  1 
ATOM   155 N  N   . GLN A 1 21 ? -9.397  -1.529  10.740  1.00 27.52 ? 23  GLN A N   1 
ATOM   156 C  CA  . GLN A 1 21 ? -10.795 -1.973  10.913  1.00 26.58 ? 23  GLN A CA  1 
ATOM   157 C  C   . GLN A 1 21 ? -11.761 -1.064  10.148  1.00 27.63 ? 23  GLN A C   1 
ATOM   158 O  O   . GLN A 1 21 ? -12.818 -1.519  9.816   1.00 33.29 ? 23  GLN A O   1 
ATOM   159 C  CB  . GLN A 1 21 ? -11.058 -2.051  12.419  1.00 29.05 ? 23  GLN A CB  1 
ATOM   160 C  CG  . GLN A 1 21 ? -10.415 -3.263  13.085  1.00 30.27 ? 23  GLN A CG  1 
ATOM   161 C  CD  . GLN A 1 21 ? -10.271 -3.207  14.593  1.00 34.19 ? 23  GLN A CD  1 
ATOM   162 O  OE1 . GLN A 1 21 ? -10.125 -4.219  15.256  1.00 46.03 ? 23  GLN A OE1 1 
ATOM   163 N  NE2 . GLN A 1 21 ? -10.277 -2.014  15.154  1.00 34.04 ? 23  GLN A NE2 1 
ATOM   164 N  N   . LYS A 1 22 ? -11.340 0.113   9.746   1.00 23.72 ? 24  LYS A N   1 
ATOM   165 C  CA  . LYS A 1 22 ? -12.322 1.051   9.160   1.00 23.31 ? 24  LYS A CA  1 
ATOM   166 C  C   . LYS A 1 22 ? -12.329 1.083   7.632   1.00 18.02 ? 24  LYS A C   1 
ATOM   167 O  O   . LYS A 1 22 ? -11.581 0.382   6.969   1.00 20.52 ? 24  LYS A O   1 
ATOM   168 C  CB  . LYS A 1 22 ? -12.095 2.430   9.770   1.00 24.04 ? 24  LYS A CB  1 
ATOM   169 C  CG  . LYS A 1 22 ? -10.667 2.921   9.623   1.00 25.62 ? 24  LYS A CG  1 
ATOM   170 C  CD  . LYS A 1 22 ? -10.326 4.088   10.508  1.00 25.55 ? 24  LYS A CD  1 
ATOM   171 C  CE  . LYS A 1 22 ? -8.928  4.600   10.274  1.00 24.96 ? 24  LYS A CE  1 
ATOM   172 N  NZ  . LYS A 1 22 ? -8.560  5.629   11.267  1.00 31.15 ? 24  LYS A NZ  1 
ATOM   173 N  N   . ASP A 1 23 ? -13.206 1.936   7.139   1.00 19.69 ? 25  ASP A N   1 
ATOM   174 C  CA  . ASP A 1 23 ? -13.423 2.076   5.690   1.00 20.15 ? 25  ASP A CA  1 
ATOM   175 C  C   . ASP A 1 23 ? -12.906 3.424   5.181   1.00 17.52 ? 25  ASP A C   1 
ATOM   176 O  O   . ASP A 1 23 ? -12.847 3.540   4.003   1.00 18.70 ? 25  ASP A O   1 
ATOM   177 C  CB  . ASP A 1 23 ? -14.898 1.839   5.390   1.00 24.37 ? 25  ASP A CB  1 
ATOM   178 C  CG  . ASP A 1 23 ? -15.331 0.372   5.500   1.00 28.38 ? 25  ASP A CG  1 
ATOM   179 O  OD1 . ASP A 1 23 ? -14.513 -0.471  5.766   1.00 30.83 ? 25  ASP A OD1 1 
ATOM   180 O  OD2 . ASP A 1 23 ? -16.502 0.109   5.298   1.00 35.95 ? 25  ASP A OD2 1 
ATOM   181 N  N   . THR A 1 24 ? -12.589 4.369   6.066   1.00 17.76 ? 26  THR A N   1 
ATOM   182 C  CA  . THR A 1 24 ? -12.012 5.683   5.645   1.00 16.32 ? 26  THR A CA  1 
ATOM   183 C  C   . THR A 1 24 ? -10.737 5.954   6.440   1.00 15.98 ? 26  THR A C   1 
ATOM   184 O  O   . THR A 1 24 ? -10.637 5.557   7.566   1.00 16.37 ? 26  THR A O   1 
ATOM   185 C  CB  . THR A 1 24 ? -12.969 6.870   5.733   1.00 18.73 ? 26  THR A CB  1 
ATOM   186 O  OG1 . THR A 1 24 ? -13.205 7.049   7.115   1.00 21.20 ? 26  THR A OG1 1 
ATOM   187 C  CG2 . THR A 1 24 ? -14.262 6.648   4.981   1.00 19.68 ? 26  THR A CG2 1 
ATOM   188 N  N   . TYR A 1 25 ? -9.756  6.523   5.765   1.00 14.44 ? 27  TYR A N   1 
ATOM   189 C  CA  . TYR A 1 25 ? -8.398  6.706   6.321   1.00 13.34 ? 27  TYR A CA  1 
ATOM   190 C  C   . TYR A 1 25 ? -7.798  8.022   5.856   1.00 14.22 ? 27  TYR A C   1 
ATOM   191 O  O   . TYR A 1 25 ? -8.273  8.621   4.940   1.00 14.91 ? 27  TYR A O   1 
ATOM   192 C  CB  . TYR A 1 25 ? -7.498  5.626   5.687   1.00 15.57 ? 27  TYR A CB  1 
ATOM   193 C  CG  . TYR A 1 25 ? -7.870  4.215   6.044   1.00 16.16 ? 27  TYR A CG  1 
ATOM   194 C  CD1 . TYR A 1 25 ? -8.784  3.503   5.295   1.00 16.47 ? 27  TYR A CD1 1 
ATOM   195 C  CD2 . TYR A 1 25 ? -7.346  3.626   7.164   1.00 19.61 ? 27  TYR A CD2 1 
ATOM   196 C  CE1 . TYR A 1 25 ? -9.231  2.258   5.684   1.00 17.96 ? 27  TYR A CE1 1 
ATOM   197 C  CE2 . TYR A 1 25 ? -7.738  2.361   7.541   1.00 22.39 ? 27  TYR A CE2 1 
ATOM   198 C  CZ  . TYR A 1 25 ? -8.670  1.678   6.792   1.00 19.19 ? 27  TYR A CZ  1 
ATOM   199 O  OH  . TYR A 1 25 ? -9.020  0.425   7.156   1.00 23.71 ? 27  TYR A OH  1 
ATOM   200 N  N   . THR A 1 26 ? -6.733  8.439   6.514   1.00 13.87 ? 28  THR A N   1 
ATOM   201 C  CA  . THR A 1 26 ? -5.918  9.529   5.936   1.00 14.04 ? 28  THR A CA  1 
ATOM   202 C  C   . THR A 1 26 ? -4.863  8.870   5.031   1.00 13.04 ? 28  THR A C   1 
ATOM   203 O  O   . THR A 1 26 ? -4.629  7.683   5.148   1.00 13.20 ? 28  THR A O   1 
ATOM   204 C  CB  . THR A 1 26 ? -5.193  10.359  7.006   1.00 14.34 ? 28  THR A CB  1 
ATOM   205 O  OG1 . THR A 1 26 ? -4.197  9.531   7.585   1.00 15.60 ? 28  THR A OG1 1 
ATOM   206 C  CG2 . THR A 1 26 ? -6.090  10.955  8.069   1.00 16.99 ? 28  THR A CG2 1 
ATOM   207 N  N   . MET A 1 27 ? -4.261  9.665   4.162   1.00 12.78 ? 29  MET A N   1 
ATOM   208 C  CA  . MET A 1 27 ? -3.202  9.126   3.281   1.00 12.83 ? 29  MET A CA  1 
ATOM   209 C  C   . MET A 1 27 ? -2.030  8.573   4.114   1.00 13.18 ? 29  MET A C   1 
ATOM   210 O  O   . MET A 1 27 ? -1.489  7.568   3.756   1.00 13.32 ? 29  MET A O   1 
ATOM   211 C  CB  . MET A 1 27 ? -2.688  10.216  2.330   1.00 14.75 ? 29  MET A CB  1 
ATOM   212 C  CG  . MET A 1 27 ? -3.702  10.563  1.244   1.00 18.43 ? 29  MET A CG  1 
ATOM   213 S  SD  . MET A 1 27 ? -3.964  9.196   0.074   1.00 21.49 ? 29  MET A SD  1 
ATOM   214 C  CE  . MET A 1 27 ? -2.340  9.062   -0.660  1.00 21.98 ? 29  MET A CE  1 
ATOM   215 N  N   . LYS A 1 28 ? -1.683  9.233   5.211   1.00 11.95 ? 30  LYS A N   1 
ATOM   216 C  CA  . LYS A 1 28 ? -0.556  8.712   6.040   1.00 13.19 ? 30  LYS A CA  1 
ATOM   217 C  C   . LYS A 1 28 ? -0.931  7.362   6.650   1.00 12.11 ? 30  LYS A C   1 
ATOM   218 O  O   . LYS A 1 28 ? -0.069  6.543   6.788   1.00 12.91 ? 30  LYS A O   1 
ATOM   219 C  CB  . LYS A 1 28 ? -0.129  9.734   7.093   1.00 15.42 ? 30  LYS A CB  1 
ATOM   220 C  CG  . LYS A 1 28 ? 0.644   10.897  6.509   1.00 19.13 ? 30  LYS A CG  1 
ATOM   221 C  CD  . LYS A 1 28 ? 0.971   11.937  7.516   1.00 24.99 ? 30  LYS A CD  1 
ATOM   222 C  CE  . LYS A 1 28 ? 1.664   13.132  6.903   1.00 30.15 ? 30  LYS A CE  1 
ATOM   223 N  NZ  . LYS A 1 28 ? 3.121   12.969  7.017   1.00 35.70 ? 30  LYS A NZ  1 
ATOM   224 N  N   . GLU A 1 29 ? -2.191  7.194   7.029   1.00 12.04 ? 31  GLU A N   1 
ATOM   225 C  CA  . GLU A 1 29 ? -2.606  5.867   7.561   1.00 12.39 ? 31  GLU A CA  1 
ATOM   226 C  C   . GLU A 1 29 ? -2.520  4.798   6.452   1.00 12.06 ? 31  GLU A C   1 
ATOM   227 O  O   . GLU A 1 29 ? -2.119  3.715   6.718   1.00 12.82 ? 31  GLU A O   1 
ATOM   228 C  CB  . GLU A 1 29 ? -4.026  5.953   8.105   1.00 13.43 ? 31  GLU A CB  1 
ATOM   229 C  CG  . GLU A 1 29 ? -4.184  6.800   9.355   1.00 15.33 ? 31  GLU A CG  1 
ATOM   230 C  CD  . GLU A 1 29 ? -5.640  6.806   9.828   1.00 17.63 ? 31  GLU A CD  1 
ATOM   231 O  OE1 . GLU A 1 29 ? -6.510  7.148   9.065   1.00 17.89 ? 31  GLU A OE1 1 
ATOM   232 O  OE2 . GLU A 1 29 ? -5.884  6.391   10.947  1.00 22.08 ? 31  GLU A OE2 1 
ATOM   233 N  N   . VAL A 1 30 ? -2.958  5.126   5.235   1.00 12.29 ? 32  VAL A N   1 
ATOM   234 C  CA  . VAL A 1 30 ? -2.905  4.133   4.127   1.00 12.12 ? 32  VAL A CA  1 
ATOM   235 C  C   . VAL A 1 30 ? -1.439  3.731   3.925   1.00 12.13 ? 32  VAL A C   1 
ATOM   236 O  O   . VAL A 1 30 ? -1.176  2.582   3.795   1.00 13.45 ? 32  VAL A O   1 
ATOM   237 C  CB  . VAL A 1 30 ? -3.532  4.699   2.835   1.00 12.49 ? 32  VAL A CB  1 
ATOM   238 C  CG1 . VAL A 1 30 ? -3.311  3.745   1.674   1.00 14.75 ? 32  VAL A CG1 1 
ATOM   239 C  CG2 . VAL A 1 30 ? -5.010  4.977   3.020   1.00 13.87 ? 32  VAL A CG2 1 
ATOM   240 N  N   . LEU A 1 31 ? -0.549  4.711   3.879   1.00 12.23 ? 33  LEU A N   1 
ATOM   241 C  CA  . LEU A 1 31 ? 0.900   4.432   3.694   1.00 13.92 ? 33  LEU A CA  1 
ATOM   242 C  C   . LEU A 1 31 ? 1.427   3.569   4.842   1.00 13.80 ? 33  LEU A C   1 
ATOM   243 O  O   . LEU A 1 31 ? 2.117   2.628   4.602   1.00 14.41 ? 33  LEU A O   1 
ATOM   244 C  CB  . LEU A 1 31 ? 1.653   5.761   3.634   1.00 14.19 ? 33  LEU A CB  1 
ATOM   245 C  CG  . LEU A 1 31 ? 1.483   6.510   2.314   1.00 15.40 ? 33  LEU A CG  1 
ATOM   246 C  CD1 . LEU A 1 31 ? 1.928   7.944   2.462   1.00 17.50 ? 33  LEU A CD1 1 
ATOM   247 C  CD2 . LEU A 1 31 ? 2.233   5.840   1.185   1.00 15.62 ? 33  LEU A CD2 1 
ATOM   248 N  N   . PHE A 1 32 ? 1.049   3.919   6.063   1.00 12.92 ? 34  PHE A N   1 
ATOM   249 C  CA  . PHE A 1 32 ? 1.523   3.150   7.228   1.00 13.26 ? 34  PHE A CA  1 
ATOM   250 C  C   . PHE A 1 32 ? 1.121   1.680   7.088   1.00 12.65 ? 34  PHE A C   1 
ATOM   251 O  O   . PHE A 1 32 ? 1.929   0.818   7.277   1.00 13.24 ? 34  PHE A O   1 
ATOM   252 C  CB  . PHE A 1 32 ? 0.948   3.760   8.500   1.00 14.92 ? 34  PHE A CB  1 
ATOM   253 C  CG  . PHE A 1 32 ? 1.440   3.038   9.725   1.00 16.06 ? 34  PHE A CG  1 
ATOM   254 C  CD1 . PHE A 1 32 ? 0.785   1.916   10.182  1.00 17.18 ? 34  PHE A CD1 1 
ATOM   255 C  CD2 . PHE A 1 32 ? 2.579   3.460   10.375  1.00 17.34 ? 34  PHE A CD2 1 
ATOM   256 C  CE1 . PHE A 1 32 ? 1.253   1.241   11.295  1.00 19.59 ? 34  PHE A CE1 1 
ATOM   257 C  CE2 . PHE A 1 32 ? 3.047   2.772   11.476  1.00 20.30 ? 34  PHE A CE2 1 
ATOM   258 C  CZ  . PHE A 1 32 ? 2.378   1.679   11.924  1.00 19.26 ? 34  PHE A CZ  1 
ATOM   259 N  N   . TYR A 1 33 ? -0.144  1.442   6.801   1.00 13.04 ? 35  TYR A N   1 
ATOM   260 C  CA  . TYR A 1 33 ? -0.669  0.065   6.715   1.00 13.36 ? 35  TYR A CA  1 
ATOM   261 C  C   . TYR A 1 33 ? -0.066  -0.674  5.517   1.00 13.51 ? 35  TYR A C   1 
ATOM   262 O  O   . TYR A 1 33 ? 0.185   -1.820  5.657   1.00 14.58 ? 35  TYR A O   1 
ATOM   263 C  CB  . TYR A 1 33 ? -2.193  0.084   6.739   1.00 13.60 ? 35  TYR A CB  1 
ATOM   264 C  CG  . TYR A 1 33 ? -2.785  0.372   8.094   1.00 15.29 ? 35  TYR A CG  1 
ATOM   265 C  CD1 . TYR A 1 33 ? -2.511  -0.418  9.191   1.00 16.48 ? 35  TYR A CD1 1 
ATOM   266 C  CD2 . TYR A 1 33 ? -3.691  1.394   8.264   1.00 15.62 ? 35  TYR A CD2 1 
ATOM   267 C  CE1 . TYR A 1 33 ? -3.093  -0.174  10.424  1.00 17.95 ? 35  TYR A CE1 1 
ATOM   268 C  CE2 . TYR A 1 33 ? -4.267  1.666   9.492   1.00 17.25 ? 35  TYR A CE2 1 
ATOM   269 C  CZ  . TYR A 1 33 ? -3.970  0.873   10.577  1.00 16.90 ? 35  TYR A CZ  1 
ATOM   270 O  OH  . TYR A 1 33 ? -4.530  1.134   11.791  1.00 19.98 ? 35  TYR A OH  1 
ATOM   271 N  N   . LEU A 1 34 ? 0.118   -0.010  4.370   1.00 13.66 ? 36  LEU A N   1 
ATOM   272 C  CA  . LEU A 1 34 ? 0.787   -0.714  3.269   1.00 13.79 ? 36  LEU A CA  1 
ATOM   273 C  C   . LEU A 1 34 ? 2.191   -1.108  3.641   1.00 14.41 ? 36  LEU A C   1 
ATOM   274 O  O   . LEU A 1 34 ? 2.647   -2.198  3.286   1.00 15.10 ? 36  LEU A O   1 
ATOM   275 C  CB  . LEU A 1 34 ? 0.782   0.162   2.018   1.00 15.35 ? 36  LEU A CB  1 
ATOM   276 C  CG  . LEU A 1 34 ? -0.567  0.272   1.337   1.00 16.23 ? 36  LEU A CG  1 
ATOM   277 C  CD1 . LEU A 1 34 ? -0.503  1.331   0.262   1.00 18.41 ? 36  LEU A CD1 1 
ATOM   278 C  CD2 . LEU A 1 34 ? -1.044  -1.039  0.752   1.00 19.19 ? 36  LEU A CD2 1 
ATOM   279 N  N   . GLY A 1 35 ? 2.895   -0.246  4.318   1.00 13.66 ? 37  GLY A N   1 
ATOM   280 C  CA  . GLY A 1 35 ? 4.219   -0.589  4.837   1.00 15.15 ? 37  GLY A CA  1 
ATOM   281 C  C   . GLY A 1 35 ? 4.161   -1.850  5.711   1.00 16.08 ? 37  GLY A C   1 
ATOM   282 O  O   . GLY A 1 35 ? 4.980   -2.739  5.661   1.00 15.44 ? 37  GLY A O   1 
ATOM   283 N  N   . GLN A 1 36 ? 3.164   -1.880  6.600   1.00 15.45 ? 38  GLN A N   1 
ATOM   284 C  CA  . GLN A 1 36 ? 3.011   -3.024  7.488   1.00 15.75 ? 38  GLN A CA  1 
ATOM   285 C  C   . GLN A 1 36 ? 2.685   -4.285  6.713   1.00 16.67 ? 38  GLN A C   1 
ATOM   286 O  O   . GLN A 1 36 ? 3.083   -5.391  7.136   1.00 17.93 ? 38  GLN A O   1 
ATOM   287 C  CB  . GLN A 1 36 ? 1.875   -2.769  8.474   1.00 17.93 ? 38  GLN A CB  1 
ATOM   288 C  CG  . GLN A 1 36 ? 2.262   -1.765  9.487   1.00 19.03 ? 38  GLN A CG  1 
ATOM   289 C  CD  . GLN A 1 36 ? 3.508   -2.226  10.185  1.00 20.54 ? 38  GLN A CD  1 
ATOM   290 O  OE1 . GLN A 1 36 ? 3.490   -3.299  10.826  1.00 20.16 ? 38  GLN A OE1 1 
ATOM   291 N  NE2 . GLN A 1 36 ? 4.586   -1.459  10.074  1.00 20.19 ? 38  GLN A NE2 1 
ATOM   292 N  N   . TYR A 1 37 ? 1.920   -4.189  5.640   1.00 15.66 ? 39  TYR A N   1 
ATOM   293 C  CA  . TYR A 1 37 ? 1.615   -5.341  4.838   1.00 16.83 ? 39  TYR A CA  1 
ATOM   294 C  C   . TYR A 1 37 ? 2.914   -5.900  4.291   1.00 18.08 ? 39  TYR A C   1 
ATOM   295 O  O   . TYR A 1 37 ? 3.173   -7.143  4.354   1.00 18.66 ? 39  TYR A O   1 
ATOM   296 C  CB  . TYR A 1 37 ? 0.646   -4.927  3.752   1.00 18.02 ? 39  TYR A CB  1 
ATOM   297 C  CG  . TYR A 1 37 ? 0.268   -6.035  2.811   1.00 18.86 ? 39  TYR A CG  1 
ATOM   298 C  CD1 . TYR A 1 37 ? 1.007   -6.289  1.669   1.00 19.62 ? 39  TYR A CD1 1 
ATOM   299 C  CD2 . TYR A 1 37 ? -0.874  -6.804  3.011   1.00 19.38 ? 39  TYR A CD2 1 
ATOM   300 C  CE1 . TYR A 1 37 ? 0.667   -7.304  0.793   1.00 22.27 ? 39  TYR A CE1 1 
ATOM   301 C  CE2 . TYR A 1 37 ? -1.240  -7.819  2.145   1.00 22.10 ? 39  TYR A CE2 1 
ATOM   302 C  CZ  . TYR A 1 37 ? -0.486  -8.036  1.003   1.00 20.47 ? 39  TYR A CZ  1 
ATOM   303 O  OH  . TYR A 1 37 ? -0.858  -9.045  0.165   1.00 23.65 ? 39  TYR A OH  1 
ATOM   304 N  N   . ILE A 1 38 ? 3.795   -5.037  3.769   1.00 15.64 ? 40  ILE A N   1 
ATOM   305 C  CA  . ILE A 1 38 ? 5.077   -5.473  3.234   1.00 16.81 ? 40  ILE A CA  1 
ATOM   306 C  C   . ILE A 1 38 ? 5.920   -6.129  4.335   1.00 19.32 ? 40  ILE A C   1 
ATOM   307 O  O   . ILE A 1 38 ? 6.587   -7.151  4.070   1.00 18.29 ? 40  ILE A O   1 
ATOM   308 C  CB  . ILE A 1 38 ? 5.788   -4.281  2.566   1.00 16.71 ? 40  ILE A CB  1 
ATOM   309 C  CG1 . ILE A 1 38 ? 4.997   -3.849  1.349   1.00 16.54 ? 40  ILE A CG1 1 
ATOM   310 C  CG2 . ILE A 1 38 ? 7.232   -4.637  2.218   1.00 16.34 ? 40  ILE A CG2 1 
ATOM   311 C  CD1 . ILE A 1 38 ? 5.362   -2.470  0.861   1.00 16.98 ? 40  ILE A CD1 1 
ATOM   312 N  N   . MET A 1 39 ? 5.991   -5.508  5.507   1.00 17.74 ? 41  MET A N   1 
ATOM   313 C  CA  . MET A 1 39 ? 6.802   -6.007  6.608   1.00 21.20 ? 41  MET A CA  1 
ATOM   314 C  C   . MET A 1 39 ? 6.268   -7.358  7.081   1.00 22.01 ? 41  MET A C   1 
ATOM   315 O  O   . MET A 1 39 ? 7.086   -8.322  7.198   1.00 24.72 ? 41  MET A O   1 
ATOM   316 C  CB  . MET A 1 39 ? 6.849   -5.073  7.814   1.00 20.97 ? 41  MET A CB  1 
ATOM   317 C  CG  . MET A 1 39 ? 7.471   -3.751  7.624   1.00 22.54 ? 41  MET A CG  1 
ATOM   318 S  SD  . MET A 1 39 ? 9.102   -3.825  6.848   1.00 24.40 ? 41  MET A SD  1 
ATOM   319 C  CE  . MET A 1 39 ? 9.963   -4.705  8.147   1.00 26.99 ? 41  MET A CE  1 
ATOM   320 N  N   . THR A 1 40 ? 4.962   -7.502  7.256   1.00 21.94 ? 42  THR A N   1 
ATOM   321 C  CA  . THR A 1 40 ? 4.385   -8.742  7.843   1.00 24.77 ? 42  THR A CA  1 
ATOM   322 C  C   . THR A 1 40 ? 4.491   -9.895  6.852   1.00 26.25 ? 42  THR A C   1 
ATOM   323 O  O   . THR A 1 40 ? 4.681   -11.059 7.281   1.00 27.11 ? 42  THR A O   1 
ATOM   324 C  CB  . THR A 1 40 ? 2.941   -8.521  8.315   1.00 27.14 ? 42  THR A CB  1 
ATOM   325 O  OG1 . THR A 1 40 ? 2.087   -8.202  7.217   1.00 29.26 ? 42  THR A OG1 1 
ATOM   326 C  CG2 . THR A 1 40 ? 2.852   -7.486  9.416   1.00 28.95 ? 42  THR A CG2 1 
ATOM   327 N  N   . LYS A 1 41 ? 4.411   -9.596  5.568   1.00 23.43 ? 43  LYS A N   1 
ATOM   328 C  CA  . LYS A 1 41 ? 4.489   -10.644 4.536   1.00 25.08 ? 43  LYS A CA  1 
ATOM   329 C  C   . LYS A 1 41 ? 5.925   -10.824 4.036   1.00 23.51 ? 43  LYS A C   1 
ATOM   330 O  O   . LYS A 1 41 ? 6.085   -11.614 3.134   1.00 28.15 ? 43  LYS A O   1 
ATOM   331 C  CB  . LYS A 1 41 ? 3.517   -10.328 3.409   1.00 27.86 ? 43  LYS A CB  1 
ATOM   332 C  CG  . LYS A 1 41 ? 2.063   -10.274 3.842   1.00 30.84 ? 43  LYS A CG  1 
ATOM   333 C  CD  . LYS A 1 41 ? 1.182   -10.426 2.691   1.00 33.45 ? 43  LYS A CD  1 
ATOM   334 C  CE  . LYS A 1 41 ? 0.910   -11.873 2.378   1.00 36.02 ? 43  LYS A CE  1 
ATOM   335 N  NZ  . LYS A 1 41 ? 0.134   -12.004 1.135   1.00 37.88 ? 43  LYS A NZ  1 
ATOM   336 N  N   . ARG A 1 42 ? 6.889   -10.131 4.629   1.00 23.61 ? 44  ARG A N   1 
ATOM   337 C  CA  . ARG A 1 42 ? 8.324   -10.292 4.278   1.00 24.64 ? 44  ARG A CA  1 
ATOM   338 C  C   . ARG A 1 42 ? 8.513   -10.149 2.764   1.00 25.00 ? 44  ARG A C   1 
ATOM   339 O  O   . ARG A 1 42 ? 9.111   -10.999 2.144   1.00 24.50 ? 44  ARG A O   1 
ATOM   340 C  CB  . ARG A 1 42 ? 8.828   -11.648 4.788   1.00 28.11 ? 44  ARG A CB  1 
ATOM   341 C  CG  . ARG A 1 42 ? 8.554   -11.887 6.257   1.00 31.00 ? 44  ARG A CG  1 
ATOM   342 C  CD  . ARG A 1 42 ? 9.449   -11.073 7.125   1.00 38.94 ? 44  ARG A CD  1 
ATOM   343 N  NE  . ARG A 1 42 ? 9.395   -11.707 8.424   1.00 43.52 ? 44  ARG A NE  1 
ATOM   344 C  CZ  . ARG A 1 42 ? 9.892   -11.211 9.543   1.00 48.55 ? 44  ARG A CZ  1 
ATOM   345 N  NH1 . ARG A 1 42 ? 9.089   -10.964 10.564  1.00 46.67 ? 44  ARG A NH1 1 
ATOM   346 N  NH2 . ARG A 1 42 ? 11.189  -11.021 9.660   1.00 44.24 ? 44  ARG A NH2 1 
ATOM   347 N  N   . LEU A 1 43 ? 8.084   -9.031  2.202   1.00 20.47 ? 45  LEU A N   1 
ATOM   348 C  CA  . LEU A 1 43 ? 8.171   -8.850  0.749   1.00 20.54 ? 45  LEU A CA  1 
ATOM   349 C  C   . LEU A 1 43 ? 9.392   -7.977  0.471   1.00 18.26 ? 45  LEU A C   1 
ATOM   350 O  O   . LEU A 1 43 ? 9.653   -7.670  -0.686  1.00 21.82 ? 45  LEU A O   1 
ATOM   351 C  CB  . LEU A 1 43 ? 6.890   -8.229  0.184   1.00 19.86 ? 45  LEU A CB  1 
ATOM   352 C  CG  . LEU A 1 43 ? 5.595   -9.035  0.271   1.00 22.22 ? 45  LEU A CG  1 
ATOM   353 C  CD1 . LEU A 1 43 ? 4.415   -8.256  -0.299  1.00 22.99 ? 45  LEU A CD1 1 
ATOM   354 C  CD2 . LEU A 1 43 ? 5.701   -10.402 -0.383  1.00 22.41 ? 45  LEU A CD2 1 
ATOM   355 N  N   . TYR A 1 44 ? 10.149  -7.675  1.493   1.00 18.99 ? 46  TYR A N   1 
ATOM   356 C  CA  . TYR A 1 44 ? 11.324  -6.813  1.267   1.00 19.67 ? 46  TYR A CA  1 
ATOM   357 C  C   . TYR A 1 44 ? 12.621  -7.632  1.232   1.00 20.61 ? 46  TYR A C   1 
ATOM   358 O  O   . TYR A 1 44 ? 12.660  -8.743  1.715   1.00 21.98 ? 46  TYR A O   1 
ATOM   359 C  CB  . TYR A 1 44 ? 11.391  -5.761  2.366   1.00 18.24 ? 46  TYR A CB  1 
ATOM   360 C  CG  . TYR A 1 44 ? 11.476  -6.365  3.740   1.00 21.54 ? 46  TYR A CG  1 
ATOM   361 C  CD1 . TYR A 1 44 ? 10.335  -6.721  4.434   1.00 22.07 ? 46  TYR A CD1 1 
ATOM   362 C  CD2 . TYR A 1 44 ? 12.698  -6.575  4.342   1.00 22.60 ? 46  TYR A CD2 1 
ATOM   363 C  CE1 . TYR A 1 44 ? 10.422  -7.288  5.692   1.00 24.33 ? 46  TYR A CE1 1 
ATOM   364 C  CE2 . TYR A 1 44 ? 12.807  -7.122  5.605   1.00 24.93 ? 46  TYR A CE2 1 
ATOM   365 C  CZ  . TYR A 1 44 ? 11.657  -7.483  6.272   1.00 24.73 ? 46  TYR A CZ  1 
ATOM   366 O  OH  . TYR A 1 44 ? 11.755  -8.062  7.495   1.00 26.34 ? 46  TYR A OH  1 
ATOM   367 N  N   . ASP A 1 45 ? 13.644  -7.040  0.633   1.00 17.63 ? 47  ASP A N   1 
ATOM   368 C  CA  . ASP A 1 45 ? 15.006  -7.623  0.597   1.00 18.87 ? 47  ASP A CA  1 
ATOM   369 C  C   . ASP A 1 45 ? 15.614  -7.458  1.995   1.00 19.52 ? 47  ASP A C   1 
ATOM   370 O  O   . ASP A 1 45 ? 15.661  -6.401  2.490   1.00 20.00 ? 47  ASP A O   1 
ATOM   371 C  CB  . ASP A 1 45 ? 15.858  -6.923  -0.474  1.00 19.03 ? 47  ASP A CB  1 
ATOM   372 C  CG  . ASP A 1 45 ? 17.307  -7.384  -0.537  1.00 19.85 ? 47  ASP A CG  1 
ATOM   373 O  OD1 . ASP A 1 45 ? 17.545  -8.548  -0.327  1.00 22.96 ? 47  ASP A OD1 1 
ATOM   374 O  OD2 . ASP A 1 45 ? 18.165  -6.573  -0.791  1.00 22.29 ? 47  ASP A OD2 1 
ATOM   375 N  N   . GLU A 1 46 ? 16.161  -8.536  2.553   1.00 24.05 ? 48  GLU A N   1 
ATOM   376 C  CA  . GLU A 1 46 ? 16.822  -8.508  3.889   1.00 24.77 ? 48  GLU A CA  1 
ATOM   377 C  C   . GLU A 1 46 ? 18.062  -7.586  3.888   1.00 24.44 ? 48  GLU A C   1 
ATOM   378 O  O   . GLU A 1 46 ? 18.277  -6.901  4.867   1.00 25.67 ? 48  GLU A O   1 
ATOM   379 C  CB  . GLU A 1 46 ? 17.193  -9.940  4.293   1.00 32.86 ? 48  GLU A CB  1 
ATOM   380 C  CG  . GLU A 1 46 ? 15.998  -10.896 4.304   1.00 38.34 ? 48  GLU A CG  1 
ATOM   381 C  CD  . GLU A 1 46 ? 16.210  -12.420 4.289   1.00 44.00 ? 48  GLU A CD  1 
ATOM   382 O  OE1 . GLU A 1 46 ? 16.271  -13.029 5.387   1.00 47.93 ? 48  GLU A OE1 1 
ATOM   383 O  OE2 . GLU A 1 46 ? 16.259  -13.030 3.170   1.00 39.81 ? 48  GLU A OE2 1 
ATOM   384 N  N   . LYS A 1 47 ? 18.831  -7.529  2.805   1.00 22.03 ? 49  LYS A N   1 
ATOM   385 C  CA  . LYS A 1 47 ? 20.047  -6.675  2.810   1.00 25.41 ? 49  LYS A CA  1 
ATOM   386 C  C   . LYS A 1 47 ? 19.749  -5.191  2.548   1.00 22.76 ? 49  LYS A C   1 
ATOM   387 O  O   . LYS A 1 47 ? 20.269  -4.335  3.267   1.00 23.37 ? 49  LYS A O   1 
ATOM   388 C  CB  . LYS A 1 47 ? 21.068  -7.228  1.825   1.00 26.35 ? 49  LYS A CB  1 
ATOM   389 C  CG  . LYS A 1 47 ? 22.490  -7.100  2.352   1.00 36.97 ? 49  LYS A CG  1 
ATOM   390 C  CD  . LYS A 1 47 ? 23.181  -5.834  1.930   1.00 43.01 ? 49  LYS A CD  1 
ATOM   391 C  CE  . LYS A 1 47 ? 24.646  -6.057  1.616   1.00 46.03 ? 49  LYS A CE  1 
ATOM   392 N  NZ  . LYS A 1 47 ? 25.366  -4.782  1.390   1.00 49.69 ? 49  LYS A NZ  1 
ATOM   393 N  N   . GLN A 1 48 ? 18.990  -4.896  1.497   1.00 20.90 ? 50  GLN A N   1 
ATOM   394 C  CA  . GLN A 1 48 ? 18.583  -3.503  1.175   1.00 20.70 ? 50  GLN A CA  1 
ATOM   395 C  C   . GLN A 1 48 ? 17.065  -3.483  1.364   1.00 18.82 ? 50  GLN A C   1 
ATOM   396 O  O   . GLN A 1 48 ? 16.349  -3.782  0.452   1.00 18.90 ? 50  GLN A O   1 
ATOM   397 C  CB  . GLN A 1 48 ? 19.115  -3.073  -0.192  1.00 19.93 ? 50  GLN A CB  1 
ATOM   398 C  CG  . GLN A 1 48 ? 20.639  -2.987  -0.244  1.00 23.17 ? 50  GLN A CG  1 
ATOM   399 C  CD  . GLN A 1 48 ? 21.151  -2.236  -1.448  1.00 23.81 ? 50  GLN A CD  1 
ATOM   400 O  OE1 . GLN A 1 48 ? 20.470  -1.420  -2.041  1.00 27.55 ? 50  GLN A OE1 1 
ATOM   401 N  NE2 . GLN A 1 48 ? 22.376  -2.547  -1.820  1.00 30.41 ? 50  GLN A NE2 1 
ATOM   402 N  N   . GLN A 1 49 ? 16.639  -3.119  2.575   1.00 18.89 ? 51  GLN A N   1 
ATOM   403 C  CA  . GLN A 1 49 ? 15.229  -3.234  3.008   1.00 18.75 ? 51  GLN A CA  1 
ATOM   404 C  C   . GLN A 1 49 ? 14.273  -2.294  2.275   1.00 18.63 ? 51  GLN A C   1 
ATOM   405 O  O   . GLN A 1 49 ? 13.096  -2.451  2.466   1.00 19.84 ? 51  GLN A O   1 
ATOM   406 C  CB  . GLN A 1 49 ? 15.183  -3.220  4.534   1.00 22.95 ? 51  GLN A CB  1 
ATOM   407 C  CG  . GLN A 1 49 ? 16.028  -4.352  5.088   1.00 24.75 ? 51  GLN A CG  1 
ATOM   408 C  CD  . GLN A 1 49 ? 15.851  -4.547  6.566   1.00 32.37 ? 51  GLN A CD  1 
ATOM   409 O  OE1 . GLN A 1 49 ? 15.318  -3.692  7.241   1.00 36.51 ? 51  GLN A OE1 1 
ATOM   410 N  NE2 . GLN A 1 49 ? 16.220  -5.713  7.040   1.00 34.45 ? 51  GLN A NE2 1 
ATOM   411 N  N   . HIS A 1 50 ? 14.788  -1.385  1.472   1.00 16.79 ? 52  HIS A N   1 
ATOM   412 C  CA  . HIS A 1 50 ? 13.920  -0.492  0.675   1.00 16.49 ? 52  HIS A CA  1 
ATOM   413 C  C   . HIS A 1 50 ? 13.350  -1.221  -0.558  1.00 15.11 ? 52  HIS A C   1 
ATOM   414 O  O   . HIS A 1 50 ? 12.478  -0.682  -1.181  1.00 16.11 ? 52  HIS A O   1 
ATOM   415 C  CB  . HIS A 1 50 ? 14.749  0.677   0.123   1.00 20.95 ? 52  HIS A CB  1 
ATOM   416 C  CG  . HIS A 1 50 ? 15.145  1.742   1.088   1.00 26.82 ? 52  HIS A CG  1 
ATOM   417 N  ND1 . HIS A 1 50 ? 16.325  2.450   0.961   1.00 32.09 ? 52  HIS A ND1 1 
ATOM   418 C  CD2 . HIS A 1 50 ? 14.501  2.315   2.115   1.00 31.67 ? 52  HIS A CD2 1 
ATOM   419 C  CE1 . HIS A 1 50 ? 16.401  3.341   1.918   1.00 28.68 ? 52  HIS A CE1 1 
ATOM   420 N  NE2 . HIS A 1 50 ? 15.318  3.271   2.634   1.00 33.27 ? 52  HIS A NE2 1 
ATOM   421 N  N   . ILE A 1 51 ? 13.838  -2.418  -0.871  1.00 14.48 ? 53  ILE A N   1 
ATOM   422 C  CA  . ILE A 1 51 ? 13.498  -3.096  -2.105  1.00 14.80 ? 53  ILE A CA  1 
ATOM   423 C  C   . ILE A 1 51 ? 12.376  -4.095  -1.830  1.00 15.45 ? 53  ILE A C   1 
ATOM   424 O  O   . ILE A 1 51 ? 12.537  -4.956  -0.966  1.00 17.49 ? 53  ILE A O   1 
ATOM   425 C  CB  . ILE A 1 51 ? 14.714  -3.814  -2.706  1.00 15.00 ? 53  ILE A CB  1 
ATOM   426 C  CG1 . ILE A 1 51 ? 15.908  -2.890  -2.867  1.00 15.34 ? 53  ILE A CG1 1 
ATOM   427 C  CG2 . ILE A 1 51 ? 14.305  -4.493  -3.987  1.00 16.29 ? 53  ILE A CG2 1 
ATOM   428 C  CD1 . ILE A 1 51 ? 17.177  -3.641  -3.216  1.00 18.30 ? 53  ILE A CD1 1 
ATOM   429 N  N   . VAL A 1 52 ? 11.273  -4.009  -2.578  1.00 14.63 ? 54  VAL A N   1 
ATOM   430 C  CA  . VAL A 1 52 ? 10.119  -4.826  -2.444  1.00 15.96 ? 54  VAL A CA  1 
ATOM   431 C  C   . VAL A 1 52 ? 9.958   -5.696  -3.692  1.00 16.26 ? 54  VAL A C   1 
ATOM   432 O  O   . VAL A 1 52 ? 10.001  -5.176  -4.807  1.00 16.92 ? 54  VAL A O   1 
ATOM   433 C  CB  . VAL A 1 52 ? 8.871   -3.948  -2.206  1.00 16.45 ? 54  VAL A CB  1 
ATOM   434 C  CG1 . VAL A 1 52 ? 7.633   -4.805  -2.066  1.00 18.10 ? 54  VAL A CG1 1 
ATOM   435 C  CG2 . VAL A 1 52 ? 9.004   -3.069  -0.998  1.00 17.47 ? 54  VAL A CG2 1 
ATOM   436 N  N   . TYR A 1 53 ? 9.635   -6.979  -3.493  1.00 17.42 ? 55  TYR A N   1 
ATOM   437 C  CA  . TYR A 1 53 ? 9.262   -7.918  -4.577  1.00 17.92 ? 55  TYR A CA  1 
ATOM   438 C  C   . TYR A 1 53 ? 7.809   -8.396  -4.357  1.00 19.36 ? 55  TYR A C   1 
ATOM   439 O  O   . TYR A 1 53 ? 7.547   -9.049  -3.394  1.00 21.61 ? 55  TYR A O   1 
ATOM   440 C  CB  . TYR A 1 53 ? 10.267  -9.079  -4.719  1.00 20.55 ? 55  TYR A CB  1 
ATOM   441 C  CG  . TYR A 1 53 ? 9.927   -9.974  -5.877  1.00 22.37 ? 55  TYR A CG  1 
ATOM   442 C  CD1 . TYR A 1 53 ? 10.257  -9.608  -7.166  1.00 22.00 ? 55  TYR A CD1 1 
ATOM   443 C  CD2 . TYR A 1 53 ? 9.231   -11.160 -5.718  1.00 23.92 ? 55  TYR A CD2 1 
ATOM   444 C  CE1 . TYR A 1 53 ? 9.914   -10.390 -8.262  1.00 21.91 ? 55  TYR A CE1 1 
ATOM   445 C  CE2 . TYR A 1 53 ? 8.911   -11.972 -6.807  1.00 25.49 ? 55  TYR A CE2 1 
ATOM   446 C  CZ  . TYR A 1 53 ? 9.227   -11.570 -8.094  1.00 25.16 ? 55  TYR A CZ  1 
ATOM   447 O  OH  . TYR A 1 53 ? 8.931   -12.336 -9.191  1.00 29.33 ? 55  TYR A OH  1 
ATOM   448 N  N   . CYS A 1 54 ? 6.914   -8.019  -5.266  1.00 21.36 ? 56  CYS A N   1 
ATOM   449 C  CA  . CYS A 1 54 ? 5.477   -8.129  -5.058  1.00 21.53 ? 56  CYS A CA  1 
ATOM   450 C  C   . CYS A 1 54 ? 4.793   -8.909  -6.187  1.00 23.75 ? 56  CYS A C   1 
ATOM   451 O  O   . CYS A 1 54 ? 3.590   -8.968  -6.217  1.00 21.91 ? 56  CYS A O   1 
ATOM   452 C  CB  . CYS A 1 54 ? 4.835   -6.753  -4.850  1.00 24.24 ? 56  CYS A CB  1 
ATOM   453 S  SG  . CYS A 1 54 ? 5.310   -5.528  -6.064  1.00 24.29 ? 56  CYS A SG  1 
ATOM   454 N  N   . SER A 1 55 ? 5.559   -9.534  -7.061  1.00 24.80 ? 57  SER A N   1 
ATOM   455 C  CA  . SER A 1 55 ? 4.979   -10.170 -8.257  1.00 27.22 ? 57  SER A CA  1 
ATOM   456 C  C   . SER A 1 55 ? 3.999   -11.291 -7.904  1.00 29.07 ? 57  SER A C   1 
ATOM   457 O  O   . SER A 1 55 ? 2.996   -11.435 -8.583  1.00 29.83 ? 57  SER A O   1 
ATOM   458 C  CB  . SER A 1 55 ? 6.073   -10.662 -9.126  1.00 30.81 ? 57  SER A CB  1 
ATOM   459 O  OG  . SER A 1 55 ? 5.526   -11.213 -10.302 1.00 36.44 ? 57  SER A OG  1 
ATOM   460 N  N   . ASN A 1 56 ? 4.256   -12.017 -6.845  1.00 24.92 ? 58  ASN A N   1 
ATOM   461 C  CA  . ASN A 1 56 ? 3.369   -13.155 -6.519  1.00 31.88 ? 58  ASN A CA  1 
ATOM   462 C  C   . ASN A 1 56 ? 2.331   -12.767 -5.460  1.00 32.42 ? 58  ASN A C   1 
ATOM   463 O  O   . ASN A 1 56 ? 1.854   -13.645 -4.776  1.00 32.82 ? 58  ASN A O   1 
ATOM   464 C  CB  . ASN A 1 56 ? 4.215   -14.330 -6.043  1.00 34.00 ? 58  ASN A CB  1 
ATOM   465 C  CG  . ASN A 1 56 ? 5.202   -14.778 -7.094  1.00 36.89 ? 58  ASN A CG  1 
ATOM   466 O  OD1 . ASN A 1 56 ? 4.850   -14.880 -8.258  1.00 42.29 ? 58  ASN A OD1 1 
ATOM   467 N  ND2 . ASN A 1 56 ? 6.406   -15.099 -6.673  1.00 34.58 ? 58  ASN A ND2 1 
ATOM   468 N  N   . ASP A 1 57 ? 1.955   -11.494 -5.417  1.00 28.08 ? 59  ASP A N   1 
ATOM   469 C  CA  . ASP A 1 57 ? 1.075   -10.975 -4.352  1.00 26.10 ? 59  ASP A CA  1 
ATOM   470 C  C   . ASP A 1 57 ? 0.058   -9.975  -4.907  1.00 26.40 ? 59  ASP A C   1 
ATOM   471 O  O   . ASP A 1 57 ? 0.279   -9.400  -5.915  1.00 26.59 ? 59  ASP A O   1 
ATOM   472 C  CB  . ASP A 1 57 ? 2.012   -10.307 -3.349  1.00 25.69 ? 59  ASP A CB  1 
ATOM   473 C  CG  . ASP A 1 57 ? 1.400   -10.065 -1.994  1.00 27.49 ? 59  ASP A CG  1 
ATOM   474 O  OD1 . ASP A 1 57 ? 0.723   -9.073  -1.867  1.00 23.21 ? 59  ASP A OD1 1 
ATOM   475 O  OD2 . ASP A 1 57 ? 1.633   -10.855 -1.115  1.00 27.74 ? 59  ASP A OD2 1 
ATOM   476 N  N   . LEU A 1 58 ? -1.035  -9.788  -4.187  1.00 25.98 ? 60  LEU A N   1 
ATOM   477 C  CA  . LEU A 1 58 ? -2.053  -8.760  -4.541  1.00 27.60 ? 60  LEU A CA  1 
ATOM   478 C  C   . LEU A 1 58 ? -1.441  -7.344  -4.556  1.00 25.05 ? 60  LEU A C   1 
ATOM   479 O  O   . LEU A 1 58 ? -1.914  -6.456  -5.298  1.00 23.90 ? 60  LEU A O   1 
ATOM   480 C  CB  . LEU A 1 58 ? -3.215  -8.833  -3.541  1.00 31.01 ? 60  LEU A CB  1 
ATOM   481 C  CG  . LEU A 1 58 ? -4.153  -10.040 -3.634  1.00 34.02 ? 60  LEU A CG  1 
ATOM   482 C  CD1 . LEU A 1 58 ? -5.350  -9.835  -2.710  1.00 36.28 ? 60  LEU A CD1 1 
ATOM   483 C  CD2 . LEU A 1 58 ? -4.623  -10.293 -5.066  1.00 37.90 ? 60  LEU A CD2 1 
ATOM   484 N  N   . LEU A 1 59 ? -0.388  -7.121  -3.749  1.00 22.42 ? 61  LEU A N   1 
ATOM   485 C  CA  . LEU A 1 59 ? 0.298   -5.830  -3.762  1.00 21.56 ? 61  LEU A CA  1 
ATOM   486 C  C   . LEU A 1 59 ? 0.818   -5.498  -5.166  1.00 20.88 ? 61  LEU A C   1 
ATOM   487 O  O   . LEU A 1 59 ? 0.844   -4.339  -5.550  1.00 20.78 ? 61  LEU A O   1 
ATOM   488 C  CB  . LEU A 1 59 ? 1.420   -5.838  -2.737  1.00 21.42 ? 61  LEU A CB  1 
ATOM   489 C  CG  . LEU A 1 59 ? 2.105   -4.494  -2.551  1.00 22.60 ? 61  LEU A CG  1 
ATOM   490 C  CD1 . LEU A 1 59 ? 1.202   -3.493  -1.858  1.00 28.40 ? 61  LEU A CD1 1 
ATOM   491 C  CD2 . LEU A 1 59 ? 3.402   -4.614  -1.808  1.00 23.13 ? 61  LEU A CD2 1 
ATOM   492 N  N   . GLY A 1 60 ? 1.333   -6.493  -5.886  1.00 21.13 ? 62  GLY A N   1 
ATOM   493 C  CA  . GLY A 1 60 ? 1.757   -6.345  -7.254  1.00 22.22 ? 62  GLY A CA  1 
ATOM   494 C  C   . GLY A 1 60 ? 0.639   -5.895  -8.179  1.00 23.87 ? 62  GLY A C   1 
ATOM   495 O  O   . GLY A 1 60 ? 0.869   -5.094  -9.074  1.00 24.10 ? 62  GLY A O   1 
ATOM   496 N  N   . ASP A 1 61 ? -0.586  -6.394  -7.947  1.00 24.73 ? 63  ASP A N   1 
ATOM   497 C  CA  . ASP A 1 61 ? -1.774  -5.896  -8.659  1.00 27.20 ? 63  ASP A CA  1 
ATOM   498 C  C   . ASP A 1 61 ? -2.050  -4.423  -8.337  1.00 26.62 ? 63  ASP A C   1 
ATOM   499 O  O   . ASP A 1 61 ? -2.315  -3.618  -9.227  1.00 30.49 ? 63  ASP A O   1 
ATOM   500 C  CB  . ASP A 1 61 ? -2.993  -6.745  -8.315  1.00 31.51 ? 63  ASP A CB  1 
ATOM   501 C  CG  . ASP A 1 61 ? -2.751  -8.220  -8.563  1.00 35.75 ? 63  ASP A CG  1 
ATOM   502 O  OD1 . ASP A 1 61 ? -1.898  -8.529  -9.426  1.00 45.78 ? 63  ASP A OD1 1 
ATOM   503 O  OD2 . ASP A 1 61 ? -3.400  -9.051  -7.876  1.00 42.70 ? 63  ASP A OD2 1 
ATOM   504 N  N   . LEU A 1 62 ? -1.898  -4.014  -7.080  1.00 23.98 ? 64  LEU A N   1 
ATOM   505 C  CA  . LEU A 1 62 ? -2.114  -2.581  -6.733  1.00 22.85 ? 64  LEU A CA  1 
ATOM   506 C  C   . LEU A 1 62 ? -1.108  -1.663  -7.452  1.00 23.64 ? 64  LEU A C   1 
ATOM   507 O  O   . LEU A 1 62 ? -1.479  -0.616  -8.002  1.00 24.42 ? 64  LEU A O   1 
ATOM   508 C  CB  . LEU A 1 62 ? -2.022  -2.422  -5.212  1.00 25.73 ? 64  LEU A CB  1 
ATOM   509 C  CG  . LEU A 1 62 ? -2.174  -0.993  -4.667  1.00 27.03 ? 64  LEU A CG  1 
ATOM   510 C  CD1 . LEU A 1 62 ? -3.652  -0.660  -4.556  1.00 33.62 ? 64  LEU A CD1 1 
ATOM   511 C  CD2 . LEU A 1 62 ? -1.502  -0.811  -3.304  1.00 30.08 ? 64  LEU A CD2 1 
ATOM   512 N  N   . PHE A 1 63 ? 0.186   -2.028  -7.421  1.00 20.69 ? 65  PHE A N   1 
ATOM   513 C  CA  . PHE A 1 63 ? 1.226   -1.092  -7.856  1.00 20.68 ? 65  PHE A CA  1 
ATOM   514 C  C   . PHE A 1 63 ? 1.564   -1.294  -9.336  1.00 21.22 ? 65  PHE A C   1 
ATOM   515 O  O   . PHE A 1 63 ? 2.199   -0.409  -9.917  1.00 21.50 ? 65  PHE A O   1 
ATOM   516 C  CB  . PHE A 1 63 ? 2.472   -1.132  -6.962  1.00 19.57 ? 65  PHE A CB  1 
ATOM   517 C  CG  . PHE A 1 63 ? 2.296   -0.449  -5.625  1.00 22.13 ? 65  PHE A CG  1 
ATOM   518 C  CD1 . PHE A 1 63 ? 2.073   0.918   -5.538  1.00 22.77 ? 65  PHE A CD1 1 
ATOM   519 C  CD2 . PHE A 1 63 ? 2.411   -1.151  -4.447  1.00 24.52 ? 65  PHE A CD2 1 
ATOM   520 C  CE1 . PHE A 1 63 ? 1.876   1.546   -4.318  1.00 25.42 ? 65  PHE A CE1 1 
ATOM   521 C  CE2 . PHE A 1 63 ? 2.219   -0.530  -3.225  1.00 29.31 ? 65  PHE A CE2 1 
ATOM   522 C  CZ  . PHE A 1 63 ? 1.941   0.817   -3.160  1.00 24.40 ? 65  PHE A CZ  1 
ATOM   523 N  N   . GLY A 1 64 ? 1.101   -2.415  -9.915  1.00 20.82 ? 66  GLY A N   1 
ATOM   524 C  CA  . GLY A 1 64 ? 1.223   -2.704  -11.349 1.00 23.80 ? 66  GLY A CA  1 
ATOM   525 C  C   . GLY A 1 64 ? 2.646   -2.991  -11.796 1.00 23.65 ? 66  GLY A C   1 
ATOM   526 O  O   . GLY A 1 64 ? 2.973   -2.888  -12.988 1.00 24.12 ? 66  GLY A O   1 
ATOM   527 N  N   . VAL A 1 65 ? 3.488   -3.421  -10.859 1.00 21.69 ? 67  VAL A N   1 
ATOM   528 C  CA  . VAL A 1 65 ? 4.871   -3.789  -11.211 1.00 21.99 ? 67  VAL A CA  1 
ATOM   529 C  C   . VAL A 1 65 ? 5.206   -5.028  -10.405 1.00 19.96 ? 67  VAL A C   1 
ATOM   530 O  O   . VAL A 1 65 ? 4.590   -5.291  -9.375  1.00 22.04 ? 67  VAL A O   1 
ATOM   531 C  CB  . VAL A 1 65 ? 5.900   -2.669  -10.952 1.00 23.01 ? 67  VAL A CB  1 
ATOM   532 C  CG1 . VAL A 1 65 ? 5.789   -1.563  -11.991 1.00 25.47 ? 67  VAL A CG1 1 
ATOM   533 C  CG2 . VAL A 1 65 ? 5.784   -2.112  -9.531  1.00 22.20 ? 67  VAL A CG2 1 
ATOM   534 N  N   . PRO A 1 66 ? 6.230   -5.812  -10.825 1.00 20.89 ? 68  PRO A N   1 
ATOM   535 C  CA  . PRO A 1 66 ? 6.643   -6.965  -10.047 1.00 19.95 ? 68  PRO A CA  1 
ATOM   536 C  C   . PRO A 1 66 ? 7.535   -6.638  -8.847  1.00 18.20 ? 68  PRO A C   1 
ATOM   537 O  O   . PRO A 1 66 ? 7.692   -7.472  -7.976  1.00 19.55 ? 68  PRO A O   1 
ATOM   538 C  CB  . PRO A 1 66 ? 7.434   -7.819  -11.061 1.00 20.57 ? 68  PRO A CB  1 
ATOM   539 C  CG  . PRO A 1 66 ? 7.879   -6.847  -12.090 1.00 22.32 ? 68  PRO A CG  1 
ATOM   540 C  CD  . PRO A 1 66 ? 6.864   -5.730  -12.155 1.00 20.92 ? 68  PRO A CD  1 
ATOM   541 N  N   . SER A 1 67 ? 8.153   -5.444  -8.877  1.00 17.60 ? 69  SER A N   1 
ATOM   542 C  CA  . SER A 1 67 ? 9.147   -5.039  -7.866  1.00 16.23 ? 69  SER A CA  1 
ATOM   543 C  C   . SER A 1 67 ? 9.187   -3.531  -7.877  1.00 15.84 ? 69  SER A C   1 
ATOM   544 O  O   . SER A 1 67 ? 8.937   -2.916  -8.914  1.00 17.60 ? 69  SER A O   1 
ATOM   545 C  CB  . SER A 1 67 ? 10.477  -5.700  -8.192  1.00 17.95 ? 69  SER A CB  1 
ATOM   546 O  OG  . SER A 1 67 ? 11.435  -5.526  -7.179  1.00 22.37 ? 69  SER A OG  1 
ATOM   547 N  N   . PHE A 1 68 ? 9.559   -2.945  -6.710  1.00 14.29 ? 70  PHE A N   1 
ATOM   548 C  CA  . PHE A 1 68 ? 9.781   -1.534  -6.618  1.00 14.45 ? 70  PHE A CA  1 
ATOM   549 C  C   . PHE A 1 68 ? 10.651  -1.227  -5.414  1.00 13.88 ? 70  PHE A C   1 
ATOM   550 O  O   . PHE A 1 68 ? 10.714  -2.000  -4.498  1.00 15.54 ? 70  PHE A O   1 
ATOM   551 C  CB  . PHE A 1 68 ? 8.464   -0.759  -6.611  1.00 14.06 ? 70  PHE A CB  1 
ATOM   552 C  CG  . PHE A 1 68 ? 7.587   -1.016  -5.418  1.00 14.39 ? 70  PHE A CG  1 
ATOM   553 C  CD1 . PHE A 1 68 ? 6.754   -2.127  -5.375  1.00 15.57 ? 70  PHE A CD1 1 
ATOM   554 C  CD2 . PHE A 1 68 ? 7.634   -0.163  -4.297  1.00 15.47 ? 70  PHE A CD2 1 
ATOM   555 C  CE1 . PHE A 1 68 ? 5.927   -2.337  -4.276  1.00 16.41 ? 70  PHE A CE1 1 
ATOM   556 C  CE2 . PHE A 1 68 ? 6.811   -0.393  -3.204  1.00 16.40 ? 70  PHE A CE2 1 
ATOM   557 C  CZ  . PHE A 1 68 ? 5.988   -1.485  -3.184  1.00 16.75 ? 70  PHE A CZ  1 
ATOM   558 N  N   . SER A 1 69 ? 11.256  -0.082  -5.461  1.00 14.26 ? 71  SER A N   1 
ATOM   559 C  CA  . SER A 1 69 ? 11.891  0.492   -4.300  1.00 14.25 ? 71  SER A CA  1 
ATOM   560 C  C   . SER A 1 69 ? 10.887  1.403   -3.617  1.00 14.21 ? 71  SER A C   1 
ATOM   561 O  O   . SER A 1 69 ? 10.190  2.148   -4.303  1.00 14.85 ? 71  SER A O   1 
ATOM   562 C  CB  . SER A 1 69 ? 13.138  1.248   -4.683  1.00 14.91 ? 71  SER A CB  1 
ATOM   563 O  OG  . SER A 1 69 ? 13.530  2.075   -3.605  1.00 16.16 ? 71  SER A OG  1 
ATOM   564 N  N   . VAL A 1 70 ? 10.953  1.463   -2.294  1.00 14.16 ? 72  VAL A N   1 
ATOM   565 C  CA  . VAL A 1 70 ? 10.035  2.368   -1.554  1.00 15.77 ? 72  VAL A CA  1 
ATOM   566 C  C   . VAL A 1 70 ? 10.468  3.810   -1.770  1.00 16.22 ? 72  VAL A C   1 
ATOM   567 O  O   . VAL A 1 70 ? 9.710   4.661   -1.398  1.00 17.12 ? 72  VAL A O   1 
ATOM   568 C  CB  . VAL A 1 70 ? 9.887   2.029   -0.066  1.00 18.47 ? 72  VAL A CB  1 
ATOM   569 C  CG1 . VAL A 1 70 ? 9.432   0.595   0.119   1.00 20.05 ? 72  VAL A CG1 1 
ATOM   570 C  CG2 . VAL A 1 70 ? 11.166  2.328   0.675   1.00 20.13 ? 72  VAL A CG2 1 
ATOM   571 N  N   . LYS A 1 71 ? 11.584  4.046   -2.458  1.00 14.62 ? 73  LYS A N   1 
ATOM   572 C  CA  . LYS A 1 71 ? 11.979  5.434   -2.829  1.00 16.52 ? 73  LYS A CA  1 
ATOM   573 C  C   . LYS A 1 71 ? 11.202  5.914   -4.067  1.00 15.40 ? 73  LYS A C   1 
ATOM   574 O  O   . LYS A 1 71 ? 11.321  7.049   -4.392  1.00 17.43 ? 73  LYS A O   1 
ATOM   575 C  CB  . LYS A 1 71 ? 13.493  5.547   -3.029  1.00 17.76 ? 73  LYS A CB  1 
ATOM   576 C  CG  . LYS A 1 71 ? 14.306  5.043   -1.846  1.00 21.77 ? 73  LYS A CG  1 
ATOM   577 C  CD  . LYS A 1 71 ? 15.661  5.634   -1.640  1.00 29.02 ? 73  LYS A CD  1 
ATOM   578 C  CE  . LYS A 1 71 ? 16.246  5.268   -0.294  1.00 33.35 ? 73  LYS A CE  1 
ATOM   579 N  NZ  . LYS A 1 71 ? 16.887  6.443   0.324   1.00 39.49 ? 73  LYS A NZ  1 
ATOM   580 N  N   . GLU A 1 72 ? 10.432  5.050   -4.731  1.00 14.70 ? 74  GLU A N   1 
ATOM   581 C  CA  . GLU A 1 72 ? 9.621   5.430   -5.919  1.00 14.26 ? 74  GLU A CA  1 
ATOM   582 C  C   . GLU A 1 72 ? 8.330   6.114   -5.437  1.00 15.96 ? 74  GLU A C   1 
ATOM   583 O  O   . GLU A 1 72 ? 7.268   5.596   -5.657  1.00 16.37 ? 74  GLU A O   1 
ATOM   584 C  CB  . GLU A 1 72 ? 9.336   4.194   -6.761  1.00 14.84 ? 74  GLU A CB  1 
ATOM   585 C  CG  . GLU A 1 72 ? 10.600  3.541   -7.273  1.00 15.34 ? 74  GLU A CG  1 
ATOM   586 C  CD  . GLU A 1 72 ? 10.365  2.315   -8.132  1.00 17.09 ? 74  GLU A CD  1 
ATOM   587 O  OE1 . GLU A 1 72 ? 9.463   2.347   -8.967  1.00 18.82 ? 74  GLU A OE1 1 
ATOM   588 O  OE2 . GLU A 1 72 ? 11.074  1.353   -7.968  1.00 17.06 ? 74  GLU A OE2 1 
ATOM   589 N  N   . HIS A 1 73 ? 8.460   7.296   -4.848  1.00 16.18 ? 75  HIS A N   1 
ATOM   590 C  CA  . HIS A 1 73 ? 7.309   8.028   -4.259  1.00 17.22 ? 75  HIS A CA  1 
ATOM   591 C  C   . HIS A 1 73 ? 6.257   8.401   -5.303  1.00 17.72 ? 75  HIS A C   1 
ATOM   592 O  O   . HIS A 1 73 ? 5.105   8.274   -4.997  1.00 17.11 ? 75  HIS A O   1 
ATOM   593 C  CB  . HIS A 1 73 ? 7.808   9.264   -3.517  1.00 19.16 ? 75  HIS A CB  1 
ATOM   594 C  CG  . HIS A 1 73 ? 8.552   8.926   -2.275  1.00 22.73 ? 75  HIS A CG  1 
ATOM   595 N  ND1 . HIS A 1 73 ? 8.736   9.835   -1.278  1.00 29.67 ? 75  HIS A ND1 1 
ATOM   596 C  CD2 . HIS A 1 73 ? 9.066   7.765   -1.835  1.00 24.53 ? 75  HIS A CD2 1 
ATOM   597 C  CE1 . HIS A 1 73 ? 9.359   9.265   -0.283  1.00 30.71 ? 75  HIS A CE1 1 
ATOM   598 N  NE2 . HIS A 1 73 ? 9.593   7.997   -0.617  1.00 28.67 ? 75  HIS A NE2 1 
ATOM   599 N  N   . ARG A 1 74 ? 6.656   8.826   -6.492  1.00 17.32 ? 76  ARG A N   1 
ATOM   600 C  CA  . ARG A 1 74 ? 5.644   9.206   -7.500  1.00 17.70 ? 76  ARG A CA  1 
ATOM   601 C  C   . ARG A 1 74 ? 4.788   7.979   -7.813  1.00 17.79 ? 76  ARG A C   1 
ATOM   602 O  O   . ARG A 1 74 ? 3.578   8.103   -7.842  1.00 17.13 ? 76  ARG A O   1 
ATOM   603 C  CB  . ARG A 1 74 ? 6.266   9.829   -8.759  1.00 20.10 ? 76  ARG A CB  1 
ATOM   604 C  CG  . ARG A 1 74 ? 5.242   10.282  -9.798  1.00 21.48 ? 76  ARG A CG  1 
ATOM   605 C  CD  . ARG A 1 74 ? 5.673   11.175  -10.970 1.00 28.27 ? 76  ARG A CD  1 
ATOM   606 N  NE  . ARG A 1 74 ? 4.570   11.601  -11.850 1.00 37.82 ? 76  ARG A NE  1 
ATOM   607 C  CZ  . ARG A 1 74 ? 4.363   12.841  -12.326 1.00 40.33 ? 76  ARG A CZ  1 
ATOM   608 N  NH1 . ARG A 1 74 ? 3.245   13.153  -12.949 1.00 48.58 ? 76  ARG A NH1 1 
ATOM   609 N  NH2 . ARG A 1 74 ? 5.295   13.763  -12.212 1.00 37.18 ? 76  ARG A NH2 1 
ATOM   610 N  N   . LYS A 1 75 ? 5.411   6.834   -8.016  1.00 15.95 ? 77  LYS A N   1 
ATOM   611 C  CA  . LYS A 1 75 ? 4.628   5.626   -8.353  1.00 16.21 ? 77  LYS A CA  1 
ATOM   612 C  C   . LYS A 1 75 ? 3.743   5.248   -7.170  1.00 15.38 ? 77  LYS A C   1 
ATOM   613 O  O   . LYS A 1 75 ? 2.609   4.948   -7.372  1.00 15.51 ? 77  LYS A O   1 
ATOM   614 C  CB  . LYS A 1 75 ? 5.568   4.457   -8.670  1.00 17.36 ? 77  LYS A CB  1 
ATOM   615 C  CG  . LYS A 1 75 ? 4.818   3.219   -9.138  1.00 20.06 ? 77  LYS A CG  1 
ATOM   616 C  CD  . LYS A 1 75 ? 5.674   2.029   -9.391  1.00 23.61 ? 77  LYS A CD  1 
ATOM   617 C  CE  . LYS A 1 75 ? 6.544   2.094   -10.631 1.00 25.12 ? 77  LYS A CE  1 
ATOM   618 N  NZ  . LYS A 1 75 ? 7.858   1.410   -10.422 1.00 32.75 ? 77  LYS A NZ  1 
ATOM   619 N  N   . ILE A 1 76 ? 4.303   5.251   -5.974  1.00 14.20 ? 78  ILE A N   1 
ATOM   620 C  CA  . ILE A 1 76 ? 3.511   4.810   -4.792  1.00 14.95 ? 78  ILE A CA  1 
ATOM   621 C  C   . ILE A 1 76 ? 2.291   5.725   -4.572  1.00 13.41 ? 78  ILE A C   1 
ATOM   622 O  O   . ILE A 1 76 ? 1.217   5.214   -4.461  1.00 13.46 ? 78  ILE A O   1 
ATOM   623 C  CB  . ILE A 1 76 ? 4.417   4.661   -3.556  1.00 14.45 ? 78  ILE A CB  1 
ATOM   624 C  CG1 . ILE A 1 76 ? 5.389   3.490   -3.749  1.00 15.80 ? 78  ILE A CG1 1 
ATOM   625 C  CG2 . ILE A 1 76 ? 3.565   4.497   -2.312  1.00 15.04 ? 78  ILE A CG2 1 
ATOM   626 C  CD1 . ILE A 1 76 ? 6.570   3.495   -2.830  1.00 17.48 ? 78  ILE A CD1 1 
ATOM   627 N  N   . TYR A 1 77 ? 2.479   7.035   -4.582  1.00 13.55 ? 79  TYR A N   1 
ATOM   628 C  CA  . TYR A 1 77 ? 1.330   7.952   -4.371  1.00 13.71 ? 79  TYR A CA  1 
ATOM   629 C  C   . TYR A 1 77 ? 0.346   7.835   -5.521  1.00 13.92 ? 79  TYR A C   1 
ATOM   630 O  O   . TYR A 1 77 ? -0.823  7.816   -5.270  1.00 14.41 ? 79  TYR A O   1 
ATOM   631 C  CB  . TYR A 1 77 ? 1.783   9.409   -4.279  1.00 15.24 ? 79  TYR A CB  1 
ATOM   632 C  CG  . TYR A 1 77 ? 2.327   9.775   -2.928  1.00 17.22 ? 79  TYR A CG  1 
ATOM   633 C  CD1 . TYR A 1 77 ? 1.509   9.913   -1.821  1.00 19.49 ? 79  TYR A CD1 1 
ATOM   634 C  CD2 . TYR A 1 77 ? 3.671   9.989   -2.772  1.00 20.02 ? 79  TYR A CD2 1 
ATOM   635 C  CE1 . TYR A 1 77 ? 2.044   10.238  -0.585  1.00 21.96 ? 79  TYR A CE1 1 
ATOM   636 C  CE2 . TYR A 1 77 ? 4.214   10.320  -1.554  1.00 23.55 ? 79  TYR A CE2 1 
ATOM   637 C  CZ  . TYR A 1 77 ? 3.406   10.403  -0.452  1.00 20.13 ? 79  TYR A CZ  1 
ATOM   638 O  OH  . TYR A 1 77 ? 4.002   10.722  0.724   1.00 27.75 ? 79  TYR A OH  1 
ATOM   639 N  N   . THR A 1 78 ? 0.850   7.743   -6.742  1.00 14.89 ? 80  THR A N   1 
ATOM   640 C  CA  . THR A 1 78 ? -0.059  7.674   -7.899  1.00 14.80 ? 80  THR A CA  1 
ATOM   641 C  C   . THR A 1 78 ? -0.937  6.429   -7.803  1.00 15.52 ? 80  THR A C   1 
ATOM   642 O  O   . THR A 1 78 ? -2.087  6.540   -8.001  1.00 16.52 ? 80  THR A O   1 
ATOM   643 C  CB  . THR A 1 78 ? 0.709   7.671   -9.225  1.00 17.64 ? 80  THR A CB  1 
ATOM   644 O  OG1 . THR A 1 78 ? 1.371   8.921   -9.318  1.00 21.47 ? 80  THR A OG1 1 
ATOM   645 C  CG2 . THR A 1 78 ? -0.216  7.550   -10.409 1.00 18.98 ? 80  THR A CG2 1 
ATOM   646 N  N   . MET A 1 79 ? -0.332  5.281   -7.567  1.00 14.59 ? 81  MET A N   1 
ATOM   647 C  CA  . MET A 1 79 ? -1.095  4.021   -7.522  1.00 15.36 ? 81  MET A CA  1 
ATOM   648 C  C   . MET A 1 79 ? -2.059  4.005   -6.333  1.00 14.51 ? 81  MET A C   1 
ATOM   649 O  O   . MET A 1 79 ? -3.130  3.510   -6.480  1.00 15.13 ? 81  MET A O   1 
ATOM   650 C  CB  . MET A 1 79 ? -0.148  2.826   -7.536  1.00 16.43 ? 81  MET A CB  1 
ATOM   651 C  CG  . MET A 1 79 ? 0.688   2.803   -8.819  1.00 19.22 ? 81  MET A CG  1 
ATOM   652 S  SD  . MET A 1 79 ? -0.190  3.006   -10.415 1.00 21.62 ? 81  MET A SD  1 
ATOM   653 C  CE  . MET A 1 79 ? -0.890  1.377   -10.638 1.00 24.88 ? 81  MET A CE  1 
ATOM   654 N  N   . ILE A 1 80 ? -1.683  4.562   -5.198  1.00 12.69 ? 82  ILE A N   1 
ATOM   655 C  CA  . ILE A 1 80 ? -2.653  4.651   -4.077  1.00 12.96 ? 82  ILE A CA  1 
ATOM   656 C  C   . ILE A 1 80 ? -3.836  5.546   -4.487  1.00 12.70 ? 82  ILE A C   1 
ATOM   657 O  O   . ILE A 1 80 ? -4.947  5.148   -4.294  1.00 12.44 ? 82  ILE A O   1 
ATOM   658 C  CB  . ILE A 1 80 ? -1.953  5.164   -2.819  1.00 14.48 ? 82  ILE A CB  1 
ATOM   659 C  CG1 . ILE A 1 80 ? -0.994  4.094   -2.295  1.00 15.51 ? 82  ILE A CG1 1 
ATOM   660 C  CG2 . ILE A 1 80 ? -2.989  5.564   -1.785  1.00 15.07 ? 82  ILE A CG2 1 
ATOM   661 C  CD1 . ILE A 1 80 ? -0.058  4.591   -1.209  1.00 16.98 ? 82  ILE A CD1 1 
ATOM   662 N  N   . TYR A 1 81 ? -3.570  6.719   -5.050  1.00 12.44 ? 83  TYR A N   1 
ATOM   663 C  CA  . TYR A 1 81 ? -4.641  7.592   -5.441  1.00 13.78 ? 83  TYR A CA  1 
ATOM   664 C  C   . TYR A 1 81 ? -5.532  6.991   -6.523  1.00 14.42 ? 83  TYR A C   1 
ATOM   665 O  O   . TYR A 1 81 ? -6.738  7.269   -6.553  1.00 16.01 ? 83  TYR A O   1 
ATOM   666 C  CB  . TYR A 1 81 ? -4.130  8.977   -5.872  1.00 13.50 ? 83  TYR A CB  1 
ATOM   667 C  CG  . TYR A 1 81 ? -4.038  9.994   -4.772  1.00 12.75 ? 83  TYR A CG  1 
ATOM   668 C  CD1 . TYR A 1 81 ? -5.187  10.495  -4.229  1.00 13.40 ? 83  TYR A CD1 1 
ATOM   669 C  CD2 . TYR A 1 81 ? -2.837  10.485  -4.282  1.00 15.84 ? 83  TYR A CD2 1 
ATOM   670 C  CE1 . TYR A 1 81 ? -5.174  11.427  -3.214  1.00 16.32 ? 83  TYR A CE1 1 
ATOM   671 C  CE2 . TYR A 1 81 ? -2.806  11.439  -3.267  1.00 16.06 ? 83  TYR A CE2 1 
ATOM   672 C  CZ  . TYR A 1 81 ? -3.980  11.888  -2.733  1.00 15.39 ? 83  TYR A CZ  1 
ATOM   673 O  OH  . TYR A 1 81 ? -3.889  12.786  -1.699  1.00 17.38 ? 83  TYR A OH  1 
ATOM   674 N  N   . ARG A 1 82 ? -5.038  6.141   -7.383  1.00 13.87 ? 84  ARG A N   1 
ATOM   675 C  CA  . ARG A 1 82 ? -5.848  5.485   -8.391  1.00 15.51 ? 84  ARG A CA  1 
ATOM   676 C  C   . ARG A 1 82 ? -6.815  4.514   -7.704  1.00 15.45 ? 84  ARG A C   1 
ATOM   677 O  O   . ARG A 1 82 ? -7.777  4.048   -8.315  1.00 18.15 ? 84  ARG A O   1 
ATOM   678 C  CB  . ARG A 1 82 ? -4.925  4.710   -9.349  1.00 16.38 ? 84  ARG A CB  1 
ATOM   679 C  CG  . ARG A 1 82 ? -4.211  5.576   -10.372 1.00 16.53 ? 84  ARG A CG  1 
ATOM   680 C  CD  . ARG A 1 82 ? -3.671  4.711   -11.479 1.00 19.07 ? 84  ARG A CD  1 
ATOM   681 N  NE  . ARG A 1 82 ? -2.746  5.465   -12.322 1.00 19.29 ? 84  ARG A NE  1 
ATOM   682 C  CZ  . ARG A 1 82 ? -1.942  4.902   -13.225 1.00 20.81 ? 84  ARG A CZ  1 
ATOM   683 N  NH1 . ARG A 1 82 ? -2.026  3.606   -13.450 1.00 22.19 ? 84  ARG A NH1 1 
ATOM   684 N  NH2 . ARG A 1 82 ? -1.031  5.613   -13.858 1.00 21.95 ? 84  ARG A NH2 1 
ATOM   685 N  N   . ASN A 1 83 ? -6.567  4.122   -6.465  1.00 13.71 ? 85  ASN A N   1 
ATOM   686 C  CA  . ASN A 1 83 ? -7.271  3.085   -5.731  1.00 14.75 ? 85  ASN A CA  1 
ATOM   687 C  C   . ASN A 1 83 ? -8.062  3.613   -4.555  1.00 12.22 ? 85  ASN A C   1 
ATOM   688 O  O   . ASN A 1 83 ? -8.355  2.862   -3.632  1.00 14.02 ? 85  ASN A O   1 
ATOM   689 C  CB  . ASN A 1 83 ? -6.310  1.970   -5.313  1.00 14.53 ? 85  ASN A CB  1 
ATOM   690 C  CG  . ASN A 1 83 ? -5.957  1.120   -6.491  1.00 15.73 ? 85  ASN A CG  1 
ATOM   691 O  OD1 . ASN A 1 83 ? -6.729  0.234   -6.817  1.00 18.17 ? 85  ASN A OD1 1 
ATOM   692 N  ND2 . ASN A 1 83 ? -4.873  1.387   -7.157  1.00 17.28 ? 85  ASN A ND2 1 
ATOM   693 N  N   . LEU A 1 84 ? -8.500  4.838   -4.657  1.00 13.84 ? 86  LEU A N   1 
ATOM   694 C  CA  . LEU A 1 84 ? -9.364  5.416   -3.640  1.00 14.02 ? 86  LEU A CA  1 
ATOM   695 C  C   . LEU A 1 84 ? -10.151 6.584   -4.185  1.00 13.84 ? 86  LEU A C   1 
ATOM   696 O  O   . LEU A 1 84 ? -9.933  7.002   -5.311  1.00 15.17 ? 86  LEU A O   1 
ATOM   697 C  CB  . LEU A 1 84 ? -8.520  5.956   -2.497  1.00 15.13 ? 86  LEU A CB  1 
ATOM   698 C  CG  . LEU A 1 84 ? -7.551  7.109   -2.833  1.00 17.09 ? 86  LEU A CG  1 
ATOM   699 C  CD1 . LEU A 1 84 ? -8.244  8.464   -2.896  1.00 16.62 ? 86  LEU A CD1 1 
ATOM   700 C  CD2 . LEU A 1 84 ? -6.355  7.146   -1.851  1.00 18.56 ? 86  LEU A CD2 1 
ATOM   701 N  N   . VAL A 1 85 ? -11.098 7.014   -3.380  1.00 13.29 ? 87  VAL A N   1 
ATOM   702 C  CA  . VAL A 1 85 ? -11.844 8.270   -3.634  1.00 14.00 ? 87  VAL A CA  1 
ATOM   703 C  C   . VAL A 1 85 ? -11.716 9.164   -2.409  1.00 14.53 ? 87  VAL A C   1 
ATOM   704 O  O   . VAL A 1 85 ? -11.565 8.677   -1.316  1.00 14.02 ? 87  VAL A O   1 
ATOM   705 C  CB  . VAL A 1 85 ? -13.315 8.040   -3.998  1.00 16.06 ? 87  VAL A CB  1 
ATOM   706 C  CG1 . VAL A 1 85 ? -13.443 7.237   -5.276  1.00 18.30 ? 87  VAL A CG1 1 
ATOM   707 C  CG2 . VAL A 1 85 ? -14.106 7.463   -2.842  1.00 16.43 ? 87  VAL A CG2 1 
ATOM   708 N  N   . VAL A 1 86 ? -11.756 10.455  -2.652  1.00 15.18 ? 88  VAL A N   1 
ATOM   709 C  CA  . VAL A 1 86 ? -11.668 11.431  -1.544  1.00 16.26 ? 88  VAL A CA  1 
ATOM   710 C  C   . VAL A 1 86 ? -13.060 11.576  -0.914  1.00 16.40 ? 88  VAL A C   1 
ATOM   711 O  O   . VAL A 1 86 ? -14.014 11.568  -1.637  1.00 21.33 ? 88  VAL A O   1 
ATOM   712 C  CB  . VAL A 1 86 ? -11.129 12.751  -2.120  1.00 19.97 ? 88  VAL A CB  1 
ATOM   713 C  CG1 . VAL A 1 86 ? -11.305 13.908  -1.172  1.00 21.23 ? 88  VAL A CG1 1 
ATOM   714 C  CG2 . VAL A 1 86 ? -9.680  12.568  -2.530  1.00 19.63 ? 88  VAL A CG2 1 
ATOM   715 N  N   . VAL A 1 87 ? -13.127 11.741  0.394   1.00 17.66 ? 89  VAL A N   1 
ATOM   716 C  CA  . VAL A 1 87 ? -14.417 11.886  1.119   1.00 20.95 ? 89  VAL A CA  1 
ATOM   717 C  C   . VAL A 1 87 ? -14.583 13.289  1.720   1.00 23.49 ? 89  VAL A C   1 
ATOM   718 O  O   . VAL A 1 87 ? -15.691 13.771  1.783   1.00 30.23 ? 89  VAL A O   1 
ATOM   719 C  CB  . VAL A 1 87 ? -14.409 10.917  2.309   1.00 23.73 ? 89  VAL A CB  1 
ATOM   720 C  CG1 . VAL A 1 87 ? -15.685 11.023  3.110   1.00 26.91 ? 89  VAL A CG1 1 
ATOM   721 C  CG2 . VAL A 1 87 ? -14.152 9.500   1.884   1.00 23.20 ? 89  VAL A CG2 1 
HETATM 722 O  O3  . NUT B 2 .  ? 6.535   1.126   6.104   1.00 18.93 ? 101 NUT A O3  1 
HETATM 723 C  C25 . NUT B 2 .  ? 7.624   1.638   6.145   1.00 18.02 ? 101 NUT A C25 1 
HETATM 724 N  N2  . NUT B 2 .  ? 8.455   1.331   7.154   1.00 21.95 ? 101 NUT A N2  1 
HETATM 725 C  C29 . NUT B 2 .  ? 8.131   0.165   7.979   1.00 21.90 ? 101 NUT A C29 1 
HETATM 726 C  C28 . NUT B 2 .  ? 9.283   -0.416  8.717   1.00 24.81 ? 101 NUT A C28 1 
HETATM 727 O  O2  . NUT B 2 .  ? 9.110   -1.479  9.365   1.00 28.70 ? 101 NUT A O2  1 
HETATM 728 N  N3  . NUT B 2 .  ? 10.427  0.207   8.684   1.00 24.93 ? 101 NUT A N3  1 
HETATM 729 C  C27 . NUT B 2 .  ? 10.732  1.510   8.113   1.00 24.76 ? 101 NUT A C27 1 
HETATM 730 C  C26 . NUT B 2 .  ? 9.456   2.243   7.744   1.00 24.35 ? 101 NUT A C26 1 
HETATM 731 N  N1  . NUT B 2 .  ? 7.948   2.524   5.150   1.00 19.01 ? 101 NUT A N1  1 
HETATM 732 C  C10 . NUT B 2 .  ? 9.184   2.943   4.568   1.00 18.68 ? 101 NUT A C10 1 
HETATM 733 C  C9  . NUT B 2 .  ? 10.449  2.194   4.693   1.00 20.34 ? 101 NUT A C9  1 
HETATM 734 C  C3  . NUT B 2 .  ? 11.616  2.902   4.969   1.00 25.26 ? 101 NUT A C3  1 
HETATM 735 C  C2  . NUT B 2 .  ? 12.821  2.233   5.102   1.00 26.38 ? 101 NUT A C2  1 
HETATM 736 C  C5  . NUT B 2 .  ? 10.516  0.820   4.487   1.00 18.71 ? 101 NUT A C5  1 
HETATM 737 O  O1  . NUT B 2 .  ? 9.362   0.205   4.164   1.00 18.02 ? 101 NUT A O1  1 
HETATM 738 C  C6  . NUT B 2 .  ? 9.287   -1.224  4.151   1.00 17.24 ? 101 NUT A C6  1 
HETATM 739 C  C8  . NUT B 2 .  ? 9.748   -1.697  2.792   1.00 18.36 ? 101 NUT A C8  1 
HETATM 740 C  C7  . NUT B 2 .  ? 7.869   -1.635  4.410   1.00 17.62 ? 101 NUT A C7  1 
HETATM 741 C  C4  . NUT B 2 .  ? 11.740  0.146   4.578   1.00 22.90 ? 101 NUT A C4  1 
HETATM 742 C  C1  . NUT B 2 .  ? 12.879  0.863   4.888   1.00 25.30 ? 101 NUT A C1  1 
HETATM 743 O  O   . NUT B 2 .  ? 14.030  0.107   4.956   1.00 27.70 ? 101 NUT A O   1 
HETATM 744 C  C   . NUT B 2 .  ? 15.266  0.799   5.150   1.00 32.26 ? 101 NUT A C   1 
HETATM 745 C  C18 . NUT B 2 .  ? 6.870   3.312   4.509   1.00 17.94 ? 101 NUT A C18 1 
HETATM 746 C  C19 . NUT B 2 .  ? 6.150   2.658   3.354   1.00 15.77 ? 101 NUT A C19 1 
HETATM 747 C  C24 . NUT B 2 .  ? 6.780   1.697   2.576   1.00 17.01 ? 101 NUT A C24 1 
HETATM 748 C  C23 . NUT B 2 .  ? 6.141   1.150   1.469   1.00 15.33 ? 101 NUT A C23 1 
HETATM 749 C  C22 . NUT B 2 .  ? 4.865   1.552   1.165   1.00 15.56 ? 101 NUT A C22 1 
HETATM 750 CL CL1 . NUT B 2 .  ? 4.092   0.930   -0.261  1.00 17.46 ? 101 NUT A CL1 1 
HETATM 751 C  C21 . NUT B 2 .  ? 4.227   2.510   1.919   1.00 16.92 ? 101 NUT A C21 1 
HETATM 752 C  C20 . NUT B 2 .  ? 4.855   3.031   3.025   1.00 17.03 ? 101 NUT A C20 1 
HETATM 753 C  C11 . NUT B 2 .  ? 7.739   4.544   4.114   1.00 20.00 ? 101 NUT A C11 1 
HETATM 754 N  N   . NUT B 2 .  ? 9.095   4.014   3.886   1.00 20.29 ? 101 NUT A N   1 
HETATM 755 C  C12 . NUT B 2 .  ? 7.205   5.276   2.910   1.00 18.08 ? 101 NUT A C12 1 
HETATM 756 C  C17 . NUT B 2 .  ? 7.606   4.935   1.631   1.00 20.31 ? 101 NUT A C17 1 
HETATM 757 C  C16 . NUT B 2 .  ? 7.093   5.583   0.527   1.00 19.90 ? 101 NUT A C16 1 
HETATM 758 C  C15 . NUT B 2 .  ? 6.176   6.595   0.699   1.00 20.79 ? 101 NUT A C15 1 
HETATM 759 CL CL  . NUT B 2 .  ? 5.494   7.389   -0.703  1.00 24.40 ? 101 NUT A CL  1 
HETATM 760 C  C14 . NUT B 2 .  ? 5.776   6.972   1.972   1.00 20.94 ? 101 NUT A C14 1 
HETATM 761 C  C13 . NUT B 2 .  ? 6.266   6.293   3.063   1.00 22.48 ? 101 NUT A C13 1 
HETATM 762 O  O   . HOH C 3 .  ? -8.241  9.455   -6.359  1.00 30.00 ? 201 HOH A O   1 
HETATM 763 O  O   . HOH C 3 .  ? -4.706  12.494  4.108   1.00 30.00 ? 202 HOH A O   1 
HETATM 764 O  O   . HOH C 3 .  ? 16.159  2.712   -3.955  1.00 30.00 ? 203 HOH A O   1 
HETATM 765 O  O   . HOH C 3 .  ? -8.746  8.425   9.969   1.00 30.00 ? 204 HOH A O   1 
HETATM 766 O  O   . HOH C 3 .  ? -12.460 -5.333  -0.147  1.00 30.00 ? 205 HOH A O   1 
HETATM 767 O  O   . HOH C 3 .  ? -3.995  5.033   12.397  1.00 30.00 ? 206 HOH A O   1 
HETATM 768 O  O   . HOH C 3 .  ? 10.465  -2.526  -11.163 1.00 30.00 ? 207 HOH A O   1 
HETATM 769 O  O   . HOH C 3 .  ? -8.251  -0.942  -4.853  1.00 30.00 ? 208 HOH A O   1 
HETATM 770 O  O   . HOH C 3 .  ? -2.854  10.930  9.581   1.00 30.00 ? 209 HOH A O   1 
HETATM 771 O  O   . HOH C 3 .  ? -13.346 1.863   1.824   1.00 30.00 ? 210 HOH A O   1 
HETATM 772 O  O   . HOH C 3 .  ? -17.838 12.243  0.842   1.00 30.00 ? 211 HOH A O   1 
HETATM 773 O  O   . HOH C 3 .  ? -14.796 12.001  -4.299  1.00 30.00 ? 212 HOH A O   1 
HETATM 774 O  O   . HOH C 3 .  ? 4.551   1.054   8.264   1.00 30.00 ? 213 HOH A O   1 
HETATM 775 O  O   . HOH C 3 .  ? 7.164   -1.949  11.353  1.00 30.00 ? 214 HOH A O   1 
HETATM 776 O  O   . HOH C 3 .  ? -8.681  -8.491  4.143   1.00 30.00 ? 215 HOH A O   1 
HETATM 777 O  O   . HOH C 3 .  ? -1.667  -11.955 -2.457  1.00 30.00 ? 216 HOH A O   1 
HETATM 778 O  O   . HOH C 3 .  ? -3.918  -0.240  -9.425  1.00 30.00 ? 217 HOH A O   1 
HETATM 779 O  O   . HOH C 3 .  ? -11.524 14.909  3.611   1.00 30.00 ? 218 HOH A O   1 
HETATM 780 O  O   . HOH C 3 .  ? -4.263  16.074  4.136   1.00 30.00 ? 219 HOH A O   1 
HETATM 781 O  O   . HOH C 3 .  ? -9.550  6.678   -8.155  1.00 30.00 ? 220 HOH A O   1 
HETATM 782 O  O   . HOH C 3 .  ? -14.035 -0.532  -1.038  1.00 30.00 ? 221 HOH A O   1 
HETATM 783 O  O   . HOH C 3 .  ? -3.766  1.396   -12.615 1.00 30.00 ? 222 HOH A O   1 
HETATM 784 O  O   . HOH C 3 .  ? 2.793   7.094   7.159   1.00 30.00 ? 223 HOH A O   1 
HETATM 785 O  O   . HOH C 3 .  ? 1.067   -4.737  11.750  1.00 30.00 ? 224 HOH A O   1 
HETATM 786 O  O   . HOH C 3 .  ? 18.533  -1.941  4.545   1.00 30.00 ? 225 HOH A O   1 
HETATM 787 O  O   . HOH C 3 .  ? -12.166 11.146  -5.527  1.00 30.00 ? 226 HOH A O   1 
HETATM 788 O  O   . HOH C 3 .  ? 8.666   7.437   -8.220  1.00 30.00 ? 227 HOH A O   1 
HETATM 789 O  O   . HOH C 3 .  ? -10.298 -2.382  -6.355  1.00 30.00 ? 228 HOH A O   1 
HETATM 790 O  O   . HOH C 3 .  ? 9.285   0.440   -12.979 1.00 30.00 ? 229 HOH A O   1 
HETATM 791 O  O   . HOH C 3 .  ? -2.506  12.163  5.753   1.00 30.00 ? 230 HOH A O   1 
HETATM 792 O  O   . HOH C 3 .  ? 11.066  8.634   -7.277  1.00 30.00 ? 231 HOH A O   1 
HETATM 793 O  O   . HOH C 3 .  ? 5.855   3.477   8.928   1.00 30.00 ? 232 HOH A O   1 
HETATM 794 O  O   . HOH C 3 .  ? -12.220 -5.460  2.692   1.00 30.00 ? 233 HOH A O   1 
HETATM 795 O  O   . HOH C 3 .  ? 4.880   5.343   6.607   1.00 30.00 ? 234 HOH A O   1 
HETATM 796 O  O   . HOH C 3 .  ? -0.938  13.662  4.096   1.00 30.00 ? 235 HOH A O   1 
HETATM 797 O  O   . HOH C 3 .  ? -11.314 -7.830  3.604   1.00 30.00 ? 236 HOH A O   1 
# 
